data_2Y8N
#
_entry.id   2Y8N
#
_cell.length_a   132.280
_cell.length_b   227.760
_cell.length_c   148.010
_cell.angle_alpha   90.00
_cell.angle_beta   90.00
_cell.angle_gamma   90.00
#
_symmetry.space_group_name_H-M   'C 2 2 21'
#
loop_
_entity.id
_entity.type
_entity.pdbx_description
1 polymer '4-HYDROXYPHENYLACETATE DECARBOXYLASE LARGE SUBUNIT'
2 polymer '4-HYDROXYPHENYLACETATE DECARBOXYLASE SMALL SUBUNIT'
3 non-polymer 'IRON/SULFUR CLUSTER'
4 water water
#
loop_
_entity_poly.entity_id
_entity_poly.type
_entity_poly.pdbx_seq_one_letter_code
_entity_poly.pdbx_strand_id
1 'polypeptide(L)'
;MNVKETKLEDVLKSRGIDMKDAYNISEADIPEAKESTQKLMDIYYTLKVTADMEAAYWYNRTWWENDGEVIEVRRAKAVA
ASLSHMTPTILPYEKLVMNKTKNVRGAFPFPWVCASFFNAQAEALMNEVDAPAENEADSVSVVGAGGGNVTESYGNVISI
AKKFGMRKEEIPVLVKTSKPWEGISVEELSNKYSKMTPGYDQFKNIMESVICMFDSFAIPQGREVINYYMPLQYGFDGII
KLCDEKIAEVMGEAGDDGDFGMSRGYYYAAMKEITKGLSAWCENYSKRAKYLASIETDSEIKANYEKIEEVMGNIAHKKP
ANFWEAIQMTLCCHFGVVNEDPQSGLSIGRLGQVLQPFYEKDVEDGIMTDEEVIELLELYRIKITCIECFASAGVSGGVL
SGNTFNNLSLGGQNYDGLSAVTPLEYLIVEAGMRNQTPQPTLSVLYDEKTPEDFLMKAASCTKLGLGYPAWMNNQTGMNF
MMRNYGPEGMDLHDARAWCLGGCLESAPGCFLPLEYNGKVTMIPGGASPTCGTGVHFIGMPKVLELVLTNGLDKRTGKQV
YPPHNKKLDSYETMVNQWKEYMELTTDVVNRCNNIQMDIWRKYNMPAVNSLLKPDCFKKGKHIGTMGARYNSCINFESCG
TITFVNSLSSIKKNVFDDSKFTIEEMTDAMLNNFGFKTAYETEVFSPDFRESTDKSTKYEKIFAACVNAPKYGNADKYAD
EIFKAYHYYIYDMTHKFRSYYGKPLYLCQISVSTHGPQGFVTLATADGRLAGTTYSDGSVSAAAGTDKNGIYAIFESATV
YDHSMHQNAQMNLKLHPTAVKGINGTRKLLDLVRAYMRKGGFHVQFNVVDSKTLRDAQLTPEKYRELMVRVAGFTQYWCE
IGKPIQDEVIYRTEYDK
;
A,C
2 'polypeptide(L)'
;MRHYDCKNYINLDCEKGLCALTKGMVPIDGEGSEACPNFKPAEKCGNCKNFCNPDKYGLGTCTGLEKENWAYATCGASAC
PSYKAE
;
B,D
#
# COMPACT_ATOMS: atom_id res chain seq x y z
N ASP A 29 2.54 5.65 -58.92
CA ASP A 29 3.32 6.62 -58.16
C ASP A 29 2.66 7.01 -56.85
N ILE A 30 3.48 7.34 -55.86
CA ILE A 30 2.97 7.75 -54.55
C ILE A 30 2.65 9.23 -54.52
N PRO A 31 1.39 9.57 -54.25
CA PRO A 31 1.01 10.98 -54.16
C PRO A 31 1.91 11.69 -53.17
N GLU A 32 2.18 12.97 -53.38
CA GLU A 32 3.07 13.66 -52.46
C GLU A 32 2.32 13.96 -51.15
N ALA A 33 3.08 14.16 -50.08
CA ALA A 33 2.50 14.41 -48.77
C ALA A 33 1.81 15.76 -48.79
N LYS A 34 0.85 15.95 -47.88
CA LYS A 34 0.13 17.23 -47.76
C LYS A 34 1.10 18.38 -47.45
N GLU A 35 0.67 19.62 -47.69
CA GLU A 35 1.52 20.77 -47.40
C GLU A 35 1.88 20.83 -45.93
N SER A 36 0.87 20.70 -45.06
CA SER A 36 1.09 20.68 -43.62
C SER A 36 2.18 19.68 -43.25
N THR A 37 1.97 18.43 -43.68
CA THR A 37 2.93 17.36 -43.43
C THR A 37 4.33 17.76 -43.89
N GLN A 38 4.44 18.25 -45.11
CA GLN A 38 5.75 18.59 -45.66
C GLN A 38 6.41 19.69 -44.84
N LYS A 39 5.66 20.71 -44.46
CA LYS A 39 6.24 21.80 -43.71
C LYS A 39 6.65 21.33 -42.33
N LEU A 40 5.82 20.50 -41.73
CA LEU A 40 6.10 20.02 -40.38
C LEU A 40 7.28 19.07 -40.38
N MET A 41 7.43 18.29 -41.44
CA MET A 41 8.59 17.41 -41.53
C MET A 41 9.86 18.25 -41.75
N ASP A 42 9.76 19.33 -42.52
CA ASP A 42 10.91 20.21 -42.70
C ASP A 42 11.42 20.67 -41.33
N ILE A 43 10.48 21.09 -40.48
CA ILE A 43 10.83 21.50 -39.13
C ILE A 43 11.33 20.31 -38.31
N TYR A 44 10.65 19.18 -38.44
CA TYR A 44 11.04 17.96 -37.74
C TYR A 44 12.52 17.60 -37.88
N TYR A 45 13.03 17.60 -39.10
CA TYR A 45 14.40 17.12 -39.33
C TYR A 45 15.45 17.96 -38.61
N THR A 46 15.11 19.20 -38.24
CA THR A 46 16.08 20.08 -37.58
C THR A 46 16.06 19.96 -36.06
N LEU A 47 15.09 19.23 -35.54
CA LEU A 47 14.84 19.24 -34.11
C LEU A 47 15.87 18.45 -33.30
N LYS A 48 16.12 18.90 -32.09
CA LYS A 48 16.96 18.14 -31.16
C LYS A 48 16.09 17.43 -30.12
N VAL A 49 16.45 16.19 -29.82
CA VAL A 49 15.87 15.44 -28.73
C VAL A 49 16.16 16.20 -27.44
N THR A 50 15.11 16.61 -26.76
CA THR A 50 15.23 17.52 -25.63
C THR A 50 14.55 16.99 -24.37
N ALA A 51 15.29 16.94 -23.26
CA ALA A 51 14.71 16.66 -21.96
C ALA A 51 14.51 17.97 -21.23
N ASP A 52 13.33 18.17 -20.65
CA ASP A 52 13.11 19.30 -19.75
C ASP A 52 12.48 18.80 -18.46
N MET A 53 12.07 19.73 -17.61
CA MET A 53 11.76 19.38 -16.22
C MET A 53 10.32 19.60 -15.80
N GLU A 54 9.54 20.25 -16.67
CA GLU A 54 8.19 20.69 -16.26
C GLU A 54 7.37 19.54 -15.67
N ALA A 55 7.16 18.50 -16.46
CA ALA A 55 6.37 17.36 -15.99
C ALA A 55 6.97 16.78 -14.71
N ALA A 56 8.29 16.60 -14.69
CA ALA A 56 8.95 16.04 -13.50
C ALA A 56 8.82 16.95 -12.28
N TYR A 57 8.99 18.25 -12.49
CA TYR A 57 8.83 19.19 -11.40
C TYR A 57 7.43 19.06 -10.80
N TRP A 58 6.44 19.08 -11.68
CA TRP A 58 5.06 19.02 -11.23
C TRP A 58 4.69 17.69 -10.60
N TYR A 59 5.18 16.59 -11.17
CA TYR A 59 4.89 15.28 -10.56
C TYR A 59 5.45 15.27 -9.15
N ASN A 60 6.72 15.63 -9.06
CA ASN A 60 7.38 15.65 -7.77
C ASN A 60 6.67 16.54 -6.76
N ARG A 61 6.34 17.76 -7.17
CA ARG A 61 5.77 18.69 -6.21
C ARG A 61 4.44 18.15 -5.69
N THR A 62 3.56 17.77 -6.60
CA THR A 62 2.24 17.25 -6.25
C THR A 62 2.31 15.96 -5.42
N TRP A 63 3.20 15.06 -5.80
CA TRP A 63 3.43 13.86 -5.00
C TRP A 63 3.67 14.19 -3.55
N TRP A 64 4.68 15.02 -3.28
CA TRP A 64 5.06 15.32 -1.91
C TRP A 64 4.03 16.22 -1.21
N GLU A 65 3.39 17.09 -1.96
CA GLU A 65 2.35 17.89 -1.34
C GLU A 65 1.23 17.00 -0.81
N ASN A 66 1.05 15.85 -1.45
CA ASN A 66 0.02 14.91 -1.02
C ASN A 66 0.58 13.76 -0.19
N ASP A 67 1.70 13.98 0.48
CA ASP A 67 2.31 12.94 1.30
C ASP A 67 1.33 12.53 2.39
N GLY A 68 0.99 11.23 2.43
CA GLY A 68 0.03 10.72 3.39
C GLY A 68 -1.32 10.38 2.76
N GLU A 69 -1.51 10.80 1.51
CA GLU A 69 -2.74 10.50 0.77
C GLU A 69 -2.73 9.02 0.37
N VAL A 70 -3.90 8.40 0.24
CA VAL A 70 -3.92 7.00 -0.17
C VAL A 70 -3.21 6.92 -1.51
N ILE A 71 -2.39 5.89 -1.65
CA ILE A 71 -1.41 5.84 -2.71
C ILE A 71 -1.98 6.01 -4.10
N GLU A 72 -3.10 5.36 -4.37
CA GLU A 72 -3.72 5.41 -5.69
C GLU A 72 -4.09 6.82 -6.10
N VAL A 73 -4.68 7.55 -5.16
CA VAL A 73 -5.10 8.94 -5.38
C VAL A 73 -3.91 9.89 -5.47
N ARG A 74 -2.96 9.72 -4.54
CA ARG A 74 -1.73 10.50 -4.53
C ARG A 74 -1.03 10.38 -5.88
N ARG A 75 -1.00 9.15 -6.38
CA ARG A 75 -0.36 8.85 -7.63
C ARG A 75 -1.10 9.50 -8.80
N ALA A 76 -2.42 9.32 -8.84
CA ALA A 76 -3.24 9.88 -9.91
C ALA A 76 -3.17 11.42 -9.90
N LYS A 77 -3.21 11.99 -8.71
CA LYS A 77 -3.14 13.45 -8.59
C LYS A 77 -1.83 13.97 -9.12
N ALA A 78 -0.75 13.26 -8.82
CA ALA A 78 0.57 13.66 -9.26
C ALA A 78 0.74 13.59 -10.78
N VAL A 79 0.35 12.46 -11.37
CA VAL A 79 0.33 12.32 -12.81
C VAL A 79 -0.59 13.37 -13.43
N ALA A 80 -1.72 13.63 -12.80
CA ALA A 80 -2.68 14.62 -13.29
C ALA A 80 -2.03 15.99 -13.40
N ALA A 81 -1.29 16.36 -12.35
CA ALA A 81 -0.61 17.65 -12.28
C ALA A 81 0.56 17.72 -13.26
N SER A 82 1.30 16.63 -13.39
CA SER A 82 2.43 16.63 -14.30
C SER A 82 1.97 16.78 -15.74
N LEU A 83 0.73 16.39 -16.03
CA LEU A 83 0.21 16.59 -17.37
C LEU A 83 -0.39 17.98 -17.53
N SER A 84 -1.34 18.29 -16.65
CA SER A 84 -2.19 19.48 -16.83
C SER A 84 -1.54 20.79 -16.38
N HIS A 85 -0.33 20.73 -15.84
CA HIS A 85 0.39 21.96 -15.52
C HIS A 85 1.55 22.20 -16.49
N MET A 86 1.77 21.29 -17.42
CA MET A 86 2.79 21.53 -18.44
C MET A 86 2.39 22.67 -19.39
N THR A 87 3.40 23.31 -19.98
CA THR A 87 3.19 24.21 -21.09
C THR A 87 2.78 23.42 -22.31
N PRO A 88 1.57 23.67 -22.84
CA PRO A 88 1.09 22.99 -24.04
C PRO A 88 1.70 23.61 -25.29
N THR A 89 2.20 22.80 -26.20
CA THR A 89 2.77 23.35 -27.41
C THR A 89 2.00 22.99 -28.66
N ILE A 90 1.71 24.04 -29.43
CA ILE A 90 1.10 23.87 -30.73
C ILE A 90 1.95 24.56 -31.79
N LEU A 91 2.18 23.88 -32.90
CA LEU A 91 2.96 24.42 -34.00
C LEU A 91 2.05 24.93 -35.11
N PRO A 92 2.52 25.94 -35.86
CA PRO A 92 1.79 26.33 -37.07
C PRO A 92 1.68 25.15 -38.02
N TYR A 93 0.57 25.03 -38.72
CA TYR A 93 0.38 23.98 -39.73
C TYR A 93 -0.16 22.67 -39.17
N GLU A 94 0.01 22.45 -37.86
CA GLU A 94 -0.50 21.27 -37.22
C GLU A 94 -2.02 21.27 -37.27
N LYS A 95 -2.57 20.08 -37.46
CA LYS A 95 -4.00 19.86 -37.29
C LYS A 95 -4.17 19.03 -36.01
N LEU A 96 -3.58 17.85 -36.00
CA LEU A 96 -3.50 17.05 -34.77
C LEU A 96 -2.44 17.66 -33.89
N VAL A 97 -2.71 17.76 -32.59
CA VAL A 97 -1.78 18.41 -31.68
C VAL A 97 -1.48 17.55 -30.44
N MET A 98 -0.73 18.14 -29.51
CA MET A 98 -0.20 17.50 -28.30
C MET A 98 1.19 16.92 -28.52
N ASN A 99 1.99 16.95 -27.46
CA ASN A 99 3.31 16.32 -27.46
C ASN A 99 3.53 15.82 -26.03
N LYS A 100 4.54 14.98 -25.81
CA LYS A 100 4.81 14.57 -24.44
C LYS A 100 5.05 15.81 -23.58
N THR A 101 5.88 16.72 -24.08
CA THR A 101 6.26 17.90 -23.29
C THR A 101 6.02 19.18 -24.07
N LYS A 102 6.53 20.30 -23.56
CA LYS A 102 6.45 21.54 -24.33
C LYS A 102 7.32 21.45 -25.57
N ASN A 103 8.29 20.55 -25.58
CA ASN A 103 9.18 20.42 -26.74
C ASN A 103 8.64 19.43 -27.73
N VAL A 104 9.13 19.47 -28.97
CA VAL A 104 8.58 18.57 -29.98
C VAL A 104 9.10 17.13 -29.86
N ARG A 105 10.41 16.96 -29.83
CA ARG A 105 10.97 15.64 -29.55
C ARG A 105 11.35 15.59 -28.08
N GLY A 106 10.34 15.70 -27.22
CA GLY A 106 10.58 15.96 -25.82
C GLY A 106 10.31 14.80 -24.87
N ALA A 107 10.95 14.86 -23.71
CA ALA A 107 10.75 13.88 -22.65
C ALA A 107 11.26 14.50 -21.37
N PHE A 108 11.10 13.79 -20.28
CA PHE A 108 11.51 14.29 -18.99
C PHE A 108 11.91 13.13 -18.07
N PRO A 109 12.66 13.43 -17.02
CA PRO A 109 13.09 12.32 -16.16
C PRO A 109 12.02 11.90 -15.16
N PHE A 110 12.15 10.66 -14.68
CA PHE A 110 11.25 10.09 -13.69
C PHE A 110 12.10 9.66 -12.49
N PRO A 111 12.64 10.61 -11.72
CA PRO A 111 13.57 10.19 -10.67
C PRO A 111 12.92 9.29 -9.61
N TRP A 112 11.59 9.28 -9.55
CA TRP A 112 10.89 8.42 -8.59
C TRP A 112 10.90 6.95 -9.04
N VAL A 113 11.12 6.72 -10.34
CA VAL A 113 11.34 5.38 -10.86
C VAL A 113 12.85 5.05 -10.87
N CYS A 114 13.63 5.82 -11.61
CA CYS A 114 15.08 5.64 -11.57
C CYS A 114 15.81 6.93 -11.92
N ALA A 115 16.98 7.11 -11.32
CA ALA A 115 17.70 8.37 -11.52
C ALA A 115 19.20 8.19 -11.54
N SER A 116 19.69 6.99 -11.28
CA SER A 116 21.13 6.83 -11.07
C SER A 116 21.92 7.12 -12.34
N PHE A 117 21.27 6.92 -13.49
CA PHE A 117 21.95 7.13 -14.78
C PHE A 117 22.14 8.59 -15.15
N PHE A 118 21.55 9.50 -14.36
CA PHE A 118 21.77 10.94 -14.57
C PHE A 118 22.10 11.73 -13.29
N ASN A 119 21.67 11.26 -12.12
CA ASN A 119 21.76 12.13 -10.95
C ASN A 119 23.19 12.42 -10.50
N ALA A 120 24.09 11.47 -10.70
CA ALA A 120 25.50 11.69 -10.43
C ALA A 120 26.10 12.62 -11.49
N GLN A 121 25.65 12.51 -12.74
CA GLN A 121 26.10 13.44 -13.76
C GLN A 121 25.66 14.84 -13.38
N ALA A 122 24.37 14.99 -13.09
CA ALA A 122 23.81 16.29 -12.74
C ALA A 122 24.57 16.92 -11.57
N GLU A 123 24.79 16.15 -10.52
CA GLU A 123 25.46 16.68 -9.34
C GLU A 123 26.95 16.99 -9.60
N ALA A 124 27.59 16.19 -10.43
CA ALA A 124 28.95 16.52 -10.86
C ALA A 124 28.97 17.87 -11.56
N LEU A 125 27.94 18.14 -12.36
CA LEU A 125 27.84 19.40 -13.10
C LEU A 125 27.68 20.61 -12.18
N MET A 126 26.85 20.48 -11.15
CA MET A 126 26.64 21.54 -10.17
C MET A 126 27.89 21.80 -9.33
N ASN A 127 28.64 20.73 -9.06
CA ASN A 127 29.86 20.80 -8.27
C ASN A 127 31.09 21.15 -9.10
N GLU A 128 30.90 21.24 -10.41
CA GLU A 128 31.99 21.55 -11.32
C GLU A 128 33.14 20.56 -11.20
N VAL A 129 32.81 19.27 -11.11
CA VAL A 129 33.83 18.23 -11.18
C VAL A 129 33.54 17.34 -12.37
N ASP A 130 34.46 16.42 -12.68
CA ASP A 130 34.26 15.52 -13.80
C ASP A 130 33.05 14.63 -13.57
N ALA A 131 32.23 14.50 -14.61
CA ALA A 131 31.13 13.55 -14.60
C ALA A 131 31.71 12.15 -14.43
N PRO A 132 31.05 11.32 -13.62
CA PRO A 132 31.55 9.96 -13.36
C PRO A 132 31.41 9.07 -14.59
N ALA A 133 32.08 7.92 -14.56
CA ALA A 133 31.98 6.98 -15.67
C ALA A 133 30.58 6.39 -15.71
N GLU A 134 30.07 6.18 -16.92
CA GLU A 134 28.86 5.39 -17.11
C GLU A 134 29.05 4.00 -16.51
N ASN A 135 27.94 3.36 -16.15
CA ASN A 135 27.97 1.93 -15.84
C ASN A 135 28.26 1.11 -17.09
N GLU A 136 28.46 -0.19 -16.92
CA GLU A 136 28.89 -1.02 -18.02
C GLU A 136 27.88 -1.06 -19.17
N ALA A 137 26.61 -1.31 -18.87
CA ALA A 137 25.57 -1.42 -19.90
C ALA A 137 25.52 -0.16 -20.76
N ASP A 138 25.50 0.99 -20.10
CA ASP A 138 25.43 2.25 -20.82
C ASP A 138 26.69 2.45 -21.63
N SER A 139 27.83 2.13 -21.03
CA SER A 139 29.11 2.38 -21.67
C SER A 139 29.30 1.57 -22.96
N VAL A 140 28.67 0.39 -23.04
CA VAL A 140 28.82 -0.45 -24.20
C VAL A 140 27.70 -0.21 -25.22
N SER A 141 26.86 0.78 -24.95
CA SER A 141 25.73 1.09 -25.80
C SER A 141 25.94 2.38 -26.58
N VAL A 142 25.68 2.34 -27.88
CA VAL A 142 25.91 3.55 -28.69
C VAL A 142 24.60 4.24 -29.07
N VAL A 143 24.54 5.54 -28.80
CA VAL A 143 23.49 6.39 -29.34
C VAL A 143 24.00 7.03 -30.63
N GLY A 144 23.24 6.88 -31.72
CA GLY A 144 23.60 7.52 -32.97
C GLY A 144 23.77 9.02 -32.80
N ALA A 145 24.95 9.55 -33.15
CA ALA A 145 25.25 10.96 -32.90
C ALA A 145 24.49 11.91 -33.83
N GLY A 146 23.94 11.37 -34.91
CA GLY A 146 23.27 12.20 -35.91
C GLY A 146 21.81 12.45 -35.64
N GLY A 147 21.12 13.00 -36.64
CA GLY A 147 19.71 13.33 -36.51
C GLY A 147 19.46 14.33 -35.40
N GLY A 148 18.53 13.99 -34.51
CA GLY A 148 18.16 14.89 -33.45
C GLY A 148 18.84 14.56 -32.13
N ASN A 149 19.65 13.51 -32.11
CA ASN A 149 20.29 13.10 -30.87
C ASN A 149 21.31 14.12 -30.38
N VAL A 150 21.34 14.29 -29.06
CA VAL A 150 22.32 15.15 -28.40
C VAL A 150 23.25 14.29 -27.57
N THR A 151 24.29 13.75 -28.20
CA THR A 151 25.20 12.82 -27.53
C THR A 151 26.36 13.53 -26.83
N GLU A 152 26.46 14.85 -27.04
CA GLU A 152 27.52 15.65 -26.41
C GLU A 152 27.00 17.02 -26.05
N SER A 153 27.35 17.47 -24.85
CA SER A 153 26.99 18.82 -24.43
C SER A 153 27.56 19.85 -25.39
N TYR A 154 26.80 20.91 -25.64
CA TYR A 154 27.26 21.98 -26.52
C TYR A 154 26.54 23.28 -26.17
N GLY A 155 27.26 24.38 -26.21
CA GLY A 155 26.66 25.66 -25.90
C GLY A 155 26.00 25.58 -24.53
N ASN A 156 24.74 25.97 -24.46
CA ASN A 156 24.01 25.94 -23.19
C ASN A 156 23.18 24.68 -23.01
N VAL A 157 23.57 23.62 -23.70
CA VAL A 157 22.81 22.37 -23.72
C VAL A 157 23.66 21.25 -23.15
N ILE A 158 23.14 20.59 -22.12
CA ILE A 158 23.79 19.40 -21.59
C ILE A 158 23.24 18.13 -22.22
N SER A 159 24.14 17.22 -22.59
CA SER A 159 23.71 15.90 -23.05
C SER A 159 23.47 15.01 -21.84
N ILE A 160 22.23 14.56 -21.71
CA ILE A 160 21.87 13.68 -20.61
C ILE A 160 21.73 12.28 -21.19
N ALA A 161 22.32 11.30 -20.52
CA ALA A 161 22.24 9.91 -20.96
C ALA A 161 22.62 9.80 -22.42
N LYS A 162 23.72 10.47 -22.78
CA LYS A 162 24.24 10.48 -24.14
C LYS A 162 23.22 10.62 -25.26
N LYS A 163 22.09 11.26 -24.99
CA LYS A 163 21.09 11.37 -26.04
C LYS A 163 20.24 12.63 -25.96
N PHE A 164 19.91 13.05 -24.74
CA PHE A 164 18.92 14.11 -24.55
C PHE A 164 19.57 15.44 -24.23
N GLY A 165 19.17 16.48 -24.96
CA GLY A 165 19.65 17.82 -24.67
C GLY A 165 18.79 18.46 -23.62
N MET A 166 19.38 18.82 -22.49
CA MET A 166 18.69 19.59 -21.48
C MET A 166 19.39 20.92 -21.29
N ARG A 167 18.64 22.01 -21.33
CA ARG A 167 19.23 23.32 -21.13
C ARG A 167 19.98 23.36 -19.81
N LYS A 168 21.15 24.03 -19.80
CA LYS A 168 21.99 24.10 -18.62
C LYS A 168 21.22 24.63 -17.40
N GLU A 169 20.33 25.59 -17.63
CA GLU A 169 19.63 26.23 -16.52
C GLU A 169 18.64 25.31 -15.82
N GLU A 170 18.35 24.16 -16.44
CA GLU A 170 17.45 23.18 -15.83
C GLU A 170 18.18 22.10 -15.04
N ILE A 171 19.48 21.96 -15.25
CA ILE A 171 20.27 21.05 -14.44
C ILE A 171 20.01 21.24 -12.95
N PRO A 172 19.99 22.49 -12.46
CA PRO A 172 19.74 22.66 -11.02
C PRO A 172 18.34 22.20 -10.63
N VAL A 173 17.39 22.30 -11.55
CA VAL A 173 16.03 21.84 -11.33
C VAL A 173 16.00 20.30 -11.29
N LEU A 174 16.73 19.71 -12.23
CA LEU A 174 16.94 18.27 -12.29
C LEU A 174 17.45 17.75 -10.96
N VAL A 175 18.50 18.38 -10.46
CA VAL A 175 19.09 17.94 -9.21
C VAL A 175 18.09 18.05 -8.06
N LYS A 176 17.46 19.21 -7.91
CA LYS A 176 16.57 19.42 -6.79
C LYS A 176 15.33 18.55 -6.89
N THR A 177 14.92 18.25 -8.12
CA THR A 177 13.74 17.41 -8.32
C THR A 177 14.04 15.95 -8.00
N SER A 178 15.30 15.56 -8.20
CA SER A 178 15.69 14.16 -8.02
C SER A 178 16.09 13.82 -6.58
N LYS A 179 16.46 14.85 -5.81
CA LYS A 179 17.03 14.63 -4.49
C LYS A 179 16.10 13.92 -3.51
N PRO A 180 14.81 14.26 -3.50
CA PRO A 180 13.93 13.64 -2.51
C PRO A 180 13.83 12.13 -2.71
N TRP A 181 14.32 11.66 -3.85
CA TRP A 181 14.09 10.26 -4.22
C TRP A 181 15.20 9.33 -3.81
N GLU A 182 16.21 9.86 -3.13
CA GLU A 182 17.32 9.03 -2.71
C GLU A 182 16.85 7.95 -1.76
N GLY A 183 17.25 6.71 -2.04
CA GLY A 183 16.87 5.58 -1.23
C GLY A 183 15.47 5.06 -1.52
N ILE A 184 14.64 5.86 -2.20
CA ILE A 184 13.23 5.51 -2.32
C ILE A 184 12.62 5.47 -3.74
N SER A 185 13.40 5.75 -4.76
CA SER A 185 12.90 5.55 -6.11
C SER A 185 12.60 4.05 -6.27
N VAL A 186 11.78 3.67 -7.25
CA VAL A 186 11.62 2.23 -7.52
C VAL A 186 13.00 1.59 -7.60
N GLU A 187 13.89 2.21 -8.37
CA GLU A 187 15.26 1.74 -8.47
C GLU A 187 15.91 1.41 -7.11
N GLU A 188 16.02 2.41 -6.25
CA GLU A 188 16.80 2.25 -5.04
C GLU A 188 16.06 1.50 -3.94
N LEU A 189 14.75 1.64 -3.90
CA LEU A 189 13.99 0.92 -2.89
C LEU A 189 13.99 -0.56 -3.26
N SER A 190 13.83 -0.86 -4.55
CA SER A 190 13.88 -2.25 -4.98
C SER A 190 15.27 -2.83 -4.81
N ASN A 191 16.31 -2.00 -4.88
CA ASN A 191 17.66 -2.52 -4.73
C ASN A 191 17.87 -2.95 -3.29
N LYS A 192 17.33 -2.20 -2.34
CA LYS A 192 17.43 -2.57 -0.93
C LYS A 192 16.90 -4.00 -0.72
N TYR A 193 15.72 -4.28 -1.23
CA TYR A 193 15.13 -5.61 -1.05
C TYR A 193 15.79 -6.68 -1.90
N SER A 194 16.22 -6.32 -3.09
CA SER A 194 17.00 -7.23 -3.90
C SER A 194 18.27 -7.67 -3.17
N LYS A 195 18.89 -6.75 -2.44
CA LYS A 195 20.11 -7.05 -1.68
C LYS A 195 19.82 -8.13 -0.64
N MET A 196 18.56 -8.35 -0.33
CA MET A 196 18.19 -9.40 0.63
C MET A 196 17.93 -10.76 -0.02
N THR A 197 17.94 -10.83 -1.34
CA THR A 197 17.76 -12.13 -1.99
C THR A 197 19.11 -12.85 -1.95
N PRO A 198 19.09 -14.18 -1.84
CA PRO A 198 20.36 -14.93 -1.74
C PRO A 198 21.22 -14.73 -2.99
N GLY A 199 20.59 -14.43 -4.12
CA GLY A 199 21.32 -14.34 -5.37
C GLY A 199 21.78 -12.94 -5.79
N TYR A 200 21.67 -11.99 -4.87
CA TYR A 200 21.96 -10.60 -5.21
C TYR A 200 23.33 -10.44 -5.86
N ASP A 201 24.37 -10.90 -5.17
CA ASP A 201 25.71 -10.74 -5.70
C ASP A 201 25.82 -11.31 -7.12
N GLN A 202 25.21 -12.47 -7.32
CA GLN A 202 25.20 -13.10 -8.61
C GLN A 202 24.50 -12.20 -9.63
N PHE A 203 23.37 -11.64 -9.21
CA PHE A 203 22.59 -10.73 -10.03
C PHE A 203 23.41 -9.51 -10.42
N LYS A 204 24.06 -8.91 -9.44
CA LYS A 204 24.93 -7.76 -9.67
C LYS A 204 25.97 -8.10 -10.74
N ASN A 205 26.60 -9.27 -10.61
CA ASN A 205 27.63 -9.70 -11.54
C ASN A 205 27.09 -9.77 -12.98
N ILE A 206 25.88 -10.30 -13.09
CA ILE A 206 25.20 -10.45 -14.37
C ILE A 206 24.90 -9.10 -15.01
N MET A 207 24.40 -8.16 -14.23
CA MET A 207 24.14 -6.83 -14.79
C MET A 207 25.46 -6.21 -15.24
N GLU A 208 26.49 -6.33 -14.40
CA GLU A 208 27.75 -5.62 -14.62
C GLU A 208 28.49 -6.13 -15.85
N SER A 209 28.27 -7.41 -16.16
CA SER A 209 28.84 -8.02 -17.34
C SER A 209 27.95 -7.76 -18.55
N VAL A 210 26.81 -7.14 -18.32
CA VAL A 210 25.79 -6.94 -19.35
C VAL A 210 25.29 -8.26 -19.92
N ILE A 211 25.32 -9.32 -19.13
CA ILE A 211 24.72 -10.58 -19.53
C ILE A 211 23.20 -10.42 -19.54
N CYS A 212 22.72 -9.55 -18.65
CA CYS A 212 21.33 -9.10 -18.67
C CYS A 212 21.39 -7.62 -19.01
N MET A 213 20.71 -7.23 -20.10
CA MET A 213 20.87 -5.89 -20.65
C MET A 213 20.44 -4.79 -19.71
N PHE A 214 19.25 -4.89 -19.13
CA PHE A 214 18.78 -3.80 -18.28
C PHE A 214 17.74 -4.25 -17.26
N ASP A 215 17.34 -3.33 -16.39
CA ASP A 215 16.44 -3.61 -15.29
C ASP A 215 15.01 -3.30 -15.68
N SER A 216 14.08 -4.12 -15.22
CA SER A 216 12.67 -3.91 -15.55
C SER A 216 12.17 -2.53 -15.14
N PHE A 217 12.67 -1.99 -14.03
CA PHE A 217 12.19 -0.67 -13.59
C PHE A 217 12.47 0.41 -14.63
N ALA A 218 13.36 0.13 -15.57
CA ALA A 218 13.71 1.13 -16.59
C ALA A 218 12.50 1.58 -17.38
N ILE A 219 11.64 0.63 -17.71
CA ILE A 219 10.47 0.87 -18.55
C ILE A 219 9.34 -0.08 -18.12
N PRO A 220 8.70 0.23 -16.97
CA PRO A 220 7.73 -0.66 -16.32
C PRO A 220 6.37 -0.74 -17.02
N GLN A 221 6.08 0.17 -17.95
CA GLN A 221 4.94 -0.01 -18.84
C GLN A 221 5.44 -0.10 -20.27
N GLY A 222 4.59 -0.53 -21.19
CA GLY A 222 5.03 -0.72 -22.57
C GLY A 222 5.19 -2.17 -22.97
N ARG A 223 5.55 -2.38 -24.23
CA ARG A 223 5.50 -3.71 -24.83
C ARG A 223 4.11 -4.27 -24.54
N GLU A 224 3.11 -3.43 -24.77
CA GLU A 224 1.72 -3.78 -24.50
C GLU A 224 0.88 -2.96 -25.46
N VAL A 225 -0.43 -3.14 -25.42
CA VAL A 225 -1.30 -2.39 -26.34
C VAL A 225 -2.22 -1.54 -25.53
N ILE A 226 -2.23 -0.23 -25.80
CA ILE A 226 -3.12 0.66 -25.09
C ILE A 226 -4.55 0.30 -25.50
N ASN A 227 -5.52 0.66 -24.64
CA ASN A 227 -6.93 0.53 -24.98
C ASN A 227 -7.60 1.90 -24.96
N TYR A 228 -8.08 2.34 -26.11
CA TYR A 228 -8.68 3.67 -26.24
C TYR A 228 -10.16 3.69 -25.88
N TYR A 229 -10.73 2.53 -25.55
CA TYR A 229 -12.18 2.42 -25.41
C TYR A 229 -12.87 3.49 -24.55
N MET A 230 -12.42 3.70 -23.32
CA MET A 230 -13.21 4.45 -22.35
C MET A 230 -13.48 5.90 -22.78
N PRO A 231 -12.43 6.66 -23.06
CA PRO A 231 -12.64 8.04 -23.51
C PRO A 231 -13.44 8.11 -24.81
N LEU A 232 -13.17 7.19 -25.74
CA LEU A 232 -13.88 7.21 -27.01
C LEU A 232 -15.37 6.94 -26.82
N GLN A 233 -15.69 6.10 -25.84
CA GLN A 233 -17.07 5.70 -25.61
C GLN A 233 -17.82 6.71 -24.74
N TYR A 234 -17.12 7.27 -23.77
CA TYR A 234 -17.77 8.11 -22.76
C TYR A 234 -17.42 9.59 -22.80
N GLY A 235 -16.21 9.90 -23.27
CA GLY A 235 -15.68 11.24 -23.07
C GLY A 235 -15.35 11.38 -21.60
N PHE A 236 -14.63 12.45 -21.23
CA PHE A 236 -14.10 12.58 -19.89
C PHE A 236 -15.16 12.96 -18.87
N ASP A 237 -16.09 13.82 -19.24
CA ASP A 237 -17.22 14.12 -18.36
C ASP A 237 -17.98 12.82 -18.05
N GLY A 238 -18.22 12.01 -19.08
CA GLY A 238 -18.89 10.73 -18.93
C GLY A 238 -18.17 9.78 -17.98
N ILE A 239 -16.84 9.77 -18.06
CA ILE A 239 -16.03 8.91 -17.20
C ILE A 239 -16.08 9.45 -15.78
N ILE A 240 -16.03 10.76 -15.63
CA ILE A 240 -16.15 11.32 -14.28
C ILE A 240 -17.50 10.96 -13.68
N LYS A 241 -18.55 11.01 -14.47
CA LYS A 241 -19.87 10.65 -13.95
C LYS A 241 -19.88 9.19 -13.48
N LEU A 242 -19.25 8.32 -14.26
CA LEU A 242 -19.18 6.90 -13.90
C LEU A 242 -18.44 6.75 -12.57
N CYS A 243 -17.30 7.44 -12.44
CA CYS A 243 -16.54 7.44 -11.19
C CYS A 243 -17.41 7.88 -10.01
N ASP A 244 -18.08 9.03 -10.16
CA ASP A 244 -18.95 9.50 -9.08
C ASP A 244 -19.99 8.46 -8.70
N GLU A 245 -20.56 7.81 -9.70
CA GLU A 245 -21.56 6.79 -9.43
C GLU A 245 -20.95 5.61 -8.65
N LYS A 246 -19.80 5.14 -9.11
CA LYS A 246 -19.13 4.02 -8.44
C LYS A 246 -18.69 4.41 -7.04
N ILE A 247 -18.21 5.63 -6.89
CA ILE A 247 -17.81 6.08 -5.56
C ILE A 247 -19.02 5.99 -4.64
N ALA A 248 -20.15 6.56 -5.07
CA ALA A 248 -21.36 6.52 -4.27
C ALA A 248 -21.77 5.09 -3.92
N GLU A 249 -21.52 4.18 -4.86
CA GLU A 249 -21.92 2.79 -4.69
C GLU A 249 -21.02 2.01 -3.74
N VAL A 250 -19.71 2.21 -3.83
CA VAL A 250 -18.78 1.31 -3.15
C VAL A 250 -17.86 1.96 -2.13
N MET A 251 -17.85 3.28 -2.02
CA MET A 251 -16.93 3.88 -1.05
C MET A 251 -17.35 3.42 0.33
N GLY A 252 -16.41 2.83 1.08
CA GLY A 252 -16.73 2.31 2.40
C GLY A 252 -17.30 0.90 2.40
N GLU A 253 -17.46 0.28 1.23
CA GLU A 253 -18.01 -1.07 1.13
C GLU A 253 -16.97 -2.06 0.61
N ALA A 254 -16.84 -3.18 1.28
CA ALA A 254 -15.89 -4.19 0.85
C ALA A 254 -16.55 -5.32 0.06
N GLY A 255 -17.87 -5.41 0.14
CA GLY A 255 -18.55 -6.60 -0.37
C GLY A 255 -18.04 -7.77 0.48
N ASP A 256 -17.74 -8.90 -0.17
CA ASP A 256 -17.20 -10.06 0.53
C ASP A 256 -15.68 -10.15 0.33
N ASP A 257 -15.07 -9.07 -0.10
CA ASP A 257 -13.66 -9.09 -0.51
C ASP A 257 -12.81 -8.29 0.48
N GLY A 258 -12.23 -8.97 1.47
CA GLY A 258 -11.41 -8.31 2.48
C GLY A 258 -10.05 -7.89 1.97
N ASP A 259 -9.72 -8.34 0.76
CA ASP A 259 -8.43 -8.00 0.17
C ASP A 259 -8.50 -6.69 -0.59
N PHE A 260 -9.43 -6.61 -1.55
CA PHE A 260 -9.48 -5.48 -2.47
C PHE A 260 -10.80 -4.74 -2.53
N GLY A 261 -11.75 -5.18 -1.72
CA GLY A 261 -13.08 -4.61 -1.74
C GLY A 261 -13.05 -3.13 -1.38
N MET A 262 -12.41 -2.82 -0.26
CA MET A 262 -12.32 -1.42 0.19
C MET A 262 -11.53 -0.58 -0.81
N SER A 263 -10.57 -1.21 -1.48
CA SER A 263 -9.71 -0.52 -2.42
C SER A 263 -10.42 -0.04 -3.68
N ARG A 264 -11.59 -0.60 -3.97
CA ARG A 264 -12.36 -0.14 -5.12
C ARG A 264 -12.65 1.36 -5.02
N GLY A 265 -13.13 1.79 -3.87
CA GLY A 265 -13.44 3.20 -3.63
C GLY A 265 -12.28 4.13 -3.97
N TYR A 266 -11.09 3.77 -3.51
CA TYR A 266 -9.91 4.61 -3.75
C TYR A 266 -9.56 4.59 -5.22
N TYR A 267 -9.80 3.45 -5.87
CA TYR A 267 -9.55 3.34 -7.31
C TYR A 267 -10.40 4.34 -8.09
N TYR A 268 -11.69 4.41 -7.79
CA TYR A 268 -12.58 5.30 -8.52
C TYR A 268 -12.26 6.78 -8.21
N ALA A 269 -11.88 7.04 -6.96
CA ALA A 269 -11.48 8.38 -6.58
C ALA A 269 -10.23 8.75 -7.40
N ALA A 270 -9.32 7.79 -7.54
CA ALA A 270 -8.08 8.02 -8.28
C ALA A 270 -8.39 8.28 -9.75
N MET A 271 -9.37 7.55 -10.29
CA MET A 271 -9.70 7.65 -11.71
C MET A 271 -10.40 8.94 -12.01
N LYS A 272 -11.21 9.42 -11.07
CA LYS A 272 -11.84 10.72 -11.21
C LYS A 272 -10.71 11.75 -11.33
N GLU A 273 -9.73 11.69 -10.41
CA GLU A 273 -8.63 12.65 -10.41
C GLU A 273 -7.82 12.62 -11.71
N ILE A 274 -7.40 11.44 -12.15
CA ILE A 274 -6.60 11.41 -13.38
C ILE A 274 -7.45 11.89 -14.56
N THR A 275 -8.74 11.60 -14.53
CA THR A 275 -9.62 11.98 -15.62
C THR A 275 -9.78 13.49 -15.68
N LYS A 276 -9.89 14.12 -14.52
CA LYS A 276 -9.92 15.57 -14.44
C LYS A 276 -8.62 16.14 -14.99
N GLY A 277 -7.51 15.47 -14.67
CA GLY A 277 -6.22 15.84 -15.22
C GLY A 277 -6.18 15.83 -16.74
N LEU A 278 -6.63 14.74 -17.35
CA LEU A 278 -6.64 14.59 -18.80
C LEU A 278 -7.53 15.65 -19.44
N SER A 279 -8.63 15.96 -18.76
CA SER A 279 -9.55 16.99 -19.20
C SER A 279 -8.89 18.39 -19.16
N ALA A 280 -8.28 18.74 -18.04
CA ALA A 280 -7.60 20.03 -17.92
C ALA A 280 -6.47 20.16 -18.94
N TRP A 281 -5.74 19.07 -19.13
CA TRP A 281 -4.67 19.03 -20.11
C TRP A 281 -5.21 19.41 -21.49
N CYS A 282 -6.32 18.79 -21.89
CA CYS A 282 -6.92 19.13 -23.18
C CYS A 282 -7.35 20.61 -23.22
N GLU A 283 -7.91 21.10 -22.11
CA GLU A 283 -8.32 22.50 -22.02
C GLU A 283 -7.14 23.43 -22.23
N ASN A 284 -5.97 23.06 -21.71
CA ASN A 284 -4.76 23.85 -21.92
C ASN A 284 -4.40 24.00 -23.39
N TYR A 285 -4.51 22.91 -24.14
CA TYR A 285 -4.25 23.01 -25.58
C TYR A 285 -5.29 23.88 -26.29
N SER A 286 -6.53 23.82 -25.80
CA SER A 286 -7.60 24.62 -26.37
C SER A 286 -7.29 26.11 -26.15
N LYS A 287 -6.95 26.45 -24.90
CA LYS A 287 -6.58 27.81 -24.56
C LYS A 287 -5.39 28.29 -25.38
N ARG A 288 -4.38 27.45 -25.58
CA ARG A 288 -3.25 27.85 -26.40
C ARG A 288 -3.69 28.06 -27.84
N ALA A 289 -4.56 27.17 -28.35
CA ALA A 289 -5.02 27.25 -29.73
C ALA A 289 -5.78 28.54 -29.93
N LYS A 290 -6.57 28.88 -28.92
CA LYS A 290 -7.33 30.11 -28.91
C LYS A 290 -6.41 31.31 -29.00
N TYR A 291 -5.32 31.31 -28.22
CA TYR A 291 -4.41 32.44 -28.26
C TYR A 291 -3.77 32.57 -29.64
N LEU A 292 -3.22 31.48 -30.14
CA LEU A 292 -2.52 31.51 -31.42
C LEU A 292 -3.45 32.00 -32.53
N ALA A 293 -4.72 31.60 -32.45
CA ALA A 293 -5.70 32.05 -33.42
C ALA A 293 -5.79 33.57 -33.38
N SER A 294 -5.71 34.14 -32.18
CA SER A 294 -5.92 35.56 -31.98
C SER A 294 -4.77 36.43 -32.52
N ILE A 295 -3.65 35.81 -32.86
CA ILE A 295 -2.52 36.57 -33.37
C ILE A 295 -2.11 36.05 -34.72
N GLU A 296 -2.92 35.17 -35.29
CA GLU A 296 -2.59 34.62 -36.59
C GLU A 296 -3.14 35.53 -37.68
N THR A 297 -2.23 36.06 -38.50
CA THR A 297 -2.59 36.96 -39.59
C THR A 297 -2.93 36.18 -40.86
N ASP A 298 -2.31 35.02 -41.01
CA ASP A 298 -2.64 34.12 -42.11
C ASP A 298 -3.96 33.42 -41.79
N SER A 299 -5.01 33.81 -42.50
CA SER A 299 -6.35 33.27 -42.29
C SER A 299 -6.39 31.74 -42.27
N GLU A 300 -5.64 31.11 -43.18
CA GLU A 300 -5.62 29.66 -43.29
C GLU A 300 -5.12 28.99 -42.02
N ILE A 301 -3.98 29.49 -41.51
CA ILE A 301 -3.38 28.94 -40.31
C ILE A 301 -4.24 29.30 -39.10
N LYS A 302 -4.92 30.43 -39.18
CA LYS A 302 -5.83 30.83 -38.12
C LYS A 302 -6.99 29.82 -38.01
N ALA A 303 -7.43 29.31 -39.16
CA ALA A 303 -8.53 28.36 -39.20
C ALA A 303 -8.15 27.07 -38.48
N ASN A 304 -6.97 26.53 -38.79
CA ASN A 304 -6.43 25.39 -38.05
C ASN A 304 -6.45 25.66 -36.55
N TYR A 305 -5.87 26.78 -36.15
CA TYR A 305 -5.84 27.09 -34.74
C TYR A 305 -7.24 27.03 -34.12
N GLU A 306 -8.22 27.62 -34.80
CA GLU A 306 -9.58 27.63 -34.27
C GLU A 306 -10.23 26.24 -34.31
N LYS A 307 -9.85 25.42 -35.28
CA LYS A 307 -10.34 24.04 -35.31
C LYS A 307 -9.76 23.28 -34.12
N ILE A 308 -8.48 23.50 -33.87
CA ILE A 308 -7.80 22.87 -32.75
C ILE A 308 -8.43 23.28 -31.42
N GLU A 309 -8.65 24.57 -31.25
CA GLU A 309 -9.32 25.05 -30.04
C GLU A 309 -10.66 24.36 -29.80
N GLU A 310 -11.41 24.15 -30.88
CA GLU A 310 -12.71 23.49 -30.77
C GLU A 310 -12.54 22.01 -30.42
N VAL A 311 -11.71 21.33 -31.20
CA VAL A 311 -11.45 19.91 -31.01
C VAL A 311 -10.98 19.65 -29.58
N MET A 312 -10.02 20.43 -29.12
CA MET A 312 -9.40 20.20 -27.81
C MET A 312 -10.36 20.59 -26.70
N GLY A 313 -11.11 21.67 -26.90
CA GLY A 313 -12.10 22.07 -25.93
C GLY A 313 -13.20 21.04 -25.84
N ASN A 314 -13.51 20.40 -26.97
CA ASN A 314 -14.54 19.36 -27.03
C ASN A 314 -14.08 18.09 -26.33
N ILE A 315 -12.96 17.54 -26.77
CA ILE A 315 -12.48 16.30 -26.14
C ILE A 315 -12.02 16.48 -24.67
N ALA A 316 -11.97 17.73 -24.20
CA ALA A 316 -11.75 17.96 -22.78
C ALA A 316 -12.92 17.42 -21.98
N HIS A 317 -14.06 17.24 -22.63
CA HIS A 317 -15.30 16.93 -21.92
C HIS A 317 -16.23 15.94 -22.61
N LYS A 318 -16.42 16.12 -23.91
CA LYS A 318 -17.46 15.40 -24.60
C LYS A 318 -16.95 14.10 -25.20
N LYS A 319 -17.88 13.18 -25.44
CA LYS A 319 -17.56 12.06 -26.28
C LYS A 319 -17.18 12.59 -27.67
N PRO A 320 -16.07 12.09 -28.24
CA PRO A 320 -15.73 12.55 -29.59
C PRO A 320 -16.88 12.41 -30.57
N ALA A 321 -17.07 13.41 -31.42
CA ALA A 321 -18.21 13.44 -32.31
C ALA A 321 -17.83 13.45 -33.79
N ASN A 322 -16.55 13.30 -34.07
CA ASN A 322 -16.08 13.14 -35.44
C ASN A 322 -14.72 12.47 -35.48
N PHE A 323 -14.20 12.24 -36.68
CA PHE A 323 -12.91 11.54 -36.82
C PHE A 323 -11.74 12.31 -36.22
N TRP A 324 -11.67 13.60 -36.53
CA TRP A 324 -10.59 14.45 -36.02
C TRP A 324 -10.54 14.36 -34.49
N GLU A 325 -11.68 14.62 -33.85
CA GLU A 325 -11.75 14.58 -32.39
C GLU A 325 -11.38 13.21 -31.84
N ALA A 326 -11.85 12.17 -32.51
CA ALA A 326 -11.60 10.80 -32.08
C ALA A 326 -10.12 10.41 -32.18
N ILE A 327 -9.50 10.66 -33.34
CA ILE A 327 -8.08 10.38 -33.42
C ILE A 327 -7.27 11.25 -32.44
N GLN A 328 -7.69 12.49 -32.25
CA GLN A 328 -7.03 13.39 -31.31
C GLN A 328 -7.16 12.88 -29.88
N MET A 329 -8.33 12.33 -29.56
CA MET A 329 -8.54 11.73 -28.25
C MET A 329 -7.64 10.51 -28.06
N THR A 330 -7.38 9.74 -29.12
CA THR A 330 -6.46 8.62 -28.96
C THR A 330 -5.07 9.16 -28.65
N LEU A 331 -4.67 10.24 -29.31
CA LEU A 331 -3.40 10.89 -28.97
C LEU A 331 -3.35 11.33 -27.51
N CYS A 332 -4.39 12.01 -27.04
CA CYS A 332 -4.42 12.43 -25.66
C CYS A 332 -4.15 11.23 -24.73
N CYS A 333 -4.88 10.13 -24.95
CA CYS A 333 -4.69 8.91 -24.17
C CYS A 333 -3.27 8.39 -24.30
N HIS A 334 -2.78 8.36 -25.53
CA HIS A 334 -1.48 7.77 -25.78
C HIS A 334 -0.41 8.57 -25.08
N PHE A 335 -0.49 9.89 -25.21
CA PHE A 335 0.48 10.78 -24.57
C PHE A 335 0.34 10.72 -23.05
N GLY A 336 -0.89 10.64 -22.59
CA GLY A 336 -1.12 10.51 -21.15
C GLY A 336 -0.37 9.32 -20.58
N VAL A 337 -0.44 8.18 -21.25
CA VAL A 337 0.21 7.00 -20.70
C VAL A 337 1.74 7.04 -20.85
N VAL A 338 2.25 7.44 -22.00
CA VAL A 338 3.71 7.44 -22.13
C VAL A 338 4.30 8.56 -21.26
N ASN A 339 3.48 9.49 -20.80
CA ASN A 339 3.95 10.46 -19.83
C ASN A 339 3.87 10.03 -18.37
N GLU A 340 3.32 8.86 -18.06
CA GLU A 340 3.19 8.51 -16.62
C GLU A 340 4.27 7.55 -16.15
N ASP A 341 5.06 7.06 -17.09
CA ASP A 341 6.20 6.20 -16.79
C ASP A 341 7.20 6.32 -17.92
N PRO A 342 8.48 6.10 -17.63
CA PRO A 342 9.44 5.92 -18.72
C PRO A 342 9.08 4.61 -19.39
N GLN A 343 8.97 4.58 -20.71
CA GLN A 343 8.50 3.37 -21.36
C GLN A 343 8.73 3.43 -22.84
N SER A 344 8.81 2.26 -23.44
CA SER A 344 8.85 2.14 -24.87
C SER A 344 7.81 1.11 -25.22
N GLY A 345 7.30 1.17 -26.44
CA GLY A 345 6.44 0.10 -26.90
C GLY A 345 5.03 0.11 -26.33
N LEU A 346 4.52 1.30 -26.02
CA LEU A 346 3.09 1.42 -25.82
C LEU A 346 2.48 1.46 -27.21
N SER A 347 1.97 0.31 -27.64
CA SER A 347 1.43 0.16 -28.97
C SER A 347 0.11 0.89 -29.12
N ILE A 348 -0.04 1.56 -30.25
CA ILE A 348 -1.29 2.16 -30.64
C ILE A 348 -2.36 1.09 -30.84
N GLY A 349 -1.92 -0.08 -31.31
CA GLY A 349 -2.85 -1.16 -31.62
C GLY A 349 -3.52 -0.97 -32.96
N ARG A 350 -4.75 -1.44 -33.06
CA ARG A 350 -5.47 -1.47 -34.33
C ARG A 350 -6.30 -0.24 -34.53
N LEU A 351 -5.62 0.88 -34.70
CA LEU A 351 -6.26 2.18 -34.79
C LEU A 351 -7.26 2.23 -35.96
N GLY A 352 -6.94 1.54 -37.04
CA GLY A 352 -7.81 1.52 -38.22
C GLY A 352 -9.17 0.90 -37.93
N GLN A 353 -9.24 0.05 -36.90
CA GLN A 353 -10.49 -0.59 -36.57
C GLN A 353 -11.19 0.19 -35.46
N VAL A 354 -10.41 0.64 -34.50
CA VAL A 354 -10.93 1.45 -33.41
C VAL A 354 -11.65 2.69 -33.97
N LEU A 355 -11.09 3.28 -35.02
CA LEU A 355 -11.57 4.58 -35.47
C LEU A 355 -12.47 4.50 -36.70
N GLN A 356 -12.62 3.29 -37.24
CA GLN A 356 -13.48 3.05 -38.40
C GLN A 356 -14.88 3.64 -38.22
N PRO A 357 -15.49 3.47 -37.03
CA PRO A 357 -16.81 4.08 -36.86
C PRO A 357 -16.80 5.60 -37.02
N PHE A 358 -15.76 6.25 -36.50
CA PHE A 358 -15.67 7.71 -36.58
C PHE A 358 -15.33 8.16 -37.99
N TYR A 359 -14.42 7.41 -38.61
CA TYR A 359 -14.06 7.66 -39.99
C TYR A 359 -15.26 7.57 -40.93
N GLU A 360 -15.93 6.42 -40.94
CA GLU A 360 -16.99 6.18 -41.91
C GLU A 360 -18.16 7.16 -41.81
N LYS A 361 -18.51 7.59 -40.60
CA LYS A 361 -19.56 8.58 -40.42
C LYS A 361 -19.19 9.92 -41.03
N ASP A 362 -17.92 10.30 -40.88
CA ASP A 362 -17.47 11.57 -41.41
C ASP A 362 -17.47 11.56 -42.95
N VAL A 363 -17.06 10.44 -43.54
CA VAL A 363 -17.08 10.31 -44.99
C VAL A 363 -18.53 10.24 -45.48
N GLU A 364 -19.34 9.44 -44.81
CA GLU A 364 -20.77 9.35 -45.09
C GLU A 364 -21.43 10.73 -45.12
N ASP A 365 -21.25 11.48 -44.05
CA ASP A 365 -21.94 12.76 -43.85
C ASP A 365 -21.28 13.91 -44.61
N GLY A 366 -20.19 13.63 -45.31
CA GLY A 366 -19.47 14.65 -46.04
C GLY A 366 -18.78 15.65 -45.13
N ILE A 367 -18.45 15.21 -43.93
CA ILE A 367 -17.70 16.04 -42.99
C ILE A 367 -16.20 15.98 -43.33
N MET A 368 -15.75 14.84 -43.81
CA MET A 368 -14.39 14.72 -44.32
C MET A 368 -14.34 13.93 -45.61
N THR A 369 -13.35 14.23 -46.44
CA THR A 369 -13.02 13.40 -47.58
C THR A 369 -11.90 12.46 -47.18
N ASP A 370 -11.65 11.44 -47.99
CA ASP A 370 -10.54 10.53 -47.71
C ASP A 370 -9.20 11.28 -47.74
N GLU A 371 -9.07 12.23 -48.65
CA GLU A 371 -7.81 12.96 -48.72
C GLU A 371 -7.57 13.75 -47.45
N GLU A 372 -8.63 14.28 -46.86
CA GLU A 372 -8.50 15.02 -45.59
C GLU A 372 -8.17 14.06 -44.45
N VAL A 373 -8.76 12.86 -44.50
CA VAL A 373 -8.45 11.81 -43.54
C VAL A 373 -6.98 11.45 -43.69
N ILE A 374 -6.54 11.30 -44.93
CA ILE A 374 -5.15 10.93 -45.16
C ILE A 374 -4.20 11.97 -44.62
N GLU A 375 -4.57 13.25 -44.72
CA GLU A 375 -3.77 14.31 -44.11
C GLU A 375 -3.60 14.13 -42.60
N LEU A 376 -4.70 13.92 -41.89
CA LEU A 376 -4.60 13.69 -40.45
C LEU A 376 -3.72 12.48 -40.17
N LEU A 377 -3.90 11.42 -40.97
CA LEU A 377 -3.11 10.21 -40.80
C LEU A 377 -1.63 10.46 -41.12
N GLU A 378 -1.35 11.31 -42.11
CA GLU A 378 0.02 11.72 -42.37
C GLU A 378 0.57 12.48 -41.18
N LEU A 379 -0.23 13.39 -40.66
CA LEU A 379 0.24 14.26 -39.60
C LEU A 379 0.41 13.46 -38.32
N TYR A 380 -0.47 12.48 -38.15
CA TYR A 380 -0.39 11.54 -37.05
C TYR A 380 0.97 10.84 -37.00
N ARG A 381 1.54 10.52 -38.16
CA ARG A 381 2.82 9.80 -38.17
C ARG A 381 3.90 10.69 -37.54
N ILE A 382 3.78 11.99 -37.77
CA ILE A 382 4.76 12.90 -37.23
C ILE A 382 4.67 12.82 -35.70
N LYS A 383 3.44 12.91 -35.19
CA LYS A 383 3.21 12.91 -33.76
C LYS A 383 3.82 11.66 -33.15
N ILE A 384 3.48 10.49 -33.68
CA ILE A 384 4.01 9.25 -33.14
C ILE A 384 5.52 9.16 -33.29
N THR A 385 6.04 9.53 -34.47
CA THR A 385 7.48 9.52 -34.70
C THR A 385 8.26 10.37 -33.70
N CYS A 386 7.63 11.41 -33.15
CA CYS A 386 8.33 12.31 -32.24
C CYS A 386 8.34 11.88 -30.77
N ILE A 387 7.70 10.76 -30.46
CA ILE A 387 7.65 10.26 -29.09
C ILE A 387 9.00 9.69 -28.70
N GLU A 388 9.55 10.21 -27.61
CA GLU A 388 10.87 9.87 -27.11
C GLU A 388 10.75 9.15 -25.77
N CYS A 389 11.66 8.22 -25.55
CA CYS A 389 11.73 7.52 -24.27
C CYS A 389 12.98 7.93 -23.53
N PHE A 390 12.79 8.74 -22.50
CA PHE A 390 13.88 9.15 -21.65
C PHE A 390 14.20 8.01 -20.70
N ALA A 391 15.40 7.45 -20.90
CA ALA A 391 15.89 6.35 -20.09
C ALA A 391 17.40 6.32 -20.25
N SER A 392 18.06 5.39 -19.59
CA SER A 392 19.52 5.28 -19.69
C SER A 392 19.92 4.95 -21.13
N ALA A 393 21.18 5.25 -21.46
CA ALA A 393 21.69 4.98 -22.80
C ALA A 393 21.63 3.49 -23.14
N GLY A 394 21.79 2.65 -22.12
CA GLY A 394 21.74 1.22 -22.34
C GLY A 394 20.40 0.85 -22.97
N VAL A 395 19.35 1.53 -22.53
CA VAL A 395 18.02 1.32 -23.08
C VAL A 395 17.81 2.09 -24.39
N SER A 396 18.01 3.40 -24.37
CA SER A 396 17.75 4.27 -25.52
C SER A 396 18.64 3.96 -26.71
N GLY A 397 19.93 3.75 -26.46
CA GLY A 397 20.86 3.43 -27.53
C GLY A 397 21.09 1.93 -27.66
N GLY A 398 21.31 1.26 -26.53
CA GLY A 398 21.61 -0.16 -26.54
C GLY A 398 20.49 -1.02 -27.06
N VAL A 399 19.26 -0.65 -26.72
CA VAL A 399 18.09 -1.45 -27.06
C VAL A 399 17.21 -0.79 -28.13
N LEU A 400 16.84 0.47 -27.90
CA LEU A 400 15.81 1.10 -28.70
C LEU A 400 16.30 1.73 -29.99
N SER A 401 17.60 2.02 -30.03
CA SER A 401 18.12 2.97 -31.02
C SER A 401 17.20 4.17 -31.16
N GLY A 402 16.59 4.56 -30.04
CA GLY A 402 15.76 5.74 -29.98
C GLY A 402 14.30 5.56 -30.36
N ASN A 403 13.98 4.44 -31.01
CA ASN A 403 12.61 4.20 -31.44
C ASN A 403 11.75 3.93 -30.20
N THR A 404 10.49 4.33 -30.23
CA THR A 404 9.63 4.08 -29.07
C THR A 404 8.49 3.11 -29.34
N PHE A 405 8.52 2.49 -30.52
CA PHE A 405 7.75 1.27 -30.77
C PHE A 405 6.26 1.40 -30.55
N ASN A 406 5.69 2.53 -30.95
CA ASN A 406 4.24 2.70 -30.92
C ASN A 406 3.63 1.99 -32.11
N ASN A 407 3.43 0.69 -31.97
CA ASN A 407 3.13 -0.19 -33.09
C ASN A 407 1.65 -0.15 -33.44
N LEU A 408 1.35 0.07 -34.71
CA LEU A 408 -0.02 0.14 -35.16
C LEU A 408 -0.30 -1.09 -35.98
N SER A 409 -1.16 -1.96 -35.49
CA SER A 409 -1.44 -3.23 -36.15
C SER A 409 -2.67 -3.11 -37.04
N LEU A 410 -2.66 -3.91 -38.12
CA LEU A 410 -3.68 -3.83 -39.16
C LEU A 410 -4.29 -5.22 -39.41
N GLY A 411 -5.59 -5.26 -39.68
CA GLY A 411 -6.23 -6.49 -40.12
C GLY A 411 -6.44 -7.50 -39.02
N GLY A 412 -6.24 -8.78 -39.36
CA GLY A 412 -6.53 -9.87 -38.43
C GLY A 412 -8.01 -10.23 -38.52
N GLN A 413 -8.56 -10.69 -37.41
CA GLN A 413 -9.97 -11.06 -37.38
C GLN A 413 -10.73 -10.17 -36.41
N ASN A 414 -12.01 -9.96 -36.68
CA ASN A 414 -12.82 -9.12 -35.82
C ASN A 414 -13.49 -9.98 -34.75
N TYR A 415 -14.36 -9.37 -33.97
CA TYR A 415 -14.99 -10.08 -32.86
C TYR A 415 -15.72 -11.32 -33.36
N ASP A 416 -16.26 -11.24 -34.56
CA ASP A 416 -17.10 -12.31 -35.10
C ASP A 416 -16.32 -13.30 -35.97
N GLY A 417 -14.99 -13.19 -35.90
CA GLY A 417 -14.11 -14.13 -36.56
C GLY A 417 -14.05 -13.94 -38.06
N LEU A 418 -14.43 -12.76 -38.53
CA LEU A 418 -14.30 -12.47 -39.95
C LEU A 418 -13.12 -11.52 -40.13
N SER A 419 -12.77 -11.24 -41.37
CA SER A 419 -11.69 -10.30 -41.62
C SER A 419 -11.96 -8.96 -40.94
N ALA A 420 -10.97 -8.46 -40.21
CA ALA A 420 -11.11 -7.19 -39.49
C ALA A 420 -10.69 -5.97 -40.31
N VAL A 421 -10.07 -6.22 -41.47
CA VAL A 421 -9.61 -5.13 -42.34
C VAL A 421 -10.74 -4.13 -42.56
N THR A 422 -10.47 -2.86 -42.29
CA THR A 422 -11.43 -1.79 -42.55
C THR A 422 -10.94 -0.87 -43.67
N PRO A 423 -11.87 -0.17 -44.32
CA PRO A 423 -11.44 0.78 -45.36
C PRO A 423 -10.48 1.82 -44.76
N LEU A 424 -10.67 2.19 -43.50
CA LEU A 424 -9.74 3.13 -42.85
C LEU A 424 -8.27 2.64 -42.84
N GLU A 425 -8.07 1.32 -42.79
CA GLU A 425 -6.72 0.77 -42.70
C GLU A 425 -5.94 0.95 -44.00
N TYR A 426 -6.64 0.93 -45.12
CA TYR A 426 -6.01 1.22 -46.40
C TYR A 426 -5.42 2.61 -46.36
N LEU A 427 -6.19 3.56 -45.81
CA LEU A 427 -5.75 4.92 -45.67
C LEU A 427 -4.54 5.06 -44.76
N ILE A 428 -4.47 4.23 -43.73
CA ILE A 428 -3.33 4.27 -42.82
C ILE A 428 -2.07 3.79 -43.55
N VAL A 429 -2.20 2.77 -44.39
CA VAL A 429 -1.06 2.32 -45.18
C VAL A 429 -0.68 3.42 -46.17
N GLU A 430 -1.68 4.04 -46.78
CA GLU A 430 -1.45 5.11 -47.75
C GLU A 430 -0.67 6.25 -47.10
N ALA A 431 -1.12 6.68 -45.93
CA ALA A 431 -0.45 7.73 -45.19
C ALA A 431 1.02 7.38 -44.91
N GLY A 432 1.28 6.12 -44.64
CA GLY A 432 2.63 5.67 -44.37
C GLY A 432 3.45 5.62 -45.64
N MET A 433 2.78 5.57 -46.78
CA MET A 433 3.47 5.64 -48.07
C MET A 433 3.82 7.08 -48.42
N ARG A 434 2.89 8.00 -48.19
CA ARG A 434 3.07 9.39 -48.61
C ARG A 434 3.96 10.14 -47.65
N ASN A 435 3.87 9.78 -46.37
CA ASN A 435 4.70 10.41 -45.38
C ASN A 435 5.58 9.38 -44.69
N GLN A 436 6.77 9.19 -45.24
CA GLN A 436 7.66 8.12 -44.83
C GLN A 436 8.41 8.51 -43.56
N THR A 437 8.00 7.92 -42.44
CA THR A 437 8.58 8.20 -41.14
C THR A 437 8.80 6.88 -40.40
N PRO A 438 9.66 6.88 -39.38
CA PRO A 438 9.91 5.63 -38.67
C PRO A 438 8.65 5.13 -37.97
N GLN A 439 7.81 6.05 -37.50
CA GLN A 439 6.63 5.66 -36.72
C GLN A 439 5.32 6.29 -37.20
N PRO A 440 4.19 5.63 -36.89
CA PRO A 440 4.20 4.32 -36.23
C PRO A 440 4.58 3.22 -37.20
N THR A 441 5.35 2.25 -36.73
CA THR A 441 5.58 1.11 -37.58
C THR A 441 4.21 0.51 -37.79
N LEU A 442 4.02 -0.13 -38.94
CA LEU A 442 2.77 -0.78 -39.25
C LEU A 442 2.97 -2.29 -39.22
N SER A 443 2.00 -3.02 -38.67
CA SER A 443 2.15 -4.46 -38.55
C SER A 443 0.92 -5.15 -39.07
N VAL A 444 1.06 -5.88 -40.18
CA VAL A 444 -0.07 -6.62 -40.71
C VAL A 444 -0.25 -7.92 -39.94
N LEU A 445 -1.42 -8.07 -39.31
CA LEU A 445 -1.79 -9.35 -38.72
C LEU A 445 -2.25 -10.21 -39.85
N TYR A 446 -1.28 -10.77 -40.57
CA TYR A 446 -1.58 -11.56 -41.75
C TYR A 446 -2.53 -12.70 -41.39
N ASP A 447 -3.62 -12.82 -42.15
CA ASP A 447 -4.61 -13.86 -41.93
C ASP A 447 -5.15 -14.25 -43.29
N GLU A 448 -5.50 -15.52 -43.47
CA GLU A 448 -6.00 -16.01 -44.76
C GLU A 448 -7.29 -15.30 -45.19
N LYS A 449 -8.03 -14.75 -44.23
CA LYS A 449 -9.27 -14.03 -44.53
C LYS A 449 -9.06 -12.62 -45.06
N THR A 450 -7.83 -12.14 -45.00
CA THR A 450 -7.55 -10.78 -45.40
C THR A 450 -7.77 -10.66 -46.91
N PRO A 451 -8.49 -9.61 -47.33
CA PRO A 451 -8.69 -9.39 -48.77
C PRO A 451 -7.37 -9.21 -49.50
N GLU A 452 -7.29 -9.73 -50.72
CA GLU A 452 -6.07 -9.60 -51.52
C GLU A 452 -5.68 -8.14 -51.73
N ASP A 453 -6.65 -7.27 -51.96
CA ASP A 453 -6.28 -5.91 -52.30
C ASP A 453 -5.63 -5.22 -51.12
N PHE A 454 -6.06 -5.56 -49.91
CA PHE A 454 -5.38 -5.01 -48.75
C PHE A 454 -3.98 -5.59 -48.59
N LEU A 455 -3.85 -6.90 -48.78
CA LEU A 455 -2.53 -7.55 -48.75
C LEU A 455 -1.57 -6.91 -49.77
N MET A 456 -2.07 -6.73 -50.99
CA MET A 456 -1.25 -6.11 -52.03
C MET A 456 -0.91 -4.67 -51.64
N LYS A 457 -1.89 -3.95 -51.12
CA LYS A 457 -1.66 -2.57 -50.71
C LYS A 457 -0.53 -2.55 -49.68
N ALA A 458 -0.64 -3.40 -48.67
CA ALA A 458 0.39 -3.48 -47.64
C ALA A 458 1.76 -3.80 -48.24
N ALA A 459 1.81 -4.82 -49.10
CA ALA A 459 3.07 -5.24 -49.71
C ALA A 459 3.70 -4.14 -50.56
N SER A 460 2.87 -3.35 -51.23
CA SER A 460 3.38 -2.29 -52.09
C SER A 460 4.07 -1.24 -51.23
N CYS A 461 3.68 -1.17 -49.97
CA CYS A 461 4.33 -0.28 -49.02
C CYS A 461 5.65 -0.88 -48.51
N THR A 462 5.59 -2.15 -48.16
CA THR A 462 6.76 -2.88 -47.69
C THR A 462 7.88 -2.90 -48.71
N LYS A 463 7.52 -3.05 -49.98
CA LYS A 463 8.55 -3.20 -50.99
C LYS A 463 9.37 -1.92 -51.14
N LEU A 464 8.85 -0.82 -50.59
CA LEU A 464 9.52 0.47 -50.62
C LEU A 464 10.80 0.51 -49.81
N GLY A 465 10.94 -0.42 -48.87
CA GLY A 465 12.14 -0.46 -48.03
C GLY A 465 12.08 0.47 -46.84
N LEU A 466 10.89 0.93 -46.48
CA LEU A 466 10.71 1.74 -45.29
C LEU A 466 10.76 0.83 -44.07
N GLY A 467 10.57 -0.47 -44.31
CA GLY A 467 10.61 -1.44 -43.23
C GLY A 467 9.23 -1.82 -42.76
N TYR A 468 8.24 -1.01 -43.12
CA TYR A 468 6.86 -1.28 -42.75
C TYR A 468 6.01 -1.33 -44.00
N PRO A 469 4.91 -2.09 -43.96
CA PRO A 469 4.49 -2.91 -42.80
C PRO A 469 5.38 -4.14 -42.59
N ALA A 470 5.56 -4.54 -41.33
CA ALA A 470 6.05 -5.87 -41.03
C ALA A 470 4.86 -6.81 -41.09
N TRP A 471 5.15 -8.10 -41.17
CA TRP A 471 4.14 -9.12 -41.37
C TRP A 471 4.18 -10.12 -40.23
N MET A 472 3.09 -10.21 -39.48
CA MET A 472 3.05 -11.12 -38.34
C MET A 472 1.90 -12.06 -38.51
N ASN A 473 2.05 -13.25 -37.96
CA ASN A 473 1.12 -14.33 -38.19
C ASN A 473 -0.08 -14.24 -37.24
N ASN A 474 -1.23 -13.80 -37.75
CA ASN A 474 -2.41 -13.70 -36.90
C ASN A 474 -2.73 -15.04 -36.22
N GLN A 475 -2.66 -16.11 -37.00
CA GLN A 475 -3.01 -17.41 -36.42
C GLN A 475 -2.03 -17.86 -35.34
N THR A 476 -0.74 -17.70 -35.61
CA THR A 476 0.24 -18.12 -34.61
C THR A 476 0.11 -17.30 -33.35
N GLY A 477 -0.11 -16.00 -33.51
CA GLY A 477 -0.29 -15.13 -32.37
C GLY A 477 -1.52 -15.51 -31.56
N MET A 478 -2.64 -15.76 -32.24
CA MET A 478 -3.84 -16.15 -31.52
C MET A 478 -3.61 -17.46 -30.78
N ASN A 479 -2.86 -18.35 -31.41
CA ASN A 479 -2.55 -19.62 -30.76
C ASN A 479 -1.75 -19.39 -29.48
N PHE A 480 -0.69 -18.59 -29.57
CA PHE A 480 0.07 -18.26 -28.38
C PHE A 480 -0.84 -17.67 -27.30
N MET A 481 -1.80 -16.85 -27.72
CA MET A 481 -2.72 -16.21 -26.78
C MET A 481 -3.52 -17.26 -26.02
N MET A 482 -4.15 -18.18 -26.77
CA MET A 482 -4.90 -19.28 -26.19
C MET A 482 -4.04 -20.17 -25.27
N ARG A 483 -2.83 -20.48 -25.71
CA ARG A 483 -1.91 -21.24 -24.88
C ARG A 483 -1.49 -20.48 -23.62
N ASN A 484 -0.97 -19.27 -23.78
CA ASN A 484 -0.37 -18.60 -22.64
C ASN A 484 -1.41 -18.08 -21.66
N TYR A 485 -2.52 -17.60 -22.20
CA TYR A 485 -3.52 -16.95 -21.36
C TYR A 485 -4.74 -17.83 -21.10
N GLY A 486 -4.69 -19.06 -21.58
CA GLY A 486 -5.72 -20.04 -21.30
C GLY A 486 -6.09 -20.13 -19.83
N PRO A 487 -5.08 -20.20 -18.94
CA PRO A 487 -5.39 -20.32 -17.52
C PRO A 487 -6.16 -19.14 -16.98
N GLU A 488 -6.09 -17.99 -17.66
CA GLU A 488 -6.87 -16.84 -17.24
C GLU A 488 -8.21 -16.72 -17.98
N GLY A 489 -8.56 -17.72 -18.77
CA GLY A 489 -9.85 -17.72 -19.43
C GLY A 489 -9.86 -17.16 -20.84
N MET A 490 -8.67 -16.90 -21.37
CA MET A 490 -8.58 -16.41 -22.76
C MET A 490 -9.50 -17.25 -23.65
N ASP A 491 -10.38 -16.58 -24.41
CA ASP A 491 -11.26 -17.26 -25.36
C ASP A 491 -10.98 -16.82 -26.78
N LEU A 492 -11.67 -17.40 -27.76
CA LEU A 492 -11.41 -17.07 -29.17
C LEU A 492 -11.66 -15.61 -29.44
N HIS A 493 -12.71 -15.08 -28.83
CA HIS A 493 -13.04 -13.68 -29.03
C HIS A 493 -11.90 -12.76 -28.58
N ASP A 494 -11.45 -12.87 -27.34
CA ASP A 494 -10.33 -12.02 -26.90
C ASP A 494 -9.05 -12.34 -27.67
N ALA A 495 -8.85 -13.62 -28.02
CA ALA A 495 -7.64 -13.99 -28.74
C ALA A 495 -7.57 -13.22 -30.06
N ARG A 496 -8.73 -13.08 -30.70
CA ARG A 496 -8.78 -12.37 -31.98
C ARG A 496 -8.42 -10.89 -31.84
N ALA A 497 -8.54 -10.36 -30.63
CA ALA A 497 -8.29 -8.93 -30.41
C ALA A 497 -6.81 -8.67 -30.13
N TRP A 498 -6.02 -9.73 -30.13
CA TRP A 498 -4.59 -9.57 -29.84
C TRP A 498 -3.93 -8.69 -30.89
N CYS A 499 -2.79 -8.10 -30.55
CA CYS A 499 -1.84 -7.60 -31.55
C CYS A 499 -0.51 -7.34 -30.87
N LEU A 500 0.40 -6.66 -31.57
CA LEU A 500 1.78 -6.54 -31.10
C LEU A 500 1.93 -5.42 -30.10
N GLY A 501 2.36 -5.78 -28.89
CA GLY A 501 2.89 -4.79 -27.97
C GLY A 501 4.31 -4.47 -28.40
N GLY A 502 4.71 -3.21 -28.29
CA GLY A 502 6.03 -2.82 -28.72
C GLY A 502 6.29 -3.30 -30.14
N CYS A 503 7.48 -3.84 -30.39
CA CYS A 503 7.80 -4.38 -31.71
C CYS A 503 7.03 -5.66 -32.03
N LEU A 504 7.32 -6.73 -31.29
CA LEU A 504 6.72 -8.06 -31.55
C LEU A 504 6.16 -8.71 -30.30
N GLU A 505 5.87 -7.94 -29.28
CA GLU A 505 5.47 -8.57 -28.00
C GLU A 505 3.98 -8.79 -28.01
N SER A 506 3.61 -9.94 -28.56
CA SER A 506 2.22 -10.31 -28.71
C SER A 506 1.51 -10.00 -27.40
N ALA A 507 0.50 -9.13 -27.45
CA ALA A 507 -0.15 -8.69 -26.24
C ALA A 507 -1.64 -8.98 -26.28
N PRO A 508 -2.19 -9.40 -25.15
CA PRO A 508 -3.62 -9.69 -25.05
C PRO A 508 -4.44 -8.47 -25.37
N GLY A 509 -5.60 -8.71 -25.96
CA GLY A 509 -6.56 -7.64 -26.20
C GLY A 509 -7.94 -8.18 -25.94
N CYS A 510 -8.94 -7.33 -26.12
CA CYS A 510 -10.33 -7.75 -26.12
C CYS A 510 -11.07 -6.73 -26.93
N PHE A 511 -12.31 -7.06 -27.29
CA PHE A 511 -13.21 -6.16 -27.99
C PHE A 511 -14.22 -5.57 -27.00
N LEU A 512 -14.50 -4.28 -27.12
CA LEU A 512 -15.51 -3.65 -26.28
C LEU A 512 -16.50 -2.89 -27.16
N PRO A 513 -17.75 -2.79 -26.69
CA PRO A 513 -18.82 -2.27 -27.57
C PRO A 513 -18.84 -0.74 -27.60
N LEU A 514 -18.32 -0.18 -28.68
CA LEU A 514 -18.37 1.27 -28.87
C LEU A 514 -19.70 1.63 -29.52
N GLU A 515 -20.53 2.41 -28.84
CA GLU A 515 -21.72 2.93 -29.52
C GLU A 515 -21.40 4.26 -30.18
N TYR A 516 -21.78 4.36 -31.44
CA TYR A 516 -21.49 5.55 -32.20
C TYR A 516 -22.31 5.49 -33.46
N ASN A 517 -22.85 6.63 -33.86
CA ASN A 517 -23.55 6.69 -35.13
C ASN A 517 -24.68 5.67 -35.16
N GLY A 518 -25.35 5.50 -34.03
CA GLY A 518 -26.52 4.65 -33.94
C GLY A 518 -26.25 3.16 -34.04
N LYS A 519 -25.00 2.76 -33.95
CA LYS A 519 -24.68 1.34 -34.04
C LYS A 519 -23.66 0.99 -32.97
N VAL A 520 -23.51 -0.29 -32.71
CA VAL A 520 -22.47 -0.74 -31.80
C VAL A 520 -21.40 -1.48 -32.57
N THR A 521 -20.16 -1.07 -32.39
CA THR A 521 -19.04 -1.73 -33.02
C THR A 521 -18.10 -2.26 -31.94
N MET A 522 -17.79 -3.54 -32.01
CA MET A 522 -16.82 -4.17 -31.12
C MET A 522 -15.42 -3.79 -31.58
N ILE A 523 -14.80 -2.85 -30.87
CA ILE A 523 -13.48 -2.35 -31.24
C ILE A 523 -12.43 -2.99 -30.36
N PRO A 524 -11.27 -3.29 -30.94
CA PRO A 524 -10.19 -3.94 -30.20
C PRO A 524 -9.47 -2.96 -29.28
N GLY A 525 -8.73 -3.51 -28.32
CA GLY A 525 -7.90 -2.70 -27.45
C GLY A 525 -7.15 -3.65 -26.54
N GLY A 526 -6.04 -3.19 -26.00
CA GLY A 526 -5.19 -4.07 -25.23
C GLY A 526 -5.84 -4.43 -23.92
N ALA A 527 -5.45 -5.59 -23.38
CA ALA A 527 -6.11 -6.10 -22.18
C ALA A 527 -5.13 -6.72 -21.18
N SER A 528 -3.85 -6.36 -21.28
CA SER A 528 -2.87 -6.79 -20.28
C SER A 528 -1.95 -5.64 -19.91
N PRO A 529 -1.19 -5.80 -18.82
CA PRO A 529 -0.07 -4.86 -18.62
C PRO A 529 1.12 -5.25 -19.50
N THR A 530 2.31 -4.81 -19.12
CA THR A 530 3.47 -4.98 -19.98
C THR A 530 3.74 -6.44 -20.36
N CYS A 531 3.99 -6.71 -21.64
CA CYS A 531 4.39 -8.05 -22.11
C CYS A 531 5.83 -8.06 -22.60
N GLY A 532 6.70 -7.31 -21.92
CA GLY A 532 8.09 -7.20 -22.33
C GLY A 532 8.90 -6.74 -21.14
N THR A 533 8.70 -7.44 -20.04
CA THR A 533 9.21 -7.07 -18.73
C THR A 533 9.41 -8.38 -17.97
N GLY A 534 10.38 -8.38 -17.07
CA GLY A 534 10.68 -9.58 -16.29
C GLY A 534 12.18 -9.80 -16.32
N VAL A 535 12.59 -10.93 -16.89
CA VAL A 535 14.01 -11.15 -17.15
C VAL A 535 14.38 -10.60 -18.52
N HIS A 536 15.09 -9.49 -18.54
CA HIS A 536 15.40 -8.82 -19.79
C HIS A 536 16.58 -9.47 -20.49
N PHE A 537 16.72 -9.13 -21.77
CA PHE A 537 17.69 -9.73 -22.67
C PHE A 537 18.89 -10.35 -21.99
N ILE A 538 18.94 -11.66 -22.10
CA ILE A 538 20.08 -12.43 -21.64
C ILE A 538 20.95 -12.78 -22.85
N GLY A 539 22.19 -12.32 -22.85
CA GLY A 539 23.13 -12.63 -23.93
C GLY A 539 23.54 -14.10 -23.89
N MET A 540 22.74 -14.95 -24.51
CA MET A 540 22.99 -16.39 -24.47
C MET A 540 24.38 -16.86 -24.96
N PRO A 541 24.93 -16.23 -26.00
CA PRO A 541 26.30 -16.58 -26.41
C PRO A 541 27.32 -16.21 -25.33
N LYS A 542 27.04 -15.17 -24.58
CA LYS A 542 27.94 -14.76 -23.50
C LYS A 542 27.91 -15.76 -22.37
N VAL A 543 26.72 -16.24 -22.05
CA VAL A 543 26.59 -17.27 -21.03
C VAL A 543 27.37 -18.50 -21.48
N LEU A 544 27.31 -18.81 -22.77
CA LEU A 544 28.05 -19.94 -23.32
C LEU A 544 29.55 -19.70 -23.18
N GLU A 545 29.97 -18.48 -23.48
CA GLU A 545 31.36 -18.09 -23.30
C GLU A 545 31.83 -18.45 -21.88
N LEU A 546 31.04 -18.06 -20.89
CA LEU A 546 31.43 -18.24 -19.49
C LEU A 546 31.38 -19.69 -19.03
N VAL A 547 30.59 -20.52 -19.72
CA VAL A 547 30.68 -21.96 -19.54
C VAL A 547 32.08 -22.40 -19.94
N LEU A 548 32.52 -21.96 -21.12
CA LEU A 548 33.85 -22.31 -21.61
C LEU A 548 35.00 -21.71 -20.78
N THR A 549 34.78 -20.54 -20.20
CA THR A 549 35.82 -19.88 -19.41
C THR A 549 35.59 -20.03 -17.90
N ASN A 550 34.81 -21.02 -17.52
CA ASN A 550 34.63 -21.40 -16.11
C ASN A 550 34.12 -20.28 -15.21
N GLY A 551 33.18 -19.51 -15.72
CA GLY A 551 32.49 -18.49 -14.94
C GLY A 551 33.18 -17.14 -14.93
N LEU A 552 34.38 -17.10 -15.48
CA LEU A 552 35.20 -15.89 -15.48
C LEU A 552 35.01 -15.13 -16.79
N ASP A 553 34.69 -13.84 -16.68
CA ASP A 553 34.53 -12.99 -17.85
C ASP A 553 35.90 -12.49 -18.28
N LYS A 554 36.46 -13.11 -19.30
CA LYS A 554 37.83 -12.80 -19.73
C LYS A 554 37.91 -11.42 -20.37
N ARG A 555 36.76 -10.84 -20.72
CA ARG A 555 36.73 -9.50 -21.28
C ARG A 555 37.02 -8.46 -20.20
N THR A 556 36.54 -8.73 -18.99
CA THR A 556 36.68 -7.76 -17.90
C THR A 556 37.61 -8.24 -16.80
N GLY A 557 37.85 -9.55 -16.75
CA GLY A 557 38.65 -10.14 -15.70
C GLY A 557 37.84 -10.49 -14.46
N LYS A 558 36.55 -10.18 -14.50
CA LYS A 558 35.68 -10.38 -13.35
C LYS A 558 35.06 -11.78 -13.33
N GLN A 559 35.11 -12.44 -12.18
CA GLN A 559 34.45 -13.72 -12.04
C GLN A 559 32.95 -13.49 -11.89
N VAL A 560 32.19 -13.94 -12.88
CA VAL A 560 30.75 -13.64 -12.91
C VAL A 560 29.87 -14.73 -12.32
N TYR A 561 30.11 -15.98 -12.73
CA TYR A 561 29.43 -17.12 -12.14
C TYR A 561 30.39 -17.91 -11.27
N PRO A 562 29.85 -18.66 -10.31
CA PRO A 562 30.73 -19.56 -9.55
C PRO A 562 31.38 -20.54 -10.51
N PRO A 563 32.72 -20.67 -10.45
CA PRO A 563 33.37 -21.57 -11.40
C PRO A 563 32.75 -22.96 -11.25
N HIS A 564 32.46 -23.62 -12.36
CA HIS A 564 31.88 -24.96 -12.28
C HIS A 564 32.97 -26.03 -12.16
N ASN A 565 34.16 -25.73 -12.65
CA ASN A 565 35.30 -26.66 -12.58
C ASN A 565 35.01 -28.02 -13.21
N LYS A 566 34.07 -28.05 -14.14
CA LYS A 566 33.78 -29.28 -14.87
C LYS A 566 34.71 -29.39 -16.07
N LYS A 567 35.32 -30.55 -16.24
CA LYS A 567 35.94 -30.87 -17.51
C LYS A 567 34.82 -30.98 -18.55
N LEU A 568 34.88 -30.16 -19.58
CA LEU A 568 33.92 -30.24 -20.66
C LEU A 568 34.28 -31.41 -21.56
N ASP A 569 33.91 -32.60 -21.08
CA ASP A 569 34.29 -33.87 -21.66
C ASP A 569 33.34 -34.30 -22.77
N SER A 570 32.21 -33.62 -22.87
CA SER A 570 31.20 -33.95 -23.87
C SER A 570 30.33 -32.75 -24.21
N TYR A 571 29.70 -32.80 -25.38
CA TYR A 571 28.73 -31.80 -25.76
C TYR A 571 27.67 -31.66 -24.64
N GLU A 572 27.11 -32.78 -24.22
CA GLU A 572 26.09 -32.80 -23.18
C GLU A 572 26.53 -32.09 -21.89
N THR A 573 27.78 -32.33 -21.47
CA THR A 573 28.26 -31.69 -20.24
C THR A 573 28.29 -30.19 -20.40
N MET A 574 28.85 -29.73 -21.53
CA MET A 574 28.91 -28.31 -21.82
C MET A 574 27.52 -27.69 -21.90
N VAL A 575 26.62 -28.30 -22.65
CA VAL A 575 25.26 -27.78 -22.78
C VAL A 575 24.53 -27.77 -21.42
N ASN A 576 24.67 -28.85 -20.66
CA ASN A 576 24.14 -28.88 -19.29
C ASN A 576 24.69 -27.77 -18.41
N GLN A 577 25.97 -27.45 -18.55
CA GLN A 577 26.51 -26.35 -17.75
C GLN A 577 25.95 -25.00 -18.21
N TRP A 578 25.70 -24.89 -19.51
CA TRP A 578 25.04 -23.69 -20.03
C TRP A 578 23.64 -23.56 -19.42
N LYS A 579 22.89 -24.64 -19.43
CA LYS A 579 21.56 -24.66 -18.85
C LYS A 579 21.62 -24.25 -17.38
N GLU A 580 22.60 -24.80 -16.67
CA GLU A 580 22.71 -24.52 -15.25
C GLU A 580 22.96 -23.03 -15.02
N TYR A 581 23.87 -22.46 -15.79
CA TYR A 581 24.16 -21.03 -15.73
C TYR A 581 22.95 -20.18 -16.17
N MET A 582 22.20 -20.70 -17.15
CA MET A 582 21.02 -19.98 -17.66
C MET A 582 19.92 -19.94 -16.59
N GLU A 583 19.73 -21.06 -15.91
CA GLU A 583 18.72 -21.14 -14.87
C GLU A 583 19.07 -20.29 -13.64
N LEU A 584 20.34 -20.28 -13.25
CA LEU A 584 20.82 -19.43 -12.17
C LEU A 584 20.61 -17.95 -12.51
N THR A 585 20.97 -17.61 -13.73
CA THR A 585 20.81 -16.27 -14.22
C THR A 585 19.33 -15.89 -14.17
N THR A 586 18.49 -16.77 -14.68
CA THR A 586 17.07 -16.48 -14.79
C THR A 586 16.51 -16.30 -13.39
N ASP A 587 16.84 -17.24 -12.52
CA ASP A 587 16.41 -17.20 -11.13
C ASP A 587 16.72 -15.88 -10.41
N VAL A 588 17.98 -15.44 -10.39
CA VAL A 588 18.33 -14.26 -9.61
C VAL A 588 17.84 -12.98 -10.25
N VAL A 589 17.80 -12.94 -11.57
CA VAL A 589 17.30 -11.74 -12.22
C VAL A 589 15.80 -11.65 -11.99
N ASN A 590 15.15 -12.80 -12.09
CA ASN A 590 13.70 -12.86 -11.91
C ASN A 590 13.31 -12.36 -10.54
N ARG A 591 14.03 -12.83 -9.53
CA ARG A 591 13.70 -12.43 -8.18
C ARG A 591 13.89 -10.93 -8.01
N CYS A 592 14.98 -10.39 -8.54
CA CYS A 592 15.21 -8.97 -8.37
C CYS A 592 14.23 -8.16 -9.20
N ASN A 593 13.96 -8.59 -10.43
CA ASN A 593 13.05 -7.84 -11.28
C ASN A 593 11.60 -7.92 -10.82
N ASN A 594 11.24 -9.02 -10.16
CA ASN A 594 9.95 -9.07 -9.48
C ASN A 594 9.82 -7.99 -8.44
N ILE A 595 10.89 -7.78 -7.66
CA ILE A 595 10.87 -6.81 -6.59
C ILE A 595 10.75 -5.43 -7.23
N GLN A 596 11.50 -5.22 -8.30
CA GLN A 596 11.48 -3.95 -9.00
C GLN A 596 10.06 -3.59 -9.41
N MET A 597 9.38 -4.51 -10.08
CA MET A 597 8.07 -4.23 -10.63
C MET A 597 7.05 -4.25 -9.51
N ASP A 598 7.32 -5.02 -8.47
CA ASP A 598 6.37 -5.09 -7.37
C ASP A 598 6.35 -3.77 -6.59
N ILE A 599 7.54 -3.24 -6.31
CA ILE A 599 7.65 -1.92 -5.69
C ILE A 599 6.98 -0.89 -6.57
N TRP A 600 7.29 -0.92 -7.86
CA TRP A 600 6.63 -0.05 -8.82
C TRP A 600 5.10 -0.17 -8.79
N ARG A 601 4.57 -1.38 -8.83
CA ARG A 601 3.12 -1.51 -8.90
C ARG A 601 2.43 -1.13 -7.60
N LYS A 602 3.15 -1.14 -6.48
CA LYS A 602 2.59 -0.77 -5.17
C LYS A 602 2.69 0.72 -4.81
N TYR A 603 3.76 1.38 -5.25
CA TYR A 603 4.03 2.77 -4.86
C TYR A 603 4.01 3.72 -6.05
N ASN A 604 3.70 3.18 -7.23
CA ASN A 604 3.85 3.89 -8.48
C ASN A 604 3.00 3.30 -9.58
N MET A 605 1.80 2.85 -9.21
CA MET A 605 0.92 2.14 -10.14
C MET A 605 0.38 3.06 -11.23
N PRO A 606 0.00 2.48 -12.37
CA PRO A 606 -0.47 3.36 -13.46
C PRO A 606 -1.74 4.11 -13.07
N ALA A 607 -1.83 5.38 -13.44
CA ALA A 607 -3.06 6.14 -13.26
C ALA A 607 -3.86 6.16 -14.56
N VAL A 608 -3.25 6.71 -15.60
CA VAL A 608 -3.91 6.82 -16.88
C VAL A 608 -4.21 5.42 -17.44
N ASN A 609 -3.20 4.55 -17.44
CA ASN A 609 -3.39 3.21 -18.01
C ASN A 609 -4.38 2.37 -17.19
N SER A 610 -4.47 2.63 -15.89
CA SER A 610 -5.45 1.95 -15.04
C SER A 610 -6.86 2.41 -15.29
N LEU A 611 -7.01 3.63 -15.82
CA LEU A 611 -8.32 4.08 -16.24
C LEU A 611 -8.68 3.34 -17.52
N LEU A 612 -7.76 3.34 -18.49
CA LEU A 612 -8.01 2.81 -19.82
C LEU A 612 -8.08 1.27 -19.92
N LYS A 613 -7.24 0.57 -19.17
CA LYS A 613 -7.05 -0.86 -19.45
C LYS A 613 -8.18 -1.73 -18.87
N PRO A 614 -8.92 -2.47 -19.71
CA PRO A 614 -9.92 -3.33 -19.08
C PRO A 614 -9.18 -4.48 -18.36
N ASP A 615 -9.68 -5.02 -17.25
CA ASP A 615 -10.99 -4.72 -16.67
C ASP A 615 -10.85 -3.90 -15.40
N CYS A 616 -9.92 -2.96 -15.41
CA CYS A 616 -9.65 -2.21 -14.20
C CYS A 616 -10.89 -1.48 -13.73
N PHE A 617 -11.53 -0.76 -14.64
CA PHE A 617 -12.64 0.07 -14.23
C PHE A 617 -13.81 -0.76 -13.76
N LYS A 618 -14.02 -1.89 -14.44
CA LYS A 618 -15.12 -2.76 -14.11
C LYS A 618 -14.95 -3.42 -12.75
N LYS A 619 -13.72 -3.79 -12.43
CA LYS A 619 -13.44 -4.43 -11.16
C LYS A 619 -13.08 -3.47 -10.03
N GLY A 620 -12.79 -2.22 -10.36
CA GLY A 620 -12.29 -1.29 -9.35
C GLY A 620 -10.93 -1.68 -8.82
N LYS A 621 -10.07 -2.20 -9.70
CA LYS A 621 -8.68 -2.55 -9.38
C LYS A 621 -7.80 -1.90 -10.43
N HIS A 622 -6.68 -1.31 -10.02
CA HIS A 622 -5.76 -0.78 -11.01
C HIS A 622 -4.83 -1.88 -11.53
N ILE A 623 -3.91 -1.48 -12.41
CA ILE A 623 -3.02 -2.43 -13.05
C ILE A 623 -2.13 -3.17 -12.04
N GLY A 624 -1.77 -2.46 -10.97
CA GLY A 624 -0.92 -3.04 -9.95
C GLY A 624 -1.60 -4.18 -9.21
N THR A 625 -2.92 -4.09 -9.05
CA THR A 625 -3.68 -5.08 -8.30
C THR A 625 -4.48 -5.99 -9.24
N MET A 626 -3.92 -6.17 -10.43
CA MET A 626 -4.39 -7.12 -11.42
C MET A 626 -5.76 -6.76 -11.95
N GLY A 627 -6.02 -5.47 -12.05
CA GLY A 627 -7.23 -5.04 -12.73
C GLY A 627 -7.22 -5.44 -14.19
N ALA A 628 -6.05 -5.53 -14.83
CA ALA A 628 -6.05 -5.86 -16.25
C ALA A 628 -6.66 -7.25 -16.42
N ARG A 629 -7.25 -7.53 -17.58
CA ARG A 629 -7.92 -8.82 -17.78
C ARG A 629 -6.90 -9.97 -17.79
N TYR A 630 -5.73 -9.72 -18.35
CA TYR A 630 -4.75 -10.76 -18.52
C TYR A 630 -3.41 -10.34 -17.94
N ASN A 631 -2.93 -11.12 -16.99
CA ASN A 631 -1.75 -10.75 -16.24
C ASN A 631 -0.59 -11.75 -16.33
N SER A 632 -0.74 -12.77 -17.15
CA SER A 632 0.37 -13.69 -17.41
C SER A 632 1.26 -13.11 -18.51
N CYS A 633 1.68 -11.86 -18.33
CA CYS A 633 2.34 -11.09 -19.39
C CYS A 633 3.85 -11.02 -19.19
N ILE A 634 4.29 -11.25 -17.96
CA ILE A 634 5.70 -11.10 -17.61
C ILE A 634 6.50 -12.25 -18.19
N ASN A 635 7.73 -11.97 -18.62
CA ASN A 635 8.46 -12.95 -19.39
C ASN A 635 9.99 -12.93 -19.26
N PHE A 636 10.63 -13.71 -20.13
CA PHE A 636 12.07 -13.86 -20.18
C PHE A 636 12.46 -13.50 -21.60
N GLU A 637 13.43 -12.61 -21.75
CA GLU A 637 13.94 -12.20 -23.06
C GLU A 637 15.28 -12.86 -23.36
N SER A 638 15.34 -13.61 -24.45
CA SER A 638 16.61 -14.16 -24.92
C SER A 638 17.26 -13.13 -25.84
N CYS A 639 18.53 -13.36 -26.19
CA CYS A 639 19.20 -12.52 -27.17
C CYS A 639 20.38 -13.32 -27.70
N GLY A 640 20.62 -13.22 -29.00
CA GLY A 640 21.72 -13.93 -29.60
C GLY A 640 21.42 -15.39 -29.84
N THR A 641 20.16 -15.74 -30.09
CA THR A 641 19.76 -17.13 -30.24
C THR A 641 20.57 -17.86 -31.31
N ILE A 642 20.69 -17.24 -32.47
CA ILE A 642 21.32 -17.91 -33.61
C ILE A 642 22.85 -17.96 -33.47
N THR A 643 23.43 -16.85 -33.04
CA THR A 643 24.83 -16.84 -32.68
C THR A 643 25.08 -18.01 -31.74
N PHE A 644 24.16 -18.19 -30.80
CA PHE A 644 24.28 -19.23 -29.79
C PHE A 644 24.16 -20.61 -30.38
N VAL A 645 23.10 -20.83 -31.17
CA VAL A 645 22.89 -22.13 -31.78
C VAL A 645 24.04 -22.48 -32.73
N ASN A 646 24.50 -21.48 -33.49
CA ASN A 646 25.57 -21.73 -34.45
C ASN A 646 26.87 -22.09 -33.74
N SER A 647 27.13 -21.41 -32.62
CA SER A 647 28.26 -21.73 -31.76
C SER A 647 28.21 -23.16 -31.21
N LEU A 648 27.03 -23.59 -30.77
CA LEU A 648 26.88 -24.97 -30.33
C LEU A 648 27.13 -25.95 -31.47
N SER A 649 26.63 -25.60 -32.66
CA SER A 649 26.83 -26.44 -33.82
C SER A 649 28.31 -26.61 -34.10
N SER A 650 29.06 -25.52 -34.01
CA SER A 650 30.50 -25.50 -34.28
C SER A 650 31.25 -26.32 -33.26
N ILE A 651 30.98 -26.06 -31.99
CA ILE A 651 31.62 -26.81 -30.93
C ILE A 651 31.29 -28.29 -31.04
N LYS A 652 30.02 -28.62 -31.21
CA LYS A 652 29.65 -30.01 -31.32
C LYS A 652 30.34 -30.69 -32.51
N LYS A 653 30.39 -29.99 -33.64
CA LYS A 653 30.95 -30.56 -34.86
C LYS A 653 32.46 -30.69 -34.72
N ASN A 654 33.09 -29.56 -34.44
CA ASN A 654 34.53 -29.43 -34.49
C ASN A 654 35.26 -30.01 -33.30
N VAL A 655 34.62 -29.97 -32.14
CA VAL A 655 35.22 -30.52 -30.93
C VAL A 655 34.76 -31.95 -30.58
N PHE A 656 33.45 -32.15 -30.46
CA PHE A 656 32.94 -33.41 -29.89
C PHE A 656 32.57 -34.50 -30.88
N ASP A 657 32.11 -34.12 -32.06
CA ASP A 657 31.78 -35.12 -33.07
C ASP A 657 33.01 -35.52 -33.86
N ASP A 658 33.61 -34.56 -34.57
CA ASP A 658 34.75 -34.83 -35.44
C ASP A 658 36.06 -34.85 -34.65
N SER A 659 36.03 -34.37 -33.43
CA SER A 659 37.20 -34.37 -32.56
C SER A 659 38.42 -33.81 -33.28
N LYS A 660 38.18 -32.92 -34.24
CA LYS A 660 39.26 -32.30 -34.98
C LYS A 660 39.99 -31.29 -34.11
N PHE A 661 39.32 -30.81 -33.07
CA PHE A 661 39.92 -29.83 -32.17
C PHE A 661 39.52 -30.13 -30.74
N THR A 662 40.32 -29.67 -29.79
CA THR A 662 40.01 -29.85 -28.39
C THR A 662 39.22 -28.66 -27.92
N ILE A 663 38.46 -28.83 -26.84
CA ILE A 663 37.68 -27.74 -26.29
C ILE A 663 38.63 -26.62 -25.84
N GLU A 664 39.83 -26.99 -25.40
CA GLU A 664 40.84 -25.99 -25.04
C GLU A 664 41.29 -25.20 -26.26
N GLU A 665 41.49 -25.89 -27.37
CA GLU A 665 41.81 -25.24 -28.64
C GLU A 665 40.72 -24.25 -29.06
N MET A 666 39.47 -24.71 -29.01
CA MET A 666 38.35 -23.85 -29.37
C MET A 666 38.30 -22.63 -28.48
N THR A 667 38.44 -22.87 -27.19
CA THR A 667 38.36 -21.80 -26.21
C THR A 667 39.48 -20.79 -26.40
N ASP A 668 40.70 -21.31 -26.59
CA ASP A 668 41.83 -20.45 -26.87
C ASP A 668 41.59 -19.61 -28.12
N ALA A 669 41.08 -20.26 -29.16
CA ALA A 669 40.85 -19.56 -30.43
C ALA A 669 39.83 -18.44 -30.24
N MET A 670 38.76 -18.74 -29.51
CA MET A 670 37.76 -17.72 -29.23
C MET A 670 38.38 -16.57 -28.44
N LEU A 671 39.10 -16.92 -27.38
CA LEU A 671 39.67 -15.91 -26.50
C LEU A 671 40.64 -14.98 -27.22
N ASN A 672 41.35 -15.55 -28.20
CA ASN A 672 42.26 -14.77 -29.04
C ASN A 672 41.64 -14.24 -30.33
N ASN A 673 40.31 -14.29 -30.42
CA ASN A 673 39.62 -13.69 -31.56
C ASN A 673 40.10 -14.24 -32.89
N PHE A 674 40.51 -15.50 -32.90
CA PHE A 674 41.04 -16.17 -34.09
C PHE A 674 42.17 -15.39 -34.75
N GLY A 675 42.91 -14.64 -33.93
CA GLY A 675 44.08 -13.93 -34.40
C GLY A 675 43.76 -12.61 -35.05
N PHE A 676 42.47 -12.34 -35.25
CA PHE A 676 42.06 -11.08 -35.87
C PHE A 676 42.05 -9.96 -34.86
N LYS A 677 42.16 -8.74 -35.36
CA LYS A 677 42.04 -7.56 -34.53
C LYS A 677 40.60 -7.49 -34.03
N THR A 678 40.41 -7.00 -32.81
CA THR A 678 39.07 -6.96 -32.24
C THR A 678 38.31 -5.70 -32.63
N ALA A 679 36.98 -5.78 -32.57
CA ALA A 679 36.13 -4.62 -32.78
C ALA A 679 36.44 -3.52 -31.76
N TYR A 680 37.05 -3.90 -30.63
CA TYR A 680 37.38 -2.90 -29.62
C TYR A 680 38.48 -1.99 -30.15
N GLU A 681 39.18 -2.46 -31.18
CA GLU A 681 40.25 -1.69 -31.79
C GLU A 681 39.81 -1.15 -33.15
N THR A 682 39.09 -1.97 -33.90
CA THR A 682 38.75 -1.62 -35.27
C THR A 682 37.42 -0.88 -35.40
N GLU A 683 36.54 -1.08 -34.42
CA GLU A 683 35.21 -0.48 -34.45
C GLU A 683 34.45 -0.88 -35.70
N VAL A 684 34.70 -2.10 -36.17
CA VAL A 684 33.83 -2.73 -37.14
C VAL A 684 33.13 -3.87 -36.44
N PHE A 685 31.82 -3.83 -36.47
CA PHE A 685 31.02 -4.69 -35.60
C PHE A 685 30.26 -5.76 -36.36
N SER A 686 30.75 -6.08 -37.55
CA SER A 686 30.20 -7.14 -38.37
C SER A 686 31.37 -7.97 -38.87
N PRO A 687 31.09 -9.10 -39.52
CA PRO A 687 32.15 -9.90 -40.14
C PRO A 687 32.67 -9.18 -41.39
N ASP A 688 32.20 -7.96 -41.59
CA ASP A 688 32.48 -7.22 -42.81
C ASP A 688 33.96 -6.97 -43.05
N PHE A 689 34.79 -7.16 -42.03
CA PHE A 689 36.20 -6.88 -42.25
C PHE A 689 37.24 -7.90 -41.82
N ARG A 690 37.37 -8.16 -40.52
CA ARG A 690 38.45 -9.02 -40.07
C ARG A 690 39.79 -8.44 -40.52
N GLU A 691 40.33 -7.50 -39.74
CA GLU A 691 41.67 -6.99 -40.03
C GLU A 691 42.67 -8.11 -39.76
N SER A 692 43.10 -8.75 -40.84
CA SER A 692 43.76 -10.07 -40.78
C SER A 692 45.14 -10.07 -40.12
N THR A 693 45.16 -9.95 -38.80
CA THR A 693 46.42 -9.92 -38.07
C THR A 693 47.19 -11.24 -38.18
N ASP A 694 48.39 -11.11 -38.73
CA ASP A 694 49.49 -12.08 -38.60
C ASP A 694 49.20 -13.36 -37.80
N LYS A 695 48.71 -13.16 -36.58
CA LYS A 695 48.38 -14.26 -35.66
C LYS A 695 47.19 -15.09 -36.13
N SER A 696 46.47 -14.60 -37.13
CA SER A 696 45.28 -15.28 -37.63
C SER A 696 45.63 -16.62 -38.26
N THR A 697 46.75 -16.67 -38.99
CA THR A 697 47.20 -17.92 -39.61
C THR A 697 47.29 -18.99 -38.53
N LYS A 698 47.67 -18.58 -37.32
CA LYS A 698 47.71 -19.52 -36.22
C LYS A 698 46.36 -20.22 -36.07
N TYR A 699 45.29 -19.45 -36.22
CA TYR A 699 43.94 -19.96 -36.00
C TYR A 699 43.17 -20.21 -37.29
N GLU A 700 43.81 -19.94 -38.42
CA GLU A 700 43.10 -19.99 -39.70
C GLU A 700 42.33 -21.31 -39.88
N LYS A 701 42.92 -22.42 -39.47
CA LYS A 701 42.29 -23.72 -39.66
C LYS A 701 41.05 -23.89 -38.78
N ILE A 702 41.20 -23.62 -37.49
CA ILE A 702 40.06 -23.75 -36.58
C ILE A 702 38.98 -22.74 -36.97
N PHE A 703 39.42 -21.55 -37.37
CA PHE A 703 38.49 -20.50 -37.77
C PHE A 703 37.67 -20.92 -38.98
N ALA A 704 38.30 -21.54 -39.96
CA ALA A 704 37.57 -22.07 -41.10
C ALA A 704 36.62 -23.19 -40.68
N ALA A 705 37.04 -24.02 -39.74
CA ALA A 705 36.18 -25.10 -39.26
C ALA A 705 34.96 -24.48 -38.59
N CYS A 706 35.17 -23.39 -37.87
CA CYS A 706 34.08 -22.69 -37.20
C CYS A 706 33.12 -22.04 -38.19
N VAL A 707 33.65 -21.33 -39.16
CA VAL A 707 32.79 -20.67 -40.16
C VAL A 707 32.02 -21.75 -40.93
N ASN A 708 32.70 -22.86 -41.19
CA ASN A 708 32.17 -23.90 -42.07
C ASN A 708 31.22 -24.90 -41.42
N ALA A 709 31.20 -24.94 -40.09
CA ALA A 709 30.31 -25.86 -39.38
C ALA A 709 28.85 -25.55 -39.73
N PRO A 710 27.97 -26.55 -39.63
CA PRO A 710 26.60 -26.30 -40.07
C PRO A 710 26.02 -25.06 -39.38
N LYS A 711 25.28 -24.28 -40.16
CA LYS A 711 24.74 -23.02 -39.68
C LYS A 711 23.24 -23.08 -39.72
N TYR A 712 22.60 -22.45 -38.74
CA TYR A 712 21.15 -22.38 -38.73
C TYR A 712 20.72 -21.60 -39.96
N GLY A 713 19.59 -21.97 -40.55
CA GLY A 713 19.03 -21.16 -41.61
C GLY A 713 19.38 -21.63 -43.01
N ASN A 714 19.80 -22.89 -43.11
CA ASN A 714 20.15 -23.52 -44.39
C ASN A 714 19.43 -24.84 -44.57
N ALA A 715 18.41 -25.07 -43.76
CA ALA A 715 17.72 -26.34 -43.72
C ALA A 715 18.71 -27.47 -43.50
N ASP A 716 19.75 -27.18 -42.72
CA ASP A 716 20.72 -28.19 -42.32
C ASP A 716 20.28 -28.85 -41.01
N LYS A 717 19.94 -30.13 -41.06
CA LYS A 717 19.37 -30.83 -39.90
C LYS A 717 20.31 -30.84 -38.70
N TYR A 718 21.61 -30.77 -38.97
CA TYR A 718 22.56 -30.80 -37.86
C TYR A 718 22.36 -29.54 -37.01
N ALA A 719 22.40 -28.38 -37.65
CA ALA A 719 22.21 -27.14 -36.89
C ALA A 719 20.77 -27.04 -36.42
N ASP A 720 19.84 -27.40 -37.30
CA ASP A 720 18.44 -27.18 -36.99
C ASP A 720 17.94 -28.01 -35.82
N GLU A 721 18.55 -29.17 -35.61
CA GLU A 721 18.16 -30.02 -34.49
C GLU A 721 18.55 -29.35 -33.19
N ILE A 722 19.70 -28.72 -33.18
CA ILE A 722 20.16 -28.03 -32.00
C ILE A 722 19.20 -26.87 -31.73
N PHE A 723 18.84 -26.17 -32.79
CA PHE A 723 17.90 -25.06 -32.72
C PHE A 723 16.58 -25.56 -32.13
N LYS A 724 16.09 -26.69 -32.65
CA LYS A 724 14.83 -27.23 -32.17
C LYS A 724 14.93 -27.59 -30.70
N ALA A 725 16.04 -28.23 -30.31
CA ALA A 725 16.21 -28.63 -28.92
C ALA A 725 16.25 -27.41 -28.00
N TYR A 726 16.90 -26.34 -28.46
CA TYR A 726 16.93 -25.12 -27.68
C TYR A 726 15.52 -24.64 -27.36
N HIS A 727 14.65 -24.65 -28.37
CA HIS A 727 13.28 -24.17 -28.17
C HIS A 727 12.48 -24.97 -27.15
N TYR A 728 12.61 -26.30 -27.17
CA TYR A 728 11.89 -27.10 -26.21
C TYR A 728 12.48 -26.96 -24.81
N TYR A 729 13.80 -26.84 -24.73
CA TYR A 729 14.42 -26.56 -23.44
C TYR A 729 13.99 -25.20 -22.87
N ILE A 730 14.06 -24.17 -23.70
CA ILE A 730 13.82 -22.82 -23.22
C ILE A 730 12.36 -22.61 -22.84
N TYR A 731 11.46 -23.31 -23.53
CA TYR A 731 10.05 -23.22 -23.13
C TYR A 731 9.93 -23.76 -21.72
N ASP A 732 10.42 -24.97 -21.55
CA ASP A 732 10.37 -25.65 -20.27
C ASP A 732 11.07 -24.83 -19.19
N MET A 733 12.21 -24.25 -19.53
CA MET A 733 12.95 -23.49 -18.54
C MET A 733 12.15 -22.29 -18.03
N THR A 734 11.65 -21.47 -18.96
CA THR A 734 11.04 -20.22 -18.57
C THR A 734 9.80 -20.44 -17.72
N HIS A 735 9.05 -21.51 -17.99
CA HIS A 735 7.78 -21.69 -17.33
C HIS A 735 7.89 -22.21 -15.90
N LYS A 736 9.11 -22.52 -15.50
CA LYS A 736 9.34 -22.92 -14.11
C LYS A 736 9.36 -21.70 -13.18
N PHE A 737 9.51 -20.52 -13.75
CA PHE A 737 9.62 -19.31 -12.95
C PHE A 737 8.30 -18.56 -12.84
N ARG A 738 8.14 -17.79 -11.77
CA ARG A 738 6.88 -17.06 -11.57
C ARG A 738 7.17 -15.57 -11.47
N SER A 739 6.37 -14.79 -12.17
CA SER A 739 6.39 -13.34 -12.08
C SER A 739 5.76 -12.84 -10.79
N TYR A 740 5.87 -11.54 -10.57
CA TYR A 740 5.24 -10.87 -9.44
C TYR A 740 3.72 -10.99 -9.44
N TYR A 741 3.15 -11.26 -10.61
CA TYR A 741 1.70 -11.50 -10.73
C TYR A 741 1.36 -12.97 -10.46
N GLY A 742 2.35 -13.74 -10.07
CA GLY A 742 2.16 -15.16 -9.77
C GLY A 742 1.92 -16.06 -10.97
N LYS A 743 2.42 -15.65 -12.14
CA LYS A 743 2.19 -16.40 -13.37
C LYS A 743 3.50 -16.90 -13.94
N PRO A 744 3.46 -18.04 -14.66
CA PRO A 744 4.68 -18.60 -15.24
C PRO A 744 5.26 -17.62 -16.26
N LEU A 745 6.59 -17.57 -16.34
CA LEU A 745 7.24 -16.86 -17.43
C LEU A 745 7.15 -17.62 -18.74
N TYR A 746 7.24 -16.89 -19.84
CA TYR A 746 7.37 -17.49 -21.17
C TYR A 746 8.52 -16.78 -21.88
N LEU A 747 8.83 -17.25 -23.08
CA LEU A 747 9.92 -16.65 -23.85
C LEU A 747 9.45 -15.54 -24.76
N CYS A 748 10.14 -14.42 -24.68
CA CYS A 748 10.07 -13.39 -25.69
C CYS A 748 11.42 -13.42 -26.38
N GLN A 749 11.42 -13.55 -27.70
CA GLN A 749 12.69 -13.64 -28.43
C GLN A 749 12.73 -12.65 -29.57
N ILE A 750 13.19 -11.44 -29.24
CA ILE A 750 13.49 -10.40 -30.20
C ILE A 750 14.92 -9.94 -29.92
N SER A 751 15.48 -9.13 -30.81
CA SER A 751 16.79 -8.56 -30.53
C SER A 751 16.68 -7.06 -30.23
N VAL A 752 15.67 -6.42 -30.80
CA VAL A 752 15.69 -4.97 -30.95
C VAL A 752 17.13 -4.61 -31.36
N SER A 753 17.78 -3.71 -30.65
CA SER A 753 19.14 -3.33 -31.02
C SER A 753 20.13 -4.02 -30.12
N THR A 754 19.62 -4.84 -29.22
CA THR A 754 20.39 -5.38 -28.11
C THR A 754 21.55 -6.26 -28.54
N HIS A 755 21.48 -6.79 -29.76
CA HIS A 755 22.56 -7.62 -30.25
C HIS A 755 23.82 -6.80 -30.44
N GLY A 756 23.68 -5.48 -30.42
CA GLY A 756 24.80 -4.55 -30.45
C GLY A 756 25.61 -4.57 -29.17
N PRO A 757 25.03 -4.09 -28.06
CA PRO A 757 25.73 -4.03 -26.77
C PRO A 757 26.11 -5.41 -26.26
N GLN A 758 25.25 -6.41 -26.47
CA GLN A 758 25.56 -7.73 -25.97
C GLN A 758 26.55 -8.47 -26.84
N GLY A 759 26.55 -8.16 -28.13
CA GLY A 759 27.61 -8.58 -29.00
C GLY A 759 28.92 -7.95 -28.54
N PHE A 760 28.84 -6.68 -28.15
CA PHE A 760 30.05 -5.95 -27.76
C PHE A 760 30.79 -6.62 -26.60
N VAL A 761 30.04 -7.07 -25.59
CA VAL A 761 30.66 -7.63 -24.39
C VAL A 761 31.04 -9.09 -24.58
N THR A 762 30.71 -9.65 -25.74
CA THR A 762 30.96 -11.07 -25.99
C THR A 762 32.18 -11.24 -26.86
N LEU A 763 33.07 -12.12 -26.45
CA LEU A 763 34.32 -12.28 -27.17
C LEU A 763 33.98 -13.07 -28.41
N ALA A 764 34.96 -13.41 -29.23
CA ALA A 764 34.67 -14.24 -30.40
C ALA A 764 33.91 -15.48 -29.98
N THR A 765 33.00 -15.93 -30.84
CA THR A 765 32.19 -17.10 -30.55
C THR A 765 32.53 -18.23 -31.52
N ALA A 766 32.17 -19.45 -31.16
CA ALA A 766 32.65 -20.63 -31.88
C ALA A 766 32.09 -20.74 -33.29
N ASP A 767 31.16 -19.85 -33.64
CA ASP A 767 30.57 -19.86 -34.99
C ASP A 767 31.39 -18.97 -35.93
N GLY A 768 32.51 -18.46 -35.44
CA GLY A 768 33.38 -17.65 -36.27
C GLY A 768 33.09 -16.18 -36.17
N ARG A 769 32.04 -15.82 -35.43
CA ARG A 769 31.73 -14.41 -35.17
C ARG A 769 32.80 -13.82 -34.28
N LEU A 770 33.34 -12.67 -34.65
CA LEU A 770 34.50 -12.12 -33.92
C LEU A 770 34.11 -11.26 -32.72
N ALA A 771 35.08 -11.01 -31.85
CA ALA A 771 34.88 -10.32 -30.58
C ALA A 771 34.28 -8.94 -30.72
N GLY A 772 33.39 -8.60 -29.80
CA GLY A 772 32.82 -7.27 -29.76
C GLY A 772 31.82 -6.99 -30.85
N THR A 773 31.67 -7.92 -31.79
CA THR A 773 30.76 -7.70 -32.92
C THR A 773 29.33 -8.13 -32.56
N THR A 774 28.37 -7.63 -33.32
CA THR A 774 26.96 -7.88 -32.98
C THR A 774 26.65 -9.36 -33.02
N TYR A 775 25.70 -9.78 -32.19
CA TYR A 775 25.06 -11.07 -32.35
C TYR A 775 24.24 -11.03 -33.64
N SER A 776 23.77 -12.19 -34.06
CA SER A 776 22.74 -12.27 -35.07
C SER A 776 21.57 -11.36 -34.70
N ASP A 777 20.95 -10.75 -35.69
CA ASP A 777 19.78 -9.92 -35.41
C ASP A 777 18.57 -10.81 -35.16
N GLY A 778 17.55 -10.25 -34.53
CA GLY A 778 16.29 -10.95 -34.35
C GLY A 778 16.43 -12.27 -33.63
N SER A 779 15.59 -13.25 -33.99
CA SER A 779 15.68 -14.53 -33.32
C SER A 779 15.59 -15.74 -34.24
N VAL A 780 14.99 -15.59 -35.41
CA VAL A 780 15.08 -16.65 -36.41
C VAL A 780 15.70 -16.18 -37.74
N SER A 781 16.28 -14.99 -37.73
CA SER A 781 17.09 -14.52 -38.85
C SER A 781 18.32 -15.39 -38.93
N ALA A 782 18.85 -15.58 -40.13
CA ALA A 782 20.12 -16.26 -40.24
C ALA A 782 21.21 -15.32 -39.74
N ALA A 783 22.23 -15.90 -39.11
CA ALA A 783 23.42 -15.12 -38.78
C ALA A 783 23.97 -14.51 -40.07
N ALA A 784 24.54 -13.31 -39.95
CA ALA A 784 25.16 -12.59 -41.05
C ALA A 784 26.02 -13.52 -41.92
N GLY A 785 25.72 -13.55 -43.22
CA GLY A 785 26.55 -14.24 -44.18
C GLY A 785 26.66 -15.75 -44.01
N THR A 786 25.70 -16.36 -43.31
CA THR A 786 25.74 -17.80 -43.12
C THR A 786 24.59 -18.49 -43.85
N ASP A 787 23.65 -17.71 -44.36
CA ASP A 787 22.57 -18.28 -45.13
C ASP A 787 23.00 -18.42 -46.60
N LYS A 788 23.18 -19.66 -47.04
CA LYS A 788 23.75 -19.89 -48.35
C LYS A 788 22.88 -20.79 -49.19
N ASN A 789 21.65 -21.00 -48.72
CA ASN A 789 20.74 -21.89 -49.41
C ASN A 789 19.41 -21.28 -49.79
N GLY A 790 19.37 -19.96 -49.82
CA GLY A 790 18.20 -19.24 -50.27
C GLY A 790 17.30 -18.88 -49.09
N ILE A 791 16.44 -17.90 -49.31
CA ILE A 791 15.47 -17.48 -48.29
C ILE A 791 14.60 -18.64 -47.82
N TYR A 792 14.21 -19.50 -48.74
CA TYR A 792 13.32 -20.61 -48.36
C TYR A 792 13.95 -21.59 -47.35
N ALA A 793 15.26 -21.77 -47.42
CA ALA A 793 15.93 -22.64 -46.47
C ALA A 793 15.88 -22.00 -45.09
N ILE A 794 15.89 -20.68 -45.05
CA ILE A 794 15.76 -19.98 -43.79
C ILE A 794 14.35 -20.22 -43.23
N PHE A 795 13.34 -20.07 -44.08
CA PHE A 795 11.95 -20.33 -43.67
C PHE A 795 11.84 -21.72 -43.08
N GLU A 796 12.48 -22.69 -43.73
CA GLU A 796 12.37 -24.08 -43.30
C GLU A 796 13.03 -24.32 -41.95
N SER A 797 14.23 -23.79 -41.79
CA SER A 797 14.93 -23.88 -40.51
C SER A 797 14.12 -23.23 -39.40
N ALA A 798 13.57 -22.04 -39.67
CA ALA A 798 12.86 -21.29 -38.64
C ALA A 798 11.65 -22.02 -38.09
N THR A 799 11.03 -22.85 -38.92
CA THR A 799 9.75 -23.45 -38.58
C THR A 799 9.87 -24.95 -38.22
N VAL A 800 11.04 -25.38 -37.78
CA VAL A 800 11.17 -26.75 -37.30
C VAL A 800 10.51 -26.90 -35.92
N TYR A 801 10.07 -25.79 -35.34
CA TYR A 801 9.22 -25.87 -34.15
C TYR A 801 7.98 -25.00 -34.36
N ASP A 802 6.99 -25.19 -33.51
CA ASP A 802 5.76 -24.42 -33.57
C ASP A 802 5.95 -23.05 -32.91
N HIS A 803 5.89 -21.98 -33.71
CA HIS A 803 6.18 -20.66 -33.16
C HIS A 803 5.25 -20.23 -32.04
N SER A 804 4.04 -20.79 -32.00
CA SER A 804 3.09 -20.45 -30.93
C SER A 804 3.54 -20.95 -29.56
N MET A 805 4.58 -21.77 -29.51
CA MET A 805 5.17 -22.14 -28.22
C MET A 805 5.64 -20.92 -27.44
N HIS A 806 6.07 -19.87 -28.13
CA HIS A 806 6.52 -18.64 -27.47
C HIS A 806 5.72 -17.45 -27.95
N GLN A 807 6.04 -16.29 -27.39
CA GLN A 807 5.35 -15.06 -27.71
C GLN A 807 5.51 -14.72 -29.19
N ASN A 808 6.68 -15.04 -29.73
CA ASN A 808 7.06 -14.57 -31.05
C ASN A 808 8.30 -15.27 -31.60
N ALA A 809 8.72 -14.85 -32.79
CA ALA A 809 9.98 -15.23 -33.39
C ALA A 809 10.22 -14.15 -34.45
N GLN A 810 11.43 -13.63 -34.51
CA GLN A 810 11.70 -12.42 -35.27
C GLN A 810 12.64 -12.70 -36.43
N MET A 811 12.17 -12.44 -37.65
CA MET A 811 13.01 -12.64 -38.84
C MET A 811 13.15 -11.36 -39.65
N ASN A 812 14.39 -11.05 -40.01
CA ASN A 812 14.69 -9.94 -40.92
C ASN A 812 15.18 -10.51 -42.24
N LEU A 813 14.79 -9.85 -43.33
CA LEU A 813 15.26 -10.23 -44.65
C LEU A 813 15.55 -8.94 -45.39
N LYS A 814 16.61 -8.96 -46.20
CA LYS A 814 17.00 -7.80 -47.00
C LYS A 814 16.96 -8.18 -48.47
N LEU A 815 16.20 -7.41 -49.24
CA LEU A 815 16.08 -7.65 -50.66
C LEU A 815 16.71 -6.49 -51.40
N HIS A 816 17.35 -6.79 -52.51
CA HIS A 816 17.79 -5.72 -53.37
C HIS A 816 16.57 -5.10 -54.05
N PRO A 817 16.53 -3.77 -54.16
CA PRO A 817 15.39 -3.11 -54.80
C PRO A 817 14.99 -3.75 -56.13
N THR A 818 15.97 -4.17 -56.94
CA THR A 818 15.65 -4.78 -58.23
C THR A 818 14.84 -6.06 -58.06
N ALA A 819 14.98 -6.69 -56.89
CA ALA A 819 14.29 -7.97 -56.62
C ALA A 819 12.77 -7.86 -56.56
N VAL A 820 12.24 -6.66 -56.32
CA VAL A 820 10.80 -6.49 -56.23
C VAL A 820 10.26 -5.42 -57.18
N LYS A 821 10.96 -5.22 -58.30
CA LYS A 821 10.50 -4.30 -59.32
C LYS A 821 9.10 -4.64 -59.82
N GLY A 822 8.25 -3.64 -59.98
CA GLY A 822 6.95 -3.81 -60.63
C GLY A 822 5.85 -4.39 -59.77
N ILE A 823 4.61 -4.23 -60.22
CA ILE A 823 3.47 -4.85 -59.54
C ILE A 823 3.72 -6.35 -59.39
N ASN A 824 4.42 -6.94 -60.36
CA ASN A 824 4.82 -8.34 -60.25
C ASN A 824 5.70 -8.57 -59.01
N GLY A 825 6.57 -7.60 -58.75
CA GLY A 825 7.48 -7.67 -57.63
C GLY A 825 6.77 -7.48 -56.32
N THR A 826 5.67 -6.73 -56.36
CA THR A 826 4.82 -6.57 -55.19
C THR A 826 4.19 -7.90 -54.86
N ARG A 827 3.66 -8.57 -55.88
CA ARG A 827 3.06 -9.88 -55.71
C ARG A 827 4.10 -10.91 -55.26
N LYS A 828 5.28 -10.84 -55.86
CA LYS A 828 6.39 -11.72 -55.48
C LYS A 828 6.72 -11.55 -53.99
N LEU A 829 6.72 -10.32 -53.52
CA LEU A 829 6.99 -10.04 -52.14
C LEU A 829 5.89 -10.59 -51.23
N LEU A 830 4.64 -10.33 -51.60
CA LEU A 830 3.50 -10.83 -50.82
C LEU A 830 3.54 -12.35 -50.78
N ASP A 831 3.90 -12.95 -51.91
CA ASP A 831 3.91 -14.40 -51.98
C ASP A 831 5.04 -14.96 -51.12
N LEU A 832 6.13 -14.18 -50.98
CA LEU A 832 7.22 -14.64 -50.11
C LEU A 832 6.73 -14.61 -48.66
N VAL A 833 6.03 -13.55 -48.29
CA VAL A 833 5.42 -13.48 -46.97
C VAL A 833 4.43 -14.63 -46.75
N ARG A 834 3.52 -14.86 -47.69
CA ARG A 834 2.53 -15.92 -47.50
C ARG A 834 3.18 -17.28 -47.34
N ALA A 835 4.26 -17.53 -48.08
CA ALA A 835 4.95 -18.79 -47.97
C ALA A 835 5.42 -19.02 -46.53
N TYR A 836 5.95 -17.98 -45.90
CA TYR A 836 6.48 -18.12 -44.54
C TYR A 836 5.35 -18.22 -43.51
N MET A 837 4.40 -17.29 -43.60
CA MET A 837 3.23 -17.33 -42.74
C MET A 837 2.57 -18.71 -42.78
N ARG A 838 2.41 -19.25 -43.98
CA ARG A 838 1.67 -20.50 -44.12
C ARG A 838 2.40 -21.69 -43.51
N LYS A 839 3.71 -21.53 -43.32
CA LYS A 839 4.48 -22.55 -42.64
C LYS A 839 4.34 -22.37 -41.13
N GLY A 840 3.69 -21.30 -40.73
CA GLY A 840 3.45 -21.04 -39.32
C GLY A 840 4.43 -20.03 -38.78
N GLY A 841 5.29 -19.49 -39.64
CA GLY A 841 6.25 -18.49 -39.23
C GLY A 841 5.59 -17.26 -38.66
N PHE A 842 6.11 -16.76 -37.54
CA PHE A 842 5.43 -15.71 -36.79
C PHE A 842 5.54 -14.31 -37.39
N HIS A 843 6.69 -14.03 -38.02
CA HIS A 843 7.03 -12.66 -38.38
C HIS A 843 8.10 -12.62 -39.47
N VAL A 844 7.90 -11.73 -40.44
CA VAL A 844 9.01 -11.36 -41.32
C VAL A 844 8.86 -9.88 -41.64
N GLN A 845 9.99 -9.20 -41.76
CA GLN A 845 10.00 -7.81 -42.19
C GLN A 845 11.22 -7.61 -43.06
N PHE A 846 11.17 -6.59 -43.91
CA PHE A 846 12.16 -6.49 -44.96
C PHE A 846 12.92 -5.17 -44.96
N ASN A 847 14.20 -5.24 -45.28
CA ASN A 847 14.86 -4.08 -45.83
C ASN A 847 14.79 -4.23 -47.35
N VAL A 848 14.54 -3.13 -48.05
CA VAL A 848 14.67 -3.12 -49.50
C VAL A 848 15.60 -1.99 -49.84
N VAL A 849 16.87 -2.33 -50.03
CA VAL A 849 17.88 -1.34 -50.16
C VAL A 849 19.11 -1.97 -50.79
N ASP A 850 19.94 -1.14 -51.40
CA ASP A 850 21.24 -1.60 -51.85
C ASP A 850 22.21 -1.29 -50.72
N SER A 851 22.89 -2.31 -50.22
CA SER A 851 23.76 -2.14 -49.05
C SER A 851 24.88 -1.15 -49.31
N LYS A 852 25.32 -1.04 -50.56
CA LYS A 852 26.27 0.01 -50.94
C LYS A 852 25.75 1.37 -50.51
N THR A 853 24.46 1.60 -50.72
CA THR A 853 23.84 2.85 -50.28
C THR A 853 24.09 3.09 -48.79
N LEU A 854 23.98 2.03 -48.00
CA LEU A 854 24.12 2.15 -46.55
C LEU A 854 25.58 2.39 -46.17
N ARG A 855 26.49 1.65 -46.81
CA ARG A 855 27.92 1.87 -46.59
C ARG A 855 28.24 3.33 -46.87
N ASP A 856 27.62 3.88 -47.90
CA ASP A 856 27.84 5.26 -48.29
C ASP A 856 27.34 6.26 -47.25
N ALA A 857 26.12 6.04 -46.77
CA ALA A 857 25.52 6.90 -45.76
C ALA A 857 26.35 6.87 -44.48
N GLN A 858 27.01 5.74 -44.23
CA GLN A 858 27.84 5.62 -43.04
C GLN A 858 29.08 6.51 -43.17
N LEU A 859 29.69 6.53 -44.36
CA LEU A 859 30.86 7.37 -44.59
C LEU A 859 30.50 8.84 -44.45
N THR A 860 29.33 9.20 -44.98
CA THR A 860 28.85 10.58 -44.89
C THR A 860 27.37 10.64 -44.53
N PRO A 861 27.05 10.60 -43.23
CA PRO A 861 25.66 10.58 -42.76
C PRO A 861 24.93 11.89 -43.06
N GLU A 862 25.67 12.99 -43.03
CA GLU A 862 25.09 14.31 -43.25
C GLU A 862 24.37 14.38 -44.60
N LYS A 863 24.73 13.47 -45.50
CA LYS A 863 24.19 13.49 -46.87
C LYS A 863 22.89 12.69 -46.99
N TYR A 864 22.54 11.95 -45.95
CA TYR A 864 21.36 11.07 -45.98
C TYR A 864 20.43 11.29 -44.78
N ARG A 865 20.00 12.53 -44.55
CA ARG A 865 19.20 12.86 -43.37
C ARG A 865 17.89 12.09 -43.23
N GLU A 866 17.28 11.70 -44.36
CA GLU A 866 15.98 11.06 -44.34
C GLU A 866 16.04 9.56 -44.62
N LEU A 867 17.23 9.03 -44.80
CA LEU A 867 17.38 7.60 -45.01
C LEU A 867 16.96 6.81 -43.76
N MET A 868 16.11 5.80 -43.98
CA MET A 868 15.62 4.92 -42.92
C MET A 868 15.92 3.48 -43.29
N VAL A 869 16.18 2.65 -42.28
CA VAL A 869 16.32 1.22 -42.50
C VAL A 869 15.49 0.51 -41.46
N ARG A 870 15.17 -0.75 -41.73
CA ARG A 870 14.49 -1.61 -40.76
C ARG A 870 15.58 -2.26 -39.92
N VAL A 871 15.52 -2.12 -38.60
CA VAL A 871 16.51 -2.80 -37.78
C VAL A 871 15.93 -4.08 -37.22
N ALA A 872 15.12 -3.96 -36.17
CA ALA A 872 14.50 -5.15 -35.60
C ALA A 872 13.23 -4.72 -34.92
N GLY A 873 12.11 -4.91 -35.61
CA GLY A 873 10.82 -4.54 -35.06
C GLY A 873 10.63 -3.04 -35.12
N PHE A 874 11.61 -2.34 -35.67
CA PHE A 874 11.49 -0.91 -35.86
C PHE A 874 12.24 -0.39 -37.09
N THR A 875 11.77 0.74 -37.58
CA THR A 875 12.43 1.49 -38.61
C THR A 875 13.06 2.69 -37.93
N GLN A 876 14.24 3.10 -38.39
CA GLN A 876 14.90 4.26 -37.81
C GLN A 876 15.71 5.01 -38.85
N TYR A 877 15.90 6.31 -38.64
CA TYR A 877 16.79 7.08 -39.47
C TYR A 877 18.22 6.56 -39.29
N TRP A 878 18.88 6.30 -40.41
CA TRP A 878 20.25 5.83 -40.43
C TRP A 878 21.13 6.66 -39.51
N CYS A 879 20.93 7.97 -39.55
CA CYS A 879 21.85 8.89 -38.89
C CYS A 879 21.73 8.81 -37.37
N GLU A 880 20.63 8.24 -36.87
CA GLU A 880 20.44 8.07 -35.43
C GLU A 880 20.73 6.65 -34.97
N ILE A 881 21.25 5.82 -35.86
CA ILE A 881 21.65 4.48 -35.46
C ILE A 881 23.15 4.42 -35.21
N GLY A 882 23.55 3.84 -34.09
CA GLY A 882 24.96 3.73 -33.76
C GLY A 882 25.71 2.90 -34.80
N LYS A 883 27.03 3.03 -34.84
CA LYS A 883 27.81 2.25 -35.80
C LYS A 883 27.58 0.74 -35.69
N PRO A 884 27.54 0.20 -34.45
CA PRO A 884 27.44 -1.25 -34.38
C PRO A 884 26.23 -1.81 -35.11
N ILE A 885 25.08 -1.18 -34.93
CA ILE A 885 23.86 -1.63 -35.60
C ILE A 885 23.93 -1.30 -37.10
N GLN A 886 24.47 -0.13 -37.45
CA GLN A 886 24.70 0.18 -38.86
C GLN A 886 25.50 -0.92 -39.52
N ASP A 887 26.67 -1.24 -38.94
CA ASP A 887 27.51 -2.30 -39.47
C ASP A 887 26.72 -3.57 -39.68
N GLU A 888 25.96 -3.94 -38.66
CA GLU A 888 25.19 -5.17 -38.68
C GLU A 888 24.17 -5.15 -39.83
N VAL A 889 23.46 -4.04 -39.98
CA VAL A 889 22.45 -3.88 -41.04
C VAL A 889 23.09 -3.97 -42.44
N ILE A 890 24.19 -3.25 -42.61
CA ILE A 890 24.95 -3.30 -43.86
C ILE A 890 25.26 -4.73 -44.26
N TYR A 891 25.64 -5.54 -43.28
CA TYR A 891 26.17 -6.87 -43.57
C TYR A 891 25.09 -7.93 -43.76
N ARG A 892 23.84 -7.61 -43.43
CA ARG A 892 22.78 -8.60 -43.63
C ARG A 892 22.72 -9.04 -45.09
N THR A 893 22.57 -10.35 -45.28
CA THR A 893 22.53 -10.94 -46.61
C THR A 893 21.53 -10.26 -47.53
N GLU A 894 22.03 -9.85 -48.70
CA GLU A 894 21.22 -9.08 -49.64
C GLU A 894 20.75 -10.01 -50.75
N TYR A 895 19.44 -10.21 -50.82
CA TYR A 895 18.87 -11.14 -51.78
C TYR A 895 18.46 -10.47 -53.08
N ASP A 896 18.84 -11.09 -54.19
CA ASP A 896 18.70 -10.49 -55.53
C ASP A 896 17.40 -10.77 -56.23
N LYS A 897 16.76 -11.90 -55.92
CA LYS A 897 15.46 -12.20 -56.49
C LYS A 897 14.82 -13.42 -55.83
N MET B 1 13.08 39.41 -22.49
CA MET B 1 13.79 40.15 -23.51
C MET B 1 14.26 39.24 -24.64
N ARG B 2 13.96 37.95 -24.54
CA ARG B 2 14.26 36.99 -25.61
C ARG B 2 12.97 36.39 -26.15
N HIS B 3 13.02 35.90 -27.39
CA HIS B 3 11.92 35.12 -27.95
C HIS B 3 11.48 34.10 -26.93
N TYR B 4 12.46 33.50 -26.27
CA TYR B 4 12.23 32.43 -25.30
C TYR B 4 11.32 32.88 -24.16
N ASP B 5 11.29 34.18 -23.90
CA ASP B 5 10.49 34.74 -22.83
C ASP B 5 9.12 35.20 -23.34
N CYS B 6 8.91 35.12 -24.65
CA CYS B 6 7.71 35.64 -25.27
C CYS B 6 6.57 34.62 -25.33
N LYS B 7 5.35 35.12 -25.19
CA LYS B 7 4.15 34.30 -25.27
C LYS B 7 3.96 33.80 -26.70
N ASN B 8 4.56 34.50 -27.65
CA ASN B 8 4.41 34.13 -29.06
C ASN B 8 5.43 33.09 -29.49
N TYR B 9 6.34 32.75 -28.59
CA TYR B 9 7.34 31.72 -28.84
C TYR B 9 6.68 30.35 -28.89
N ILE B 10 7.01 29.58 -29.93
CA ILE B 10 6.59 28.18 -30.02
C ILE B 10 7.80 27.32 -29.72
N ASN B 11 7.73 26.51 -28.67
CA ASN B 11 8.84 25.64 -28.32
C ASN B 11 9.08 24.59 -29.38
N LEU B 12 10.35 24.32 -29.68
CA LEU B 12 10.72 23.19 -30.50
C LEU B 12 11.65 22.28 -29.72
N ASP B 13 12.81 22.80 -29.36
CA ASP B 13 13.84 21.98 -28.71
C ASP B 13 14.77 22.80 -27.80
N CYS B 14 15.85 22.17 -27.37
CA CYS B 14 16.75 22.73 -26.39
C CYS B 14 17.49 23.99 -26.88
N GLU B 15 17.53 24.21 -28.19
CA GLU B 15 18.30 25.31 -28.76
C GLU B 15 17.46 26.37 -29.48
N LYS B 16 16.28 25.99 -29.94
CA LYS B 16 15.49 26.89 -30.78
C LYS B 16 13.98 26.67 -30.68
N GLY B 17 13.24 27.61 -31.23
CA GLY B 17 11.80 27.51 -31.33
C GLY B 17 11.34 28.26 -32.56
N LEU B 18 10.05 28.62 -32.59
CA LEU B 18 9.49 29.38 -33.68
C LEU B 18 8.89 30.65 -33.13
N CYS B 19 8.83 31.68 -33.97
CA CYS B 19 8.03 32.83 -33.62
C CYS B 19 6.67 32.60 -34.23
N ALA B 20 5.62 32.65 -33.40
CA ALA B 20 4.27 32.43 -33.88
C ALA B 20 3.90 33.40 -35.00
N LEU B 21 4.38 34.63 -34.88
CA LEU B 21 4.03 35.66 -35.86
C LEU B 21 4.73 35.44 -37.21
N THR B 22 6.05 35.33 -37.18
CA THR B 22 6.81 35.21 -38.41
C THR B 22 6.83 33.78 -38.89
N LYS B 23 6.60 32.85 -37.96
CA LYS B 23 6.72 31.44 -38.26
C LYS B 23 8.15 31.08 -38.64
N GLY B 24 9.07 32.00 -38.31
CA GLY B 24 10.49 31.76 -38.51
C GLY B 24 11.15 31.16 -37.28
N MET B 25 12.11 30.29 -37.52
CA MET B 25 12.86 29.66 -36.44
C MET B 25 13.80 30.66 -35.75
N VAL B 26 13.78 30.67 -34.41
CA VAL B 26 14.57 31.60 -33.61
C VAL B 26 15.42 30.89 -32.55
N PRO B 27 16.56 31.49 -32.16
CA PRO B 27 17.45 30.86 -31.19
C PRO B 27 17.03 31.22 -29.78
N ILE B 28 17.33 30.35 -28.84
CA ILE B 28 17.11 30.64 -27.44
C ILE B 28 18.26 31.50 -26.94
N ASP B 29 19.47 31.13 -27.32
CA ASP B 29 20.68 31.80 -26.86
C ASP B 29 21.31 32.60 -27.97
N GLY B 30 22.07 33.63 -27.58
CA GLY B 30 23.00 34.27 -28.49
C GLY B 30 22.41 35.18 -29.55
N GLU B 31 23.22 35.43 -30.58
CA GLU B 31 22.84 36.34 -31.64
C GLU B 31 21.49 35.98 -32.23
N GLY B 32 20.61 36.96 -32.30
CA GLY B 32 19.30 36.77 -32.90
C GLY B 32 18.26 36.31 -31.91
N SER B 33 18.59 36.31 -30.62
CA SER B 33 17.66 35.81 -29.60
C SER B 33 16.82 36.88 -28.88
N GLU B 34 17.16 38.16 -29.03
CA GLU B 34 16.43 39.20 -28.31
C GLU B 34 15.00 39.37 -28.80
N ALA B 35 14.13 39.74 -27.87
CA ALA B 35 12.72 39.98 -28.14
C ALA B 35 12.54 41.08 -29.17
N CYS B 36 11.50 40.97 -29.98
CA CYS B 36 11.13 42.01 -30.93
C CYS B 36 10.07 42.91 -30.31
N PRO B 37 9.77 44.06 -30.94
CA PRO B 37 8.80 45.01 -30.39
C PRO B 37 7.43 44.40 -30.14
N ASN B 38 7.11 43.33 -30.87
CA ASN B 38 5.82 42.63 -30.72
C ASN B 38 5.80 41.68 -29.53
N PHE B 39 6.85 41.75 -28.72
CA PHE B 39 7.01 40.88 -27.56
C PHE B 39 5.84 40.98 -26.59
N LYS B 40 5.38 39.82 -26.14
CA LYS B 40 4.43 39.70 -25.03
C LYS B 40 4.95 38.65 -24.07
N PRO B 41 5.02 38.98 -22.77
CA PRO B 41 5.71 38.06 -21.86
C PRO B 41 4.95 36.75 -21.71
N ALA B 42 5.64 35.63 -21.91
CA ALA B 42 5.06 34.32 -21.66
C ALA B 42 4.90 34.14 -20.16
N GLU B 43 3.80 33.53 -19.74
CA GLU B 43 3.57 33.31 -18.32
C GLU B 43 4.56 32.28 -17.76
N LYS B 44 5.34 32.68 -16.77
CA LYS B 44 6.29 31.79 -16.13
C LYS B 44 6.32 32.08 -14.64
N CYS B 45 6.76 31.09 -13.85
CA CYS B 45 6.81 31.29 -12.41
C CYS B 45 7.61 32.56 -12.12
N GLY B 46 8.65 32.77 -12.92
CA GLY B 46 9.50 33.94 -12.80
C GLY B 46 8.76 35.27 -12.84
N ASN B 47 7.63 35.30 -13.54
CA ASN B 47 6.80 36.50 -13.55
C ASN B 47 5.42 36.27 -12.93
N CYS B 48 5.38 35.44 -11.89
CA CYS B 48 4.16 35.20 -11.13
C CYS B 48 4.24 35.89 -9.77
N LYS B 49 3.12 36.38 -9.29
CA LYS B 49 3.09 37.08 -8.00
C LYS B 49 3.42 36.15 -6.82
N ASN B 50 3.11 34.87 -6.97
CA ASN B 50 3.37 33.90 -5.91
C ASN B 50 4.80 33.38 -5.91
N PHE B 51 5.59 33.79 -6.90
CA PHE B 51 6.99 33.37 -6.98
C PHE B 51 7.91 34.38 -6.33
N CYS B 52 8.77 33.93 -5.42
CA CYS B 52 9.67 34.84 -4.73
C CYS B 52 11.03 34.26 -4.37
N ASN B 53 11.97 35.13 -4.02
CA ASN B 53 13.24 34.68 -3.46
C ASN B 53 14.05 33.71 -4.33
N PRO B 54 14.12 33.94 -5.65
CA PRO B 54 14.94 33.01 -6.43
C PRO B 54 16.36 32.94 -5.91
N ASP B 55 17.08 31.87 -6.25
CA ASP B 55 18.51 31.82 -6.00
C ASP B 55 19.23 32.05 -7.32
N LYS B 56 20.54 31.86 -7.35
CA LYS B 56 21.32 32.16 -8.55
C LYS B 56 20.87 31.33 -9.74
N TYR B 57 20.30 30.16 -9.46
CA TYR B 57 19.93 29.23 -10.49
C TYR B 57 18.45 29.37 -10.88
N GLY B 58 17.79 30.35 -10.28
CA GLY B 58 16.39 30.61 -10.58
C GLY B 58 15.43 29.77 -9.74
N LEU B 59 15.98 29.07 -8.75
CA LEU B 59 15.15 28.25 -7.87
C LEU B 59 14.64 29.10 -6.72
N GLY B 60 13.32 29.18 -6.62
CA GLY B 60 12.69 30.07 -5.65
C GLY B 60 11.54 29.43 -4.94
N THR B 61 10.72 30.26 -4.30
CA THR B 61 9.61 29.80 -3.48
C THR B 61 8.28 30.17 -4.09
N CYS B 62 7.43 29.16 -4.27
CA CYS B 62 6.05 29.39 -4.64
C CYS B 62 5.19 29.52 -3.39
N THR B 63 4.46 30.62 -3.28
CA THR B 63 3.57 30.83 -2.14
C THR B 63 2.13 30.71 -2.61
N GLY B 64 1.95 30.18 -3.82
CA GLY B 64 0.63 30.03 -4.40
C GLY B 64 -0.36 29.27 -3.54
N LEU B 65 0.13 28.33 -2.74
CA LEU B 65 -0.73 27.56 -1.85
C LEU B 65 -0.38 27.89 -0.41
N GLU B 66 -1.30 27.60 0.50
CA GLU B 66 -1.08 27.92 1.91
C GLU B 66 0.30 27.46 2.35
N LYS B 67 0.68 26.26 1.95
CA LYS B 67 1.98 25.73 2.30
C LYS B 67 2.99 26.07 1.21
N GLU B 68 4.07 26.75 1.57
CA GLU B 68 5.07 27.13 0.59
C GLU B 68 5.76 25.92 -0.04
N ASN B 69 6.23 26.09 -1.26
CA ASN B 69 7.01 25.05 -1.91
C ASN B 69 8.06 25.72 -2.78
N TRP B 70 8.93 24.93 -3.39
CA TRP B 70 9.91 25.52 -4.28
C TRP B 70 9.39 25.51 -5.70
N ALA B 71 9.89 26.44 -6.50
CA ALA B 71 9.53 26.53 -7.91
C ALA B 71 10.76 26.99 -8.68
N TYR B 72 10.67 26.96 -10.00
CA TYR B 72 11.76 27.46 -10.81
C TYR B 72 11.31 28.52 -11.82
N ALA B 73 12.11 29.58 -11.91
CA ALA B 73 11.72 30.82 -12.58
C ALA B 73 11.36 30.62 -14.03
N THR B 74 12.05 29.70 -14.70
CA THR B 74 11.79 29.49 -16.12
C THR B 74 10.70 28.45 -16.33
N CYS B 75 10.09 27.98 -15.25
CA CYS B 75 9.01 27.00 -15.40
C CYS B 75 7.83 27.65 -16.09
N GLY B 76 7.29 27.00 -17.12
CA GLY B 76 6.14 27.56 -17.82
C GLY B 76 4.94 27.62 -16.90
N ALA B 77 4.16 28.70 -16.97
CA ALA B 77 3.09 28.89 -16.00
C ALA B 77 1.73 29.16 -16.63
N SER B 78 1.65 29.05 -17.95
CA SER B 78 0.41 29.30 -18.65
C SER B 78 -0.68 28.31 -18.25
N ALA B 79 -0.25 27.18 -17.69
CA ALA B 79 -1.18 26.12 -17.31
C ALA B 79 -1.21 25.85 -15.81
N CYS B 80 -0.54 26.70 -15.03
CA CYS B 80 -0.69 26.61 -13.58
C CYS B 80 -1.94 27.35 -13.13
N PRO B 81 -2.84 26.65 -12.44
CA PRO B 81 -4.13 27.25 -12.08
C PRO B 81 -3.99 28.38 -11.06
N SER B 82 -2.82 28.49 -10.45
CA SER B 82 -2.60 29.53 -9.43
C SER B 82 -1.77 30.70 -9.95
N TYR B 83 -1.29 30.60 -11.18
CA TYR B 83 -0.50 31.68 -11.74
C TYR B 83 -1.25 32.99 -11.67
N LYS B 84 -0.54 34.03 -11.26
CA LYS B 84 -1.08 35.38 -11.22
C LYS B 84 0.01 36.32 -11.70
N ALA B 85 -0.19 36.92 -12.88
CA ALA B 85 0.80 37.80 -13.46
C ALA B 85 1.18 38.93 -12.50
N GLU B 86 2.48 39.12 -12.28
CA GLU B 86 2.98 40.08 -11.30
C GLU B 86 2.56 41.52 -11.61
N ASP C 29 -8.33 -17.21 55.84
CA ASP C 29 -7.73 -15.89 55.85
C ASP C 29 -6.90 -15.65 54.60
N ILE C 30 -7.12 -14.52 53.95
CA ILE C 30 -6.30 -14.11 52.82
C ILE C 30 -4.95 -13.60 53.30
N PRO C 31 -3.86 -14.29 52.93
CA PRO C 31 -2.53 -13.85 53.35
C PRO C 31 -2.26 -12.43 52.91
N GLU C 32 -1.36 -11.76 53.63
CA GLU C 32 -0.90 -10.43 53.26
C GLU C 32 -0.17 -10.47 51.91
N ALA C 33 -0.29 -9.40 51.15
CA ALA C 33 0.49 -9.25 49.93
C ALA C 33 1.98 -9.22 50.27
N LYS C 34 2.81 -9.66 49.32
CA LYS C 34 4.26 -9.65 49.51
C LYS C 34 4.76 -8.24 49.83
N GLU C 35 5.92 -8.18 50.49
CA GLU C 35 6.52 -6.90 50.85
C GLU C 35 6.76 -6.00 49.63
N SER C 36 7.26 -6.59 48.55
CA SER C 36 7.50 -5.84 47.32
C SER C 36 6.19 -5.22 46.86
N THR C 37 5.16 -6.04 46.79
CA THR C 37 3.84 -5.59 46.37
C THR C 37 3.35 -4.42 47.20
N GLN C 38 3.45 -4.54 48.52
CA GLN C 38 2.94 -3.48 49.39
C GLN C 38 3.65 -2.17 49.10
N LYS C 39 4.97 -2.25 48.95
CA LYS C 39 5.75 -1.05 48.71
C LYS C 39 5.38 -0.40 47.39
N LEU C 40 5.22 -1.20 46.35
CA LEU C 40 4.88 -0.66 45.04
C LEU C 40 3.45 -0.13 45.03
N MET C 41 2.56 -0.82 45.72
CA MET C 41 1.18 -0.35 45.81
C MET C 41 1.12 0.97 46.57
N ASP C 42 1.91 1.09 47.65
CA ASP C 42 1.96 2.37 48.37
C ASP C 42 2.31 3.47 47.40
N ILE C 43 3.28 3.19 46.53
CA ILE C 43 3.66 4.15 45.51
C ILE C 43 2.53 4.30 44.49
N TYR C 44 1.95 3.19 44.08
CA TYR C 44 0.91 3.23 43.06
C TYR C 44 -0.20 4.25 43.39
N TYR C 45 -0.73 4.19 44.60
CA TYR C 45 -1.86 5.04 44.95
C TYR C 45 -1.58 6.52 44.87
N THR C 46 -0.31 6.91 44.87
CA THR C 46 0.03 8.33 44.79
C THR C 46 0.17 8.81 43.36
N LEU C 47 0.25 7.88 42.42
CA LEU C 47 0.62 8.21 41.04
C LEU C 47 -0.45 8.97 40.28
N LYS C 48 -0.01 9.89 39.42
CA LYS C 48 -0.90 10.58 38.52
C LYS C 48 -0.80 9.92 37.15
N VAL C 49 -1.93 9.77 36.47
CA VAL C 49 -1.95 9.31 35.10
C VAL C 49 -1.23 10.33 34.24
N THR C 50 -0.21 9.88 33.50
CA THR C 50 0.68 10.81 32.85
C THR C 50 0.89 10.56 31.37
N ALA C 51 0.78 11.60 30.56
CA ALA C 51 1.13 11.51 29.16
C ALA C 51 2.43 12.25 28.90
N ASP C 52 3.36 11.61 28.19
CA ASP C 52 4.59 12.27 27.79
C ASP C 52 4.82 12.01 26.32
N MET C 53 5.96 12.46 25.80
CA MET C 53 6.12 12.50 24.36
C MET C 53 7.19 11.58 23.76
N GLU C 54 7.97 10.88 24.58
CA GLU C 54 9.13 10.15 24.03
C GLU C 54 8.77 9.21 22.88
N ALA C 55 7.81 8.32 23.14
CA ALA C 55 7.43 7.33 22.15
C ALA C 55 6.86 8.02 20.92
N ALA C 56 6.05 9.05 21.13
CA ALA C 56 5.40 9.70 20.02
C ALA C 56 6.43 10.46 19.20
N TYR C 57 7.35 11.12 19.89
CA TYR C 57 8.43 11.84 19.22
C TYR C 57 9.22 10.88 18.35
N TRP C 58 9.61 9.77 18.95
CA TRP C 58 10.46 8.80 18.27
C TRP C 58 9.72 8.06 17.14
N TYR C 59 8.43 7.81 17.33
CA TYR C 59 7.68 7.18 16.26
C TYR C 59 7.64 8.13 15.08
N ASN C 60 7.28 9.36 15.35
CA ASN C 60 7.15 10.37 14.32
C ASN C 60 8.45 10.59 13.58
N ARG C 61 9.52 10.84 14.34
CA ARG C 61 10.82 11.09 13.73
C ARG C 61 11.20 9.97 12.79
N THR C 62 11.06 8.73 13.28
CA THR C 62 11.54 7.59 12.52
C THR C 62 10.63 7.36 11.31
N TRP C 63 9.33 7.58 11.50
CA TRP C 63 8.36 7.47 10.43
C TRP C 63 8.76 8.33 9.23
N TRP C 64 8.94 9.62 9.48
CA TRP C 64 9.24 10.55 8.40
C TRP C 64 10.67 10.35 7.88
N GLU C 65 11.55 9.88 8.74
CA GLU C 65 12.92 9.67 8.29
C GLU C 65 12.96 8.50 7.32
N ASN C 66 11.94 7.66 7.35
CA ASN C 66 11.86 6.52 6.43
C ASN C 66 10.75 6.67 5.40
N ASP C 67 10.45 7.93 5.05
CA ASP C 67 9.39 8.21 4.09
C ASP C 67 9.77 7.63 2.74
N GLY C 68 8.84 6.90 2.14
CA GLY C 68 9.13 6.21 0.90
C GLY C 68 9.53 4.76 1.10
N GLU C 69 9.78 4.35 2.34
CA GLU C 69 10.06 2.95 2.64
C GLU C 69 8.79 2.13 2.43
N VAL C 70 8.93 0.83 2.15
CA VAL C 70 7.72 0.01 2.01
C VAL C 70 6.96 0.11 3.33
N ILE C 71 5.66 0.23 3.23
CA ILE C 71 4.85 0.61 4.39
C ILE C 71 5.03 -0.29 5.62
N GLU C 72 5.01 -1.61 5.41
CA GLU C 72 5.14 -2.58 6.50
C GLU C 72 6.44 -2.34 7.26
N VAL C 73 7.50 -2.16 6.50
CA VAL C 73 8.82 -2.01 7.09
C VAL C 73 8.96 -0.64 7.76
N ARG C 74 8.47 0.41 7.10
CA ARG C 74 8.46 1.74 7.68
C ARG C 74 7.72 1.73 9.02
N ARG C 75 6.57 1.09 9.04
CA ARG C 75 5.76 1.00 10.22
C ARG C 75 6.50 0.24 11.33
N ALA C 76 7.10 -0.88 10.96
CA ALA C 76 7.86 -1.70 11.90
C ALA C 76 9.05 -0.92 12.49
N LYS C 77 9.76 -0.19 11.64
CA LYS C 77 10.91 0.59 12.10
C LYS C 77 10.51 1.75 13.01
N ALA C 78 9.38 2.37 12.72
CA ALA C 78 8.94 3.49 13.53
C ALA C 78 8.43 3.01 14.87
N VAL C 79 7.68 1.91 14.88
CA VAL C 79 7.26 1.33 16.16
C VAL C 79 8.48 0.85 16.94
N ALA C 80 9.43 0.22 16.26
CA ALA C 80 10.62 -0.30 16.92
C ALA C 80 11.39 0.82 17.63
N ALA C 81 11.56 1.94 16.95
CA ALA C 81 12.25 3.10 17.52
C ALA C 81 11.44 3.71 18.65
N SER C 82 10.11 3.70 18.54
CA SER C 82 9.31 4.34 19.58
C SER C 82 9.46 3.58 20.88
N LEU C 83 9.76 2.29 20.76
CA LEU C 83 10.01 1.46 21.93
C LEU C 83 11.46 1.56 22.40
N SER C 84 12.40 1.35 21.47
CA SER C 84 13.78 1.12 21.84
C SER C 84 14.54 2.41 22.13
N HIS C 85 13.93 3.55 21.87
CA HIS C 85 14.57 4.85 22.15
C HIS C 85 13.98 5.53 23.39
N MET C 86 12.95 4.91 23.95
CA MET C 86 12.35 5.44 25.15
C MET C 86 13.25 5.24 26.38
N THR C 87 13.12 6.16 27.32
CA THR C 87 13.72 6.00 28.64
C THR C 87 13.07 4.83 29.34
N PRO C 88 13.87 3.83 29.75
CA PRO C 88 13.37 2.69 30.49
C PRO C 88 13.31 2.97 31.99
N THR C 89 12.15 2.76 32.61
CA THR C 89 12.03 3.00 34.04
C THR C 89 11.91 1.72 34.85
N ILE C 90 12.76 1.59 35.85
CA ILE C 90 12.65 0.50 36.81
C ILE C 90 12.51 1.07 38.21
N LEU C 91 11.56 0.58 38.98
CA LEU C 91 11.40 1.02 40.36
C LEU C 91 12.06 0.05 41.33
N PRO C 92 12.53 0.56 42.49
CA PRO C 92 13.03 -0.38 43.50
C PRO C 92 11.90 -1.30 43.91
N TYR C 93 12.23 -2.54 44.32
CA TYR C 93 11.23 -3.48 44.83
C TYR C 93 10.58 -4.28 43.71
N GLU C 94 10.52 -3.68 42.53
CA GLU C 94 10.02 -4.39 41.37
C GLU C 94 10.83 -5.64 41.12
N LYS C 95 10.13 -6.71 40.75
CA LYS C 95 10.78 -7.88 40.17
C LYS C 95 10.49 -7.90 38.67
N LEU C 96 9.21 -7.98 38.33
CA LEU C 96 8.78 -7.78 36.95
C LEU C 96 8.88 -6.30 36.62
N VAL C 97 9.46 -5.98 35.46
CA VAL C 97 9.63 -4.60 35.08
C VAL C 97 8.98 -4.30 33.72
N MET C 98 9.22 -3.07 33.24
CA MET C 98 8.62 -2.51 32.02
C MET C 98 7.34 -1.74 32.26
N ASN C 99 7.14 -0.72 31.45
CA ASN C 99 5.91 0.07 31.47
C ASN C 99 5.69 0.56 30.05
N LYS C 100 4.51 1.12 29.77
CA LYS C 100 4.33 1.74 28.46
C LYS C 100 5.34 2.87 28.20
N THR C 101 5.56 3.71 29.21
CA THR C 101 6.44 4.87 29.03
C THR C 101 7.44 4.95 30.18
N LYS C 102 8.14 6.08 30.28
CA LYS C 102 9.09 6.22 31.38
C LYS C 102 8.32 6.47 32.66
N ASN C 103 7.05 6.82 32.51
CA ASN C 103 6.18 6.99 33.67
C ASN C 103 5.46 5.68 34.01
N VAL C 104 4.93 5.60 35.23
CA VAL C 104 4.35 4.35 35.70
C VAL C 104 2.93 4.17 35.17
N ARG C 105 2.08 5.17 35.38
CA ARG C 105 0.76 5.17 34.77
C ARG C 105 0.83 6.04 33.52
N GLY C 106 1.58 5.58 32.53
CA GLY C 106 1.97 6.41 31.42
C GLY C 106 1.32 6.10 30.09
N ALA C 107 1.26 7.10 29.23
CA ALA C 107 0.79 6.90 27.88
C ALA C 107 1.34 8.02 27.03
N PHE C 108 1.05 7.98 25.74
CA PHE C 108 1.54 9.03 24.85
C PHE C 108 0.54 9.13 23.71
N PRO C 109 0.58 10.24 22.97
CA PRO C 109 -0.45 10.34 21.93
C PRO C 109 -0.03 9.65 20.63
N PHE C 110 -1.00 9.37 19.77
CA PHE C 110 -0.78 8.80 18.45
C PHE C 110 -1.40 9.71 17.40
N PRO C 111 -0.79 10.88 17.16
CA PRO C 111 -1.31 11.85 16.19
C PRO C 111 -1.46 11.24 14.79
N TRP C 112 -0.71 10.19 14.47
CA TRP C 112 -0.82 9.57 13.16
C TRP C 112 -2.13 8.79 13.08
N VAL C 113 -2.70 8.46 14.23
CA VAL C 113 -4.01 7.81 14.26
C VAL C 113 -5.11 8.85 14.44
N CYS C 114 -5.00 9.63 15.50
CA CYS C 114 -5.94 10.72 15.70
C CYS C 114 -5.44 11.73 16.70
N ALA C 115 -5.97 12.95 16.62
CA ALA C 115 -5.33 14.02 17.33
C ALA C 115 -6.29 15.16 17.61
N SER C 116 -7.39 15.18 16.87
CA SER C 116 -8.31 16.30 16.97
C SER C 116 -8.76 16.55 18.41
N PHE C 117 -8.90 15.49 19.21
CA PHE C 117 -9.34 15.64 20.59
C PHE C 117 -8.31 16.34 21.49
N PHE C 118 -7.12 16.59 20.96
CA PHE C 118 -6.11 17.30 21.74
C PHE C 118 -5.36 18.39 20.97
N ASN C 119 -5.28 18.28 19.65
CA ASN C 119 -4.38 19.17 18.92
C ASN C 119 -4.85 20.64 18.92
N ALA C 120 -6.16 20.85 18.99
CA ALA C 120 -6.70 22.20 19.13
C ALA C 120 -6.49 22.73 20.56
N GLN C 121 -6.59 21.87 21.56
CA GLN C 121 -6.28 22.26 22.93
C GLN C 121 -4.83 22.73 23.02
N ALA C 122 -3.91 21.95 22.45
CA ALA C 122 -2.48 22.21 22.58
C ALA C 122 -2.06 23.48 21.85
N GLU C 123 -2.63 23.70 20.68
CA GLU C 123 -2.31 24.89 19.91
C GLU C 123 -2.92 26.11 20.58
N ALA C 124 -4.10 25.94 21.17
CA ALA C 124 -4.72 27.01 21.93
C ALA C 124 -3.83 27.36 23.12
N LEU C 125 -3.28 26.35 23.78
CA LEU C 125 -2.32 26.57 24.86
C LEU C 125 -1.12 27.37 24.39
N MET C 126 -0.55 26.93 23.27
CA MET C 126 0.61 27.60 22.69
C MET C 126 0.29 29.03 22.26
N ASN C 127 -0.97 29.27 21.88
CA ASN C 127 -1.40 30.60 21.46
C ASN C 127 -1.92 31.43 22.63
N GLU C 128 -1.91 30.84 23.82
CA GLU C 128 -2.47 31.48 25.00
C GLU C 128 -3.86 32.05 24.74
N VAL C 129 -4.70 31.24 24.08
CA VAL C 129 -6.11 31.56 23.95
C VAL C 129 -6.91 30.51 24.70
N ASP C 130 -8.19 30.77 24.90
CA ASP C 130 -9.05 29.78 25.56
C ASP C 130 -9.07 28.49 24.76
N ALA C 131 -9.06 27.36 25.46
CA ALA C 131 -9.16 26.06 24.81
C ALA C 131 -10.52 25.92 24.16
N PRO C 132 -10.56 25.32 22.97
CA PRO C 132 -11.80 25.05 22.23
C PRO C 132 -12.79 24.25 23.09
N ALA C 133 -14.08 24.38 22.80
CA ALA C 133 -15.07 23.52 23.44
C ALA C 133 -14.84 22.08 23.00
N GLU C 134 -15.13 21.14 23.89
CA GLU C 134 -15.08 19.73 23.55
C GLU C 134 -16.16 19.38 22.53
N ASN C 135 -15.93 18.33 21.75
CA ASN C 135 -16.99 17.78 20.92
C ASN C 135 -18.09 17.19 21.81
N GLU C 136 -19.20 16.81 21.21
CA GLU C 136 -20.34 16.43 22.02
C GLU C 136 -20.05 15.21 22.89
N ALA C 137 -19.58 14.14 22.27
CA ALA C 137 -19.33 12.88 23.00
C ALA C 137 -18.39 13.09 24.19
N ASP C 138 -17.30 13.83 23.97
CA ASP C 138 -16.37 14.14 25.03
C ASP C 138 -17.04 14.97 26.13
N SER C 139 -17.79 15.98 25.71
CA SER C 139 -18.42 16.88 26.66
C SER C 139 -19.43 16.16 27.56
N VAL C 140 -20.16 15.18 27.01
CA VAL C 140 -21.14 14.44 27.82
C VAL C 140 -20.50 13.25 28.56
N SER C 141 -19.17 13.17 28.50
CA SER C 141 -18.49 12.05 29.15
C SER C 141 -17.74 12.52 30.38
N VAL C 142 -17.82 11.73 31.46
CA VAL C 142 -17.16 12.12 32.70
C VAL C 142 -15.95 11.24 32.99
N VAL C 143 -14.82 11.89 33.22
CA VAL C 143 -13.66 11.20 33.77
C VAL C 143 -13.68 11.41 35.29
N GLY C 144 -13.69 10.33 36.05
CA GLY C 144 -13.71 10.43 37.51
C GLY C 144 -12.52 11.22 38.00
N ALA C 145 -12.77 12.29 38.76
CA ALA C 145 -11.71 13.23 39.10
C ALA C 145 -10.75 12.78 40.21
N GLY C 146 -10.99 11.60 40.77
CA GLY C 146 -10.17 11.12 41.87
C GLY C 146 -9.00 10.25 41.46
N GLY C 147 -8.43 9.55 42.44
CA GLY C 147 -7.36 8.61 42.16
C GLY C 147 -6.21 9.26 41.41
N GLY C 148 -5.83 8.67 40.29
CA GLY C 148 -4.68 9.17 39.55
C GLY C 148 -5.05 10.08 38.41
N ASN C 149 -6.35 10.27 38.20
CA ASN C 149 -6.77 11.08 37.06
C ASN C 149 -6.38 12.55 37.19
N VAL C 150 -5.91 13.12 36.09
CA VAL C 150 -5.62 14.54 36.04
C VAL C 150 -6.69 15.19 35.20
N THR C 151 -7.80 15.56 35.84
CA THR C 151 -8.94 16.09 35.12
C THR C 151 -8.85 17.59 34.91
N GLU C 152 -7.96 18.25 35.64
CA GLU C 152 -7.75 19.69 35.48
C GLU C 152 -6.27 20.02 35.54
N SER C 153 -5.83 20.95 34.70
CA SER C 153 -4.46 21.46 34.76
C SER C 153 -4.13 22.04 36.13
N TYR C 154 -2.88 21.85 36.56
CA TYR C 154 -2.45 22.38 37.84
C TYR C 154 -0.93 22.50 37.84
N GLY C 155 -0.40 23.47 38.58
CA GLY C 155 1.04 23.69 38.62
C GLY C 155 1.62 23.69 37.22
N ASN C 156 2.67 22.89 37.01
CA ASN C 156 3.27 22.77 35.67
C ASN C 156 2.72 21.62 34.83
N VAL C 157 1.47 21.24 35.09
CA VAL C 157 0.85 20.10 34.47
C VAL C 157 -0.44 20.47 33.76
N ILE C 158 -0.59 19.97 32.53
CA ILE C 158 -1.76 20.23 31.72
C ILE C 158 -2.63 18.97 31.70
N SER C 159 -3.92 19.12 31.93
CA SER C 159 -4.82 18.00 31.77
C SER C 159 -5.17 17.87 30.29
N ILE C 160 -4.72 16.77 29.67
CA ILE C 160 -5.06 16.47 28.28
C ILE C 160 -6.24 15.52 28.28
N ALA C 161 -7.21 15.77 27.40
CA ALA C 161 -8.37 14.89 27.28
C ALA C 161 -9.03 14.61 28.63
N LYS C 162 -9.06 15.63 29.50
CA LYS C 162 -9.71 15.52 30.81
C LYS C 162 -9.23 14.38 31.70
N LYS C 163 -8.03 13.85 31.43
CA LYS C 163 -7.57 12.68 32.19
C LYS C 163 -6.06 12.63 32.41
N PHE C 164 -5.29 12.96 31.37
CA PHE C 164 -3.84 12.75 31.37
C PHE C 164 -3.07 14.01 31.73
N GLY C 165 -2.18 13.90 32.71
CA GLY C 165 -1.34 15.02 33.07
C GLY C 165 -0.12 15.04 32.16
N MET C 166 0.08 16.12 31.43
CA MET C 166 1.29 16.27 30.64
C MET C 166 2.05 17.50 31.11
N ARG C 167 3.35 17.37 31.32
CA ARG C 167 4.14 18.53 31.72
C ARG C 167 4.10 19.62 30.68
N LYS C 168 3.90 20.86 31.15
CA LYS C 168 3.76 22.02 30.28
C LYS C 168 4.86 22.09 29.23
N GLU C 169 6.08 21.76 29.61
CA GLU C 169 7.22 21.90 28.70
C GLU C 169 7.16 20.90 27.54
N GLU C 170 6.21 19.99 27.57
CA GLU C 170 6.10 19.01 26.51
C GLU C 170 5.02 19.40 25.52
N ILE C 171 4.23 20.40 25.89
CA ILE C 171 3.18 20.91 25.02
C ILE C 171 3.74 21.32 23.65
N PRO C 172 4.87 22.05 23.63
CA PRO C 172 5.43 22.38 22.31
C PRO C 172 5.81 21.13 21.53
N VAL C 173 6.22 20.08 22.23
CA VAL C 173 6.62 18.83 21.61
C VAL C 173 5.37 18.11 21.05
N LEU C 174 4.34 18.03 21.88
CA LEU C 174 3.05 17.55 21.42
C LEU C 174 2.62 18.27 20.13
N VAL C 175 2.70 19.59 20.11
CA VAL C 175 2.26 20.34 18.94
C VAL C 175 3.10 20.03 17.71
N LYS C 176 4.42 20.07 17.87
CA LYS C 176 5.33 19.90 16.74
C LYS C 176 5.24 18.48 16.18
N THR C 177 5.01 17.52 17.07
CA THR C 177 4.91 16.11 16.71
C THR C 177 3.61 15.82 15.97
N SER C 178 2.57 16.59 16.28
CA SER C 178 1.25 16.35 15.70
C SER C 178 1.08 17.01 14.33
N LYS C 179 1.79 18.12 14.14
CA LYS C 179 1.62 18.96 12.96
C LYS C 179 1.75 18.25 11.61
N PRO C 180 2.73 17.35 11.48
CA PRO C 180 2.90 16.75 10.15
C PRO C 180 1.69 15.89 9.76
N TRP C 181 0.84 15.58 10.73
CA TRP C 181 -0.25 14.64 10.48
C TRP C 181 -1.55 15.29 10.04
N GLU C 182 -1.57 16.60 9.88
CA GLU C 182 -2.76 17.27 9.38
C GLU C 182 -3.25 16.65 8.07
N GLY C 183 -4.55 16.39 8.01
CA GLY C 183 -5.17 15.85 6.81
C GLY C 183 -4.84 14.39 6.52
N ILE C 184 -3.85 13.85 7.23
CA ILE C 184 -3.35 12.51 6.88
C ILE C 184 -3.30 11.50 8.03
N SER C 185 -3.69 11.91 9.23
CA SER C 185 -3.90 10.93 10.28
C SER C 185 -4.96 9.93 9.81
N VAL C 186 -5.05 8.77 10.44
CA VAL C 186 -6.12 7.84 10.11
C VAL C 186 -7.45 8.57 10.17
N GLU C 187 -7.66 9.24 11.29
CA GLU C 187 -8.85 10.06 11.49
C GLU C 187 -9.12 10.97 10.30
N GLU C 188 -8.15 11.82 9.95
CA GLU C 188 -8.40 12.86 8.95
C GLU C 188 -8.42 12.35 7.53
N LEU C 189 -7.58 11.36 7.23
CA LEU C 189 -7.59 10.78 5.89
C LEU C 189 -8.90 10.03 5.69
N SER C 190 -9.31 9.26 6.70
CA SER C 190 -10.54 8.49 6.57
C SER C 190 -11.76 9.42 6.52
N ASN C 191 -11.68 10.55 7.22
CA ASN C 191 -12.74 11.54 7.14
C ASN C 191 -12.93 12.02 5.69
N LYS C 192 -11.83 12.24 4.99
CA LYS C 192 -11.90 12.70 3.60
C LYS C 192 -12.73 11.75 2.75
N TYR C 193 -12.44 10.46 2.86
CA TYR C 193 -13.17 9.48 2.07
C TYR C 193 -14.55 9.21 2.59
N SER C 194 -14.73 9.34 3.91
CA SER C 194 -16.06 9.20 4.46
C SER C 194 -16.98 10.28 3.91
N LYS C 195 -16.43 11.46 3.64
CA LYS C 195 -17.20 12.54 3.02
C LYS C 195 -17.69 12.18 1.62
N MET C 196 -17.08 11.17 1.00
CA MET C 196 -17.51 10.75 -0.32
C MET C 196 -18.59 9.69 -0.28
N THR C 197 -18.93 9.23 0.92
CA THR C 197 -20.03 8.28 1.03
C THR C 197 -21.34 9.06 1.02
N PRO C 198 -22.41 8.47 0.48
CA PRO C 198 -23.67 9.21 0.39
C PRO C 198 -24.26 9.57 1.75
N GLY C 199 -24.01 8.74 2.76
CA GLY C 199 -24.58 8.99 4.07
C GLY C 199 -23.70 9.80 5.01
N TYR C 200 -22.73 10.52 4.46
CA TYR C 200 -21.79 11.25 5.32
C TYR C 200 -22.47 12.22 6.28
N ASP C 201 -23.30 13.11 5.76
CA ASP C 201 -23.98 14.08 6.61
C ASP C 201 -24.83 13.38 7.66
N GLN C 202 -25.53 12.34 7.24
CA GLN C 202 -26.30 11.52 8.17
C GLN C 202 -25.40 10.97 9.27
N PHE C 203 -24.24 10.46 8.87
CA PHE C 203 -23.27 9.91 9.80
C PHE C 203 -22.82 10.97 10.80
N LYS C 204 -22.49 12.15 10.29
CA LYS C 204 -22.06 13.23 11.18
C LYS C 204 -23.13 13.59 12.20
N ASN C 205 -24.39 13.60 11.79
CA ASN C 205 -25.46 13.90 12.73
C ASN C 205 -25.54 12.83 13.82
N ILE C 206 -25.28 11.60 13.42
CA ILE C 206 -25.30 10.49 14.35
C ILE C 206 -24.16 10.64 15.38
N MET C 207 -22.97 10.96 14.91
CA MET C 207 -21.85 11.22 15.82
C MET C 207 -22.15 12.42 16.74
N GLU C 208 -22.58 13.55 16.17
CA GLU C 208 -22.83 14.76 16.98
C GLU C 208 -23.88 14.57 18.06
N SER C 209 -24.88 13.75 17.77
CA SER C 209 -25.95 13.49 18.73
C SER C 209 -25.55 12.45 19.76
N VAL C 210 -24.39 11.84 19.52
CA VAL C 210 -23.84 10.74 20.32
C VAL C 210 -24.72 9.48 20.29
N ILE C 211 -25.47 9.31 19.21
CA ILE C 211 -26.24 8.09 18.98
C ILE C 211 -25.25 6.94 18.77
N CYS C 212 -24.12 7.25 18.17
CA CYS C 212 -23.01 6.33 18.06
C CYS C 212 -21.88 6.93 18.90
N MET C 213 -21.40 6.17 19.88
CA MET C 213 -20.51 6.74 20.89
C MET C 213 -19.17 7.26 20.38
N PHE C 214 -18.50 6.51 19.50
CA PHE C 214 -17.18 6.93 19.04
C PHE C 214 -16.73 6.22 17.76
N ASP C 215 -15.61 6.67 17.24
CA ASP C 215 -15.06 6.17 15.97
C ASP C 215 -14.11 5.00 16.16
N SER C 216 -14.13 4.07 15.20
CA SER C 216 -13.26 2.91 15.26
C SER C 216 -11.77 3.29 15.31
N PHE C 217 -11.39 4.33 14.58
CA PHE C 217 -9.98 4.74 14.59
C PHE C 217 -9.46 5.09 15.99
N ALA C 218 -10.36 5.29 16.95
CA ALA C 218 -9.88 5.69 18.28
C ALA C 218 -9.09 4.57 18.95
N ILE C 219 -9.47 3.33 18.66
CA ILE C 219 -8.85 2.15 19.27
C ILE C 219 -8.88 0.98 18.28
N PRO C 220 -8.04 1.05 17.23
CA PRO C 220 -8.11 0.13 16.08
C PRO C 220 -7.62 -1.29 16.39
N GLN C 221 -6.92 -1.45 17.52
CA GLN C 221 -6.57 -2.76 18.04
C GLN C 221 -7.21 -2.92 19.41
N GLY C 222 -7.34 -4.15 19.87
CA GLY C 222 -7.96 -4.39 21.16
C GLY C 222 -9.32 -5.03 21.05
N ARG C 223 -9.96 -5.29 22.19
CA ARG C 223 -11.11 -6.20 22.23
C ARG C 223 -10.73 -7.47 21.50
N GLU C 224 -9.50 -7.89 21.76
CA GLU C 224 -8.95 -9.11 21.16
C GLU C 224 -8.05 -9.78 22.17
N VAL C 225 -7.48 -10.92 21.81
CA VAL C 225 -6.59 -11.62 22.73
C VAL C 225 -5.20 -11.72 22.10
N ILE C 226 -4.19 -11.24 22.84
CA ILE C 226 -2.83 -11.30 22.32
C ILE C 226 -2.41 -12.77 22.26
N ASN C 227 -1.43 -13.05 21.41
CA ASN C 227 -0.88 -14.40 21.35
C ASN C 227 0.62 -14.33 21.64
N TYR C 228 1.04 -14.92 22.76
CA TYR C 228 2.43 -14.88 23.23
C TYR C 228 3.33 -15.98 22.69
N TYR C 229 2.80 -16.83 21.83
CA TYR C 229 3.54 -18.00 21.37
C TYR C 229 4.93 -17.74 20.81
N MET C 230 5.05 -16.83 19.84
CA MET C 230 6.29 -16.77 19.07
C MET C 230 7.53 -16.55 19.94
N PRO C 231 7.52 -15.50 20.78
CA PRO C 231 8.72 -15.27 21.60
C PRO C 231 8.88 -16.28 22.72
N LEU C 232 7.79 -16.89 23.20
CA LEU C 232 7.95 -17.91 24.24
C LEU C 232 8.61 -19.13 23.61
N GLN C 233 8.24 -19.41 22.36
CA GLN C 233 8.75 -20.57 21.68
C GLN C 233 10.17 -20.38 21.12
N TYR C 234 10.48 -19.18 20.63
CA TYR C 234 11.74 -18.96 19.91
C TYR C 234 12.70 -17.98 20.58
N GLY C 235 12.16 -17.05 21.35
CA GLY C 235 12.95 -15.90 21.75
C GLY C 235 13.18 -15.02 20.53
N PHE C 236 13.71 -13.83 20.77
CA PHE C 236 13.91 -12.84 19.71
C PHE C 236 15.01 -13.21 18.71
N ASP C 237 16.14 -13.71 19.18
CA ASP C 237 17.18 -14.14 18.26
C ASP C 237 16.62 -15.20 17.32
N GLY C 238 15.87 -16.14 17.90
CA GLY C 238 15.27 -17.23 17.16
C GLY C 238 14.32 -16.70 16.10
N ILE C 239 13.51 -15.73 16.47
CA ILE C 239 12.57 -15.13 15.52
C ILE C 239 13.28 -14.45 14.36
N ILE C 240 14.35 -13.72 14.66
CA ILE C 240 15.11 -13.05 13.61
C ILE C 240 15.68 -14.08 12.65
N LYS C 241 16.18 -15.17 13.21
CA LYS C 241 16.67 -16.27 12.38
C LYS C 241 15.55 -16.76 11.46
N LEU C 242 14.36 -16.95 12.02
CA LEU C 242 13.23 -17.42 11.23
C LEU C 242 12.95 -16.45 10.09
N CYS C 243 13.03 -15.16 10.41
CA CYS C 243 12.77 -14.12 9.42
C CYS C 243 13.80 -14.18 8.32
N ASP C 244 15.08 -14.32 8.70
CA ASP C 244 16.16 -14.42 7.72
C ASP C 244 15.91 -15.60 6.80
N GLU C 245 15.54 -16.75 7.37
CA GLU C 245 15.23 -17.94 6.56
C GLU C 245 14.10 -17.68 5.58
N LYS C 246 13.02 -17.09 6.06
CA LYS C 246 11.86 -16.76 5.22
C LYS C 246 12.23 -15.77 4.13
N ILE C 247 13.01 -14.77 4.50
CA ILE C 247 13.46 -13.79 3.54
C ILE C 247 14.26 -14.45 2.43
N ALA C 248 15.15 -15.36 2.80
CA ALA C 248 15.93 -16.09 1.80
C ALA C 248 15.00 -16.93 0.94
N GLU C 249 13.94 -17.47 1.55
CA GLU C 249 13.00 -18.31 0.82
C GLU C 249 12.12 -17.52 -0.15
N VAL C 250 11.60 -16.39 0.27
CA VAL C 250 10.51 -15.79 -0.49
C VAL C 250 10.75 -14.40 -1.06
N MET C 251 11.85 -13.75 -0.69
CA MET C 251 12.04 -12.39 -1.13
C MET C 251 12.20 -12.40 -2.66
N GLY C 252 11.37 -11.61 -3.34
CA GLY C 252 11.37 -11.58 -4.78
C GLY C 252 10.58 -12.72 -5.42
N GLU C 253 9.96 -13.58 -4.60
CA GLU C 253 9.09 -14.65 -5.09
C GLU C 253 7.62 -14.43 -4.78
N ALA C 254 6.77 -14.63 -5.78
CA ALA C 254 5.35 -14.47 -5.56
C ALA C 254 4.64 -15.82 -5.41
N GLY C 255 5.31 -16.90 -5.81
CA GLY C 255 4.61 -18.15 -5.97
C GLY C 255 3.56 -17.98 -7.04
N ASP C 256 2.34 -18.51 -6.81
CA ASP C 256 1.23 -18.31 -7.73
C ASP C 256 0.30 -17.17 -7.28
N ASP C 257 0.75 -16.41 -6.29
CA ASP C 257 -0.11 -15.44 -5.64
C ASP C 257 0.23 -14.03 -6.10
N GLY C 258 -0.47 -13.58 -7.14
CA GLY C 258 -0.27 -12.26 -7.68
C GLY C 258 -0.71 -11.13 -6.76
N ASP C 259 -1.49 -11.49 -5.74
CA ASP C 259 -2.03 -10.48 -4.82
C ASP C 259 -1.07 -10.18 -3.67
N PHE C 260 -0.65 -11.22 -2.96
CA PHE C 260 0.13 -11.03 -1.74
C PHE C 260 1.43 -11.81 -1.73
N GLY C 261 1.73 -12.51 -2.82
CA GLY C 261 2.95 -13.31 -2.87
C GLY C 261 4.18 -12.46 -2.61
N MET C 262 4.32 -11.39 -3.39
CA MET C 262 5.48 -10.49 -3.24
C MET C 262 5.52 -9.82 -1.87
N SER C 263 4.36 -9.64 -1.25
CA SER C 263 4.30 -8.94 0.04
C SER C 263 4.88 -9.73 1.20
N ARG C 264 5.02 -11.04 1.04
CA ARG C 264 5.54 -11.90 2.09
C ARG C 264 6.93 -11.43 2.48
N GLY C 265 7.74 -11.15 1.48
CA GLY C 265 9.11 -10.72 1.71
C GLY C 265 9.19 -9.49 2.56
N TYR C 266 8.37 -8.49 2.26
CA TYR C 266 8.39 -7.26 3.04
C TYR C 266 7.88 -7.51 4.45
N TYR C 267 6.96 -8.48 4.58
CA TYR C 267 6.40 -8.80 5.87
C TYR C 267 7.52 -9.32 6.78
N TYR C 268 8.37 -10.20 6.27
CA TYR C 268 9.45 -10.74 7.10
C TYR C 268 10.56 -9.72 7.40
N ALA C 269 10.86 -8.88 6.43
CA ALA C 269 11.79 -7.78 6.68
C ALA C 269 11.24 -6.89 7.82
N ALA C 270 9.96 -6.58 7.74
CA ALA C 270 9.29 -5.79 8.77
C ALA C 270 9.33 -6.48 10.14
N MET C 271 9.08 -7.79 10.16
CA MET C 271 9.07 -8.54 11.41
C MET C 271 10.45 -8.57 12.02
N LYS C 272 11.44 -8.68 11.16
CA LYS C 272 12.82 -8.63 11.60
C LYS C 272 13.09 -7.27 12.27
N GLU C 273 12.60 -6.20 11.67
CA GLU C 273 12.80 -4.87 12.24
C GLU C 273 12.14 -4.70 13.60
N ILE C 274 10.90 -5.20 13.74
CA ILE C 274 10.20 -4.97 15.00
C ILE C 274 10.80 -5.88 16.06
N THR C 275 11.29 -7.04 15.65
CA THR C 275 11.89 -7.95 16.62
C THR C 275 13.19 -7.34 17.15
N LYS C 276 13.99 -6.77 16.26
CA LYS C 276 15.21 -6.09 16.71
C LYS C 276 14.82 -5.00 17.70
N GLY C 277 13.71 -4.33 17.40
CA GLY C 277 13.15 -3.30 18.26
C GLY C 277 12.84 -3.79 19.68
N LEU C 278 12.08 -4.88 19.77
CA LEU C 278 11.71 -5.47 21.06
C LEU C 278 12.98 -5.90 21.81
N SER C 279 13.90 -6.53 21.09
CA SER C 279 15.17 -6.94 21.66
C SER C 279 15.90 -5.77 22.31
N ALA C 280 16.11 -4.70 21.55
CA ALA C 280 16.86 -3.54 22.03
C ALA C 280 16.17 -2.89 23.23
N TRP C 281 14.85 -2.86 23.17
CA TRP C 281 14.01 -2.33 24.23
C TRP C 281 14.26 -3.10 25.52
N CYS C 282 14.36 -4.42 25.42
CA CYS C 282 14.60 -5.24 26.60
C CYS C 282 16.01 -4.94 27.13
N GLU C 283 16.93 -4.75 26.20
CA GLU C 283 18.32 -4.49 26.57
C GLU C 283 18.44 -3.17 27.31
N ASN C 284 17.67 -2.17 26.92
CA ASN C 284 17.65 -0.91 27.62
C ASN C 284 17.29 -1.12 29.07
N TYR C 285 16.29 -1.97 29.32
CA TYR C 285 15.89 -2.25 30.69
C TYR C 285 17.02 -2.96 31.42
N SER C 286 17.69 -3.87 30.72
CA SER C 286 18.80 -4.60 31.31
C SER C 286 19.88 -3.61 31.76
N LYS C 287 20.15 -2.63 30.90
CA LYS C 287 21.15 -1.61 31.21
C LYS C 287 20.76 -0.75 32.42
N ARG C 288 19.52 -0.30 32.45
CA ARG C 288 18.99 0.45 33.60
C ARG C 288 19.14 -0.36 34.88
N ALA C 289 18.79 -1.64 34.81
CA ALA C 289 18.92 -2.52 35.97
C ALA C 289 20.37 -2.58 36.42
N LYS C 290 21.26 -2.71 35.45
CA LYS C 290 22.68 -2.82 35.74
C LYS C 290 23.15 -1.58 36.51
N TYR C 291 22.74 -0.41 36.04
CA TYR C 291 23.08 0.82 36.71
C TYR C 291 22.52 0.91 38.14
N LEU C 292 21.22 0.65 38.29
CA LEU C 292 20.60 0.69 39.61
C LEU C 292 21.31 -0.26 40.56
N ALA C 293 21.71 -1.42 40.06
CA ALA C 293 22.42 -2.37 40.88
C ALA C 293 23.68 -1.67 41.40
N SER C 294 24.34 -0.93 40.52
CA SER C 294 25.67 -0.41 40.81
C SER C 294 25.65 0.72 41.83
N ILE C 295 24.50 1.34 42.06
CA ILE C 295 24.42 2.41 43.03
C ILE C 295 23.61 2.01 44.25
N GLU C 296 23.20 0.75 44.30
CA GLU C 296 22.36 0.25 45.37
C GLU C 296 23.22 -0.31 46.50
N THR C 297 22.95 0.12 47.73
CA THR C 297 23.74 -0.32 48.87
C THR C 297 23.07 -1.45 49.63
N ASP C 298 21.74 -1.51 49.57
CA ASP C 298 21.03 -2.61 50.18
C ASP C 298 21.37 -3.89 49.41
N SER C 299 22.00 -4.81 50.11
CA SER C 299 22.47 -6.05 49.51
C SER C 299 21.34 -6.80 48.81
N GLU C 300 20.17 -6.81 49.44
CA GLU C 300 19.03 -7.56 48.97
C GLU C 300 18.47 -6.96 47.69
N ILE C 301 18.34 -5.64 47.70
CA ILE C 301 17.78 -4.92 46.57
C ILE C 301 18.75 -4.95 45.40
N LYS C 302 20.04 -4.94 45.70
CA LYS C 302 21.05 -4.94 44.68
C LYS C 302 21.05 -6.28 43.94
N ALA C 303 20.95 -7.37 44.69
CA ALA C 303 20.88 -8.70 44.10
C ALA C 303 19.67 -8.78 43.19
N ASN C 304 18.61 -8.08 43.58
CA ASN C 304 17.38 -8.11 42.83
C ASN C 304 17.51 -7.36 41.50
N TYR C 305 18.07 -6.16 41.56
CA TYR C 305 18.35 -5.39 40.34
C TYR C 305 19.21 -6.20 39.38
N GLU C 306 20.13 -6.98 39.93
CA GLU C 306 21.01 -7.80 39.11
C GLU C 306 20.24 -8.96 38.51
N LYS C 307 19.23 -9.45 39.24
CA LYS C 307 18.36 -10.50 38.72
C LYS C 307 17.58 -9.93 37.53
N ILE C 308 17.03 -8.73 37.70
CA ILE C 308 16.35 -8.04 36.61
C ILE C 308 17.26 -7.86 35.39
N GLU C 309 18.48 -7.37 35.63
CA GLU C 309 19.46 -7.24 34.55
C GLU C 309 19.60 -8.54 33.78
N GLU C 310 19.77 -9.64 34.50
CA GLU C 310 19.91 -10.94 33.87
C GLU C 310 18.63 -11.34 33.11
N VAL C 311 17.49 -11.17 33.76
CA VAL C 311 16.21 -11.49 33.13
C VAL C 311 16.02 -10.74 31.81
N MET C 312 16.24 -9.43 31.86
CA MET C 312 15.97 -8.58 30.72
C MET C 312 17.03 -8.79 29.66
N GLY C 313 18.26 -9.05 30.09
CA GLY C 313 19.34 -9.31 29.16
C GLY C 313 19.09 -10.63 28.45
N ASN C 314 18.47 -11.55 29.17
CA ASN C 314 18.14 -12.86 28.61
C ASN C 314 16.97 -12.82 27.61
N ILE C 315 15.90 -12.14 27.96
CA ILE C 315 14.74 -12.16 27.07
C ILE C 315 14.90 -11.24 25.88
N ALA C 316 15.94 -10.42 25.90
CA ALA C 316 16.27 -9.61 24.74
C ALA C 316 16.74 -10.48 23.56
N HIS C 317 17.06 -11.74 23.82
CA HIS C 317 17.70 -12.61 22.82
C HIS C 317 17.27 -14.06 22.87
N LYS C 318 17.31 -14.64 24.06
CA LYS C 318 17.12 -16.07 24.22
C LYS C 318 15.67 -16.46 24.44
N LYS C 319 15.36 -17.71 24.14
CA LYS C 319 14.09 -18.28 24.55
C LYS C 319 14.03 -18.28 26.09
N PRO C 320 12.89 -17.85 26.67
CA PRO C 320 12.73 -17.85 28.12
C PRO C 320 13.09 -19.21 28.69
N ALA C 321 13.79 -19.22 29.82
CA ALA C 321 14.28 -20.48 30.37
C ALA C 321 13.80 -20.68 31.80
N ASN C 322 12.94 -19.77 32.26
CA ASN C 322 12.26 -19.94 33.54
C ASN C 322 10.97 -19.13 33.61
N PHE C 323 10.22 -19.31 34.69
CA PHE C 323 8.89 -18.68 34.81
C PHE C 323 9.00 -17.15 34.83
N TRP C 324 9.97 -16.64 35.58
CA TRP C 324 10.16 -15.20 35.67
C TRP C 324 10.41 -14.61 34.29
N GLU C 325 11.31 -15.22 33.54
CA GLU C 325 11.62 -14.76 32.20
C GLU C 325 10.41 -14.85 31.29
N ALA C 326 9.69 -15.96 31.37
CA ALA C 326 8.53 -16.19 30.54
C ALA C 326 7.43 -15.14 30.77
N ILE C 327 7.06 -14.90 32.02
CA ILE C 327 6.03 -13.92 32.28
C ILE C 327 6.56 -12.54 31.93
N GLN C 328 7.82 -12.30 32.22
CA GLN C 328 8.43 -11.04 31.82
C GLN C 328 8.37 -10.88 30.30
N MET C 329 8.56 -11.97 29.59
CA MET C 329 8.50 -11.89 28.13
C MET C 329 7.06 -11.58 27.68
N THR C 330 6.07 -12.12 28.37
CA THR C 330 4.71 -11.79 27.97
C THR C 330 4.45 -10.32 28.23
N LEU C 331 5.05 -9.79 29.29
CA LEU C 331 4.91 -8.35 29.55
C LEU C 331 5.51 -7.53 28.42
N CYS C 332 6.70 -7.90 27.96
CA CYS C 332 7.31 -7.21 26.82
C CYS C 332 6.38 -7.21 25.59
N CYS C 333 5.83 -8.38 25.26
CA CYS C 333 4.89 -8.46 24.14
C CYS C 333 3.70 -7.56 24.37
N HIS C 334 3.19 -7.60 25.59
CA HIS C 334 1.95 -6.91 25.88
C HIS C 334 2.17 -5.41 25.81
N PHE C 335 3.26 -4.92 26.41
CA PHE C 335 3.54 -3.49 26.31
C PHE C 335 3.85 -3.12 24.87
N GLY C 336 4.46 -4.05 24.14
CA GLY C 336 4.81 -3.80 22.75
C GLY C 336 3.57 -3.46 21.93
N VAL C 337 2.56 -4.31 22.03
CA VAL C 337 1.35 -4.10 21.26
C VAL C 337 0.55 -2.87 21.74
N VAL C 338 0.37 -2.72 23.04
CA VAL C 338 -0.40 -1.58 23.54
C VAL C 338 0.33 -0.25 23.32
N ASN C 339 1.60 -0.33 22.93
CA ASN C 339 2.35 0.86 22.57
C ASN C 339 2.34 1.17 21.08
N GLU C 340 1.75 0.30 20.27
CA GLU C 340 1.79 0.51 18.82
C GLU C 340 0.51 1.11 18.25
N ASP C 341 -0.52 1.19 19.09
CA ASP C 341 -1.78 1.83 18.75
C ASP C 341 -2.46 2.30 20.03
N PRO C 342 -3.34 3.30 19.91
CA PRO C 342 -4.25 3.57 21.02
C PRO C 342 -5.21 2.40 21.11
N GLN C 343 -5.39 1.84 22.30
CA GLN C 343 -6.25 0.69 22.38
C GLN C 343 -6.65 0.39 23.79
N SER C 344 -7.73 -0.35 23.92
CA SER C 344 -8.11 -0.96 25.18
C SER C 344 -8.55 -2.37 24.87
N GLY C 345 -8.52 -3.23 25.88
CA GLY C 345 -9.01 -4.58 25.72
C GLY C 345 -8.09 -5.50 24.96
N LEU C 346 -6.79 -5.20 24.97
CA LEU C 346 -5.83 -6.21 24.53
C LEU C 346 -5.74 -7.24 25.64
N SER C 347 -6.49 -8.33 25.53
CA SER C 347 -6.52 -9.30 26.61
C SER C 347 -5.22 -10.08 26.69
N ILE C 348 -4.82 -10.34 27.92
CA ILE C 348 -3.72 -11.25 28.19
C ILE C 348 -4.13 -12.66 27.77
N GLY C 349 -5.43 -12.94 27.86
CA GLY C 349 -5.90 -14.29 27.60
C GLY C 349 -5.59 -15.27 28.72
N ARG C 350 -5.32 -16.52 28.35
CA ARG C 350 -5.25 -17.61 29.32
C ARG C 350 -3.81 -17.81 29.82
N LEU C 351 -3.30 -16.79 30.49
CA LEU C 351 -1.93 -16.77 30.98
C LEU C 351 -1.54 -18.00 31.81
N GLY C 352 -2.44 -18.46 32.67
CA GLY C 352 -2.17 -19.61 33.53
C GLY C 352 -1.94 -20.90 32.75
N GLN C 353 -2.38 -20.92 31.50
CA GLN C 353 -2.21 -22.11 30.66
C GLN C 353 -0.97 -21.94 29.80
N VAL C 354 -0.85 -20.75 29.21
CA VAL C 354 0.29 -20.37 28.41
C VAL C 354 1.59 -20.57 29.19
N LEU C 355 1.56 -20.25 30.49
CA LEU C 355 2.79 -20.21 31.28
C LEU C 355 2.93 -21.41 32.18
N GLN C 356 1.91 -22.28 32.19
CA GLN C 356 1.99 -23.52 32.97
C GLN C 356 3.28 -24.31 32.73
N PRO C 357 3.69 -24.46 31.45
CA PRO C 357 4.91 -25.26 31.26
C PRO C 357 6.14 -24.63 31.91
N PHE C 358 6.21 -23.30 31.94
CA PHE C 358 7.34 -22.62 32.57
C PHE C 358 7.20 -22.71 34.07
N TYR C 359 5.99 -22.47 34.56
CA TYR C 359 5.72 -22.57 35.98
C TYR C 359 6.07 -23.95 36.52
N GLU C 360 5.57 -24.99 35.89
CA GLU C 360 5.72 -26.32 36.46
C GLU C 360 7.18 -26.77 36.51
N LYS C 361 7.95 -26.44 35.50
CA LYS C 361 9.37 -26.81 35.53
C LYS C 361 10.05 -26.14 36.72
N ASP C 362 9.78 -24.85 36.90
CA ASP C 362 10.42 -24.13 37.99
C ASP C 362 10.09 -24.68 39.35
N VAL C 363 8.86 -25.14 39.54
CA VAL C 363 8.50 -25.64 40.87
C VAL C 363 8.96 -27.10 41.01
N GLU C 364 9.15 -27.77 39.88
CA GLU C 364 9.69 -29.13 39.85
C GLU C 364 11.20 -29.20 39.97
N ASP C 365 11.88 -28.23 39.37
CA ASP C 365 13.35 -28.26 39.25
C ASP C 365 14.03 -27.35 40.26
N GLY C 366 13.30 -26.96 41.31
CA GLY C 366 13.88 -26.20 42.40
C GLY C 366 14.23 -24.75 42.08
N ILE C 367 13.55 -24.16 41.11
CA ILE C 367 13.82 -22.78 40.76
C ILE C 367 12.99 -21.79 41.58
N MET C 368 11.73 -22.15 41.81
CA MET C 368 10.81 -21.30 42.56
C MET C 368 9.93 -22.09 43.52
N THR C 369 9.44 -21.40 44.55
CA THR C 369 8.36 -21.94 45.36
C THR C 369 7.06 -21.36 44.83
N ASP C 370 5.94 -21.95 45.22
CA ASP C 370 4.66 -21.38 44.84
C ASP C 370 4.52 -19.95 45.37
N GLU C 371 5.02 -19.69 46.57
CA GLU C 371 4.93 -18.34 47.14
C GLU C 371 5.65 -17.31 46.27
N GLU C 372 6.81 -17.67 45.75
CA GLU C 372 7.57 -16.77 44.87
C GLU C 372 6.82 -16.50 43.56
N VAL C 373 6.18 -17.54 43.03
CA VAL C 373 5.37 -17.41 41.83
C VAL C 373 4.20 -16.48 42.15
N ILE C 374 3.59 -16.67 43.32
CA ILE C 374 2.52 -15.79 43.77
C ILE C 374 3.00 -14.34 43.84
N GLU C 375 4.21 -14.12 44.35
CA GLU C 375 4.76 -12.77 44.38
C GLU C 375 4.84 -12.13 42.98
N LEU C 376 5.40 -12.85 42.02
CA LEU C 376 5.46 -12.33 40.66
C LEU C 376 4.03 -12.06 40.14
N LEU C 377 3.10 -12.94 40.47
CA LEU C 377 1.71 -12.74 40.03
C LEU C 377 1.03 -11.51 40.68
N GLU C 378 1.28 -11.28 41.97
CA GLU C 378 0.80 -10.06 42.62
C GLU C 378 1.40 -8.84 41.94
N LEU C 379 2.69 -8.93 41.68
CA LEU C 379 3.44 -7.83 41.09
C LEU C 379 2.96 -7.60 39.67
N TYR C 380 2.62 -8.70 39.00
CA TYR C 380 2.08 -8.67 37.64
C TYR C 380 0.79 -7.85 37.60
N ARG C 381 -0.03 -7.98 38.63
CA ARG C 381 -1.28 -7.23 38.73
C ARG C 381 -1.02 -5.72 38.75
N ILE C 382 0.05 -5.30 39.41
CA ILE C 382 0.40 -3.89 39.42
C ILE C 382 0.70 -3.42 38.00
N LYS C 383 1.51 -4.18 37.28
CA LYS C 383 1.89 -3.79 35.92
C LYS C 383 0.64 -3.61 35.05
N ILE C 384 -0.29 -4.57 35.12
CA ILE C 384 -1.44 -4.55 34.24
C ILE C 384 -2.39 -3.43 34.66
N THR C 385 -2.56 -3.26 35.96
CA THR C 385 -3.36 -2.17 36.49
C THR C 385 -2.90 -0.80 36.02
N CYS C 386 -1.60 -0.66 35.80
CA CYS C 386 -1.05 0.63 35.40
C CYS C 386 -1.12 0.93 33.91
N ILE C 387 -1.61 -0.01 33.12
CA ILE C 387 -1.75 0.23 31.69
C ILE C 387 -2.85 1.25 31.40
N GLU C 388 -2.48 2.31 30.70
CA GLU C 388 -3.38 3.42 30.41
C GLU C 388 -3.62 3.52 28.90
N CYS C 389 -4.85 3.88 28.54
CA CYS C 389 -5.22 4.12 27.16
C CYS C 389 -5.36 5.61 26.90
N PHE C 390 -4.39 6.19 26.20
CA PHE C 390 -4.50 7.59 25.80
C PHE C 390 -5.50 7.67 24.66
N ALA C 391 -6.61 8.34 24.91
CA ALA C 391 -7.63 8.54 23.90
C ALA C 391 -8.56 9.67 24.35
N SER C 392 -9.49 10.05 23.48
CA SER C 392 -10.45 11.09 23.81
C SER C 392 -11.18 10.76 25.10
N ALA C 393 -11.70 11.77 25.77
CA ALA C 393 -12.45 11.59 27.01
C ALA C 393 -13.71 10.77 26.79
N GLY C 394 -14.32 10.90 25.62
CA GLY C 394 -15.48 10.09 25.29
C GLY C 394 -15.13 8.61 25.41
N VAL C 395 -13.90 8.27 25.08
CA VAL C 395 -13.44 6.88 25.19
C VAL C 395 -12.99 6.56 26.61
N SER C 396 -12.00 7.29 27.11
CA SER C 396 -11.41 7.02 28.42
C SER C 396 -12.39 7.17 29.57
N GLY C 397 -13.29 8.15 29.46
CA GLY C 397 -14.28 8.37 30.52
C GLY C 397 -15.67 7.84 30.18
N GLY C 398 -16.16 8.20 29.01
CA GLY C 398 -17.48 7.79 28.59
C GLY C 398 -17.59 6.29 28.46
N VAL C 399 -16.54 5.66 27.94
CA VAL C 399 -16.59 4.23 27.70
C VAL C 399 -15.82 3.40 28.72
N LEU C 400 -14.53 3.67 28.87
CA LEU C 400 -13.64 2.79 29.63
C LEU C 400 -13.61 3.06 31.14
N SER C 401 -13.99 4.27 31.54
CA SER C 401 -13.77 4.69 32.92
C SER C 401 -12.31 4.45 33.31
N GLY C 402 -11.42 4.62 32.33
CA GLY C 402 -10.00 4.43 32.56
C GLY C 402 -9.47 3.01 32.49
N ASN C 403 -10.34 2.02 32.67
CA ASN C 403 -9.88 0.63 32.66
C ASN C 403 -9.39 0.27 31.26
N THR C 404 -8.35 -0.55 31.16
CA THR C 404 -7.83 -0.93 29.84
C THR C 404 -8.05 -2.42 29.52
N PHE C 405 -8.86 -3.08 30.35
CA PHE C 405 -9.43 -4.38 30.00
C PHE C 405 -8.43 -5.41 29.50
N ASN C 406 -7.28 -5.50 30.16
CA ASN C 406 -6.34 -6.56 29.87
C ASN C 406 -6.83 -7.81 30.55
N ASN C 407 -7.85 -8.41 29.95
CA ASN C 407 -8.60 -9.50 30.54
C ASN C 407 -7.78 -10.79 30.55
N LEU C 408 -7.73 -11.43 31.71
CA LEU C 408 -7.02 -12.69 31.87
C LEU C 408 -8.05 -13.80 32.12
N SER C 409 -8.20 -14.70 31.15
CA SER C 409 -9.23 -15.74 31.24
C SER C 409 -8.66 -17.02 31.87
N LEU C 410 -9.51 -17.73 32.59
CA LEU C 410 -9.04 -18.89 33.33
C LEU C 410 -9.86 -20.10 32.92
N GLY C 411 -9.23 -21.27 32.93
CA GLY C 411 -9.96 -22.52 32.77
C GLY C 411 -10.43 -22.79 31.36
N GLY C 412 -11.61 -23.38 31.25
CA GLY C 412 -12.13 -23.81 29.97
C GLY C 412 -11.65 -25.18 29.59
N GLN C 413 -11.48 -25.39 28.29
CA GLN C 413 -11.08 -26.70 27.79
C GLN C 413 -9.77 -26.58 27.03
N ASN C 414 -8.92 -27.60 27.16
CA ASN C 414 -7.64 -27.57 26.48
C ASN C 414 -7.75 -28.15 25.06
N TYR C 415 -6.63 -28.24 24.36
CA TYR C 415 -6.64 -28.71 22.97
C TYR C 415 -7.38 -30.04 22.84
N ASP C 416 -7.17 -30.92 23.81
CA ASP C 416 -7.70 -32.27 23.76
C ASP C 416 -9.08 -32.40 24.38
N GLY C 417 -9.70 -31.28 24.67
CA GLY C 417 -11.09 -31.26 25.04
C GLY C 417 -11.32 -31.70 26.47
N LEU C 418 -10.26 -31.61 27.27
CA LEU C 418 -10.37 -31.87 28.71
C LEU C 418 -10.29 -30.56 29.45
N SER C 419 -10.52 -30.59 30.76
CA SER C 419 -10.48 -29.36 31.52
C SER C 419 -9.11 -28.74 31.33
N ALA C 420 -9.06 -27.42 31.18
CA ALA C 420 -7.81 -26.73 30.91
C ALA C 420 -7.19 -26.17 32.16
N VAL C 421 -7.90 -26.30 33.27
CA VAL C 421 -7.44 -25.72 34.51
C VAL C 421 -6.05 -26.22 34.85
N THR C 422 -5.16 -25.29 35.17
CA THR C 422 -3.79 -25.64 35.54
C THR C 422 -3.51 -25.22 36.98
N PRO C 423 -2.51 -25.84 37.62
CA PRO C 423 -2.15 -25.41 38.96
C PRO C 423 -1.79 -23.92 39.00
N LEU C 424 -1.16 -23.42 37.94
CA LEU C 424 -0.76 -22.03 37.93
C LEU C 424 -1.99 -21.13 38.02
N GLU C 425 -3.12 -21.59 37.52
CA GLU C 425 -4.30 -20.75 37.52
C GLU C 425 -4.86 -20.50 38.93
N TYR C 426 -4.71 -21.47 39.83
CA TYR C 426 -5.12 -21.28 41.22
C TYR C 426 -4.31 -20.14 41.81
N LEU C 427 -3.03 -20.15 41.47
CA LEU C 427 -2.10 -19.15 41.94
C LEU C 427 -2.45 -17.78 41.42
N ILE C 428 -2.97 -17.71 40.21
CA ILE C 428 -3.37 -16.44 39.64
C ILE C 428 -4.56 -15.89 40.42
N VAL C 429 -5.51 -16.76 40.73
CA VAL C 429 -6.64 -16.34 41.55
C VAL C 429 -6.14 -15.90 42.94
N GLU C 430 -5.26 -16.69 43.52
CA GLU C 430 -4.70 -16.35 44.83
C GLU C 430 -4.09 -14.95 44.82
N ALA C 431 -3.34 -14.64 43.76
CA ALA C 431 -2.66 -13.37 43.68
C ALA C 431 -3.66 -12.22 43.59
N GLY C 432 -4.78 -12.48 42.92
CA GLY C 432 -5.83 -11.49 42.80
C GLY C 432 -6.56 -11.32 44.11
N MET C 433 -6.39 -12.29 45.02
CA MET C 433 -7.01 -12.20 46.33
C MET C 433 -6.09 -11.41 47.25
N ARG C 434 -4.79 -11.73 47.19
CA ARG C 434 -3.83 -11.06 48.06
C ARG C 434 -3.55 -9.64 47.64
N ASN C 435 -3.44 -9.40 46.34
CA ASN C 435 -3.22 -8.06 45.84
C ASN C 435 -4.40 -7.59 45.02
N GLN C 436 -5.30 -6.90 45.69
CA GLN C 436 -6.58 -6.50 45.12
C GLN C 436 -6.44 -5.23 44.32
N THR C 437 -6.49 -5.40 43.00
CA THR C 437 -6.27 -4.33 42.05
C THR C 437 -7.34 -4.51 40.97
N PRO C 438 -7.59 -3.46 40.21
CA PRO C 438 -8.61 -3.56 39.16
C PRO C 438 -8.23 -4.58 38.06
N GLN C 439 -6.95 -4.67 37.74
CA GLN C 439 -6.48 -5.51 36.65
C GLN C 439 -5.33 -6.45 37.05
N PRO C 440 -5.17 -7.55 36.30
CA PRO C 440 -6.08 -7.93 35.21
C PRO C 440 -7.39 -8.39 35.80
N THR C 441 -8.52 -8.08 35.19
CA THR C 441 -9.74 -8.74 35.61
C THR C 441 -9.55 -10.22 35.29
N LEU C 442 -10.23 -11.08 36.02
CA LEU C 442 -10.11 -12.52 35.81
C LEU C 442 -11.46 -13.00 35.34
N SER C 443 -11.44 -13.86 34.33
CA SER C 443 -12.67 -14.35 33.72
C SER C 443 -12.65 -15.86 33.71
N VAL C 444 -13.50 -16.50 34.50
CA VAL C 444 -13.57 -17.95 34.48
C VAL C 444 -14.35 -18.43 33.25
N LEU C 445 -13.71 -19.27 32.44
CA LEU C 445 -14.40 -19.87 31.31
C LEU C 445 -15.13 -21.07 31.86
N TYR C 446 -16.26 -20.80 32.52
CA TYR C 446 -16.99 -21.82 33.23
C TYR C 446 -17.32 -22.97 32.31
N ASP C 447 -17.01 -24.19 32.76
CA ASP C 447 -17.26 -25.39 31.98
C ASP C 447 -17.58 -26.52 32.95
N GLU C 448 -18.50 -27.40 32.58
CA GLU C 448 -18.88 -28.49 33.45
C GLU C 448 -17.68 -29.36 33.84
N LYS C 449 -16.64 -29.37 33.01
CA LYS C 449 -15.47 -30.19 33.27
C LYS C 449 -14.53 -29.59 34.31
N THR C 450 -14.79 -28.35 34.73
CA THR C 450 -13.89 -27.63 35.64
C THR C 450 -13.95 -28.25 37.03
N PRO C 451 -12.78 -28.63 37.57
CA PRO C 451 -12.74 -29.22 38.92
C PRO C 451 -13.45 -28.33 39.93
N GLU C 452 -14.19 -28.96 40.84
CA GLU C 452 -14.92 -28.23 41.87
C GLU C 452 -13.99 -27.33 42.68
N ASP C 453 -12.80 -27.81 43.03
CA ASP C 453 -11.94 -26.99 43.88
C ASP C 453 -11.54 -25.67 43.22
N PHE C 454 -11.35 -25.67 41.90
CA PHE C 454 -11.03 -24.43 41.22
C PHE C 454 -12.25 -23.49 41.15
N LEU C 455 -13.41 -24.06 40.88
CA LEU C 455 -14.66 -23.31 40.91
C LEU C 455 -14.81 -22.62 42.26
N MET C 456 -14.60 -23.39 43.32
CA MET C 456 -14.75 -22.84 44.66
C MET C 456 -13.69 -21.79 44.92
N LYS C 457 -12.48 -22.05 44.46
CA LYS C 457 -11.38 -21.09 44.59
C LYS C 457 -11.77 -19.77 43.95
N ALA C 458 -12.23 -19.83 42.70
CA ALA C 458 -12.66 -18.64 41.99
C ALA C 458 -13.87 -17.97 42.68
N ALA C 459 -14.85 -18.76 43.07
CA ALA C 459 -16.01 -18.24 43.81
C ALA C 459 -15.57 -17.54 45.10
N SER C 460 -14.62 -18.13 45.81
CA SER C 460 -14.16 -17.54 47.06
C SER C 460 -13.51 -16.18 46.80
N CYS C 461 -13.06 -15.95 45.57
CA CYS C 461 -12.48 -14.66 45.21
C CYS C 461 -13.59 -13.68 44.81
N THR C 462 -14.48 -14.15 43.93
CA THR C 462 -15.64 -13.37 43.51
C THR C 462 -16.40 -12.84 44.73
N LYS C 463 -16.52 -13.66 45.77
CA LYS C 463 -17.35 -13.30 46.92
C LYS C 463 -16.80 -12.05 47.65
N LEU C 464 -15.53 -11.73 47.42
CA LEU C 464 -14.86 -10.60 48.08
C LEU C 464 -15.40 -9.26 47.61
N GLY C 465 -16.04 -9.27 46.45
CA GLY C 465 -16.65 -8.07 45.90
C GLY C 465 -15.65 -7.21 45.17
N LEU C 466 -14.57 -7.81 44.70
CA LEU C 466 -13.59 -7.09 43.91
C LEU C 466 -14.09 -7.01 42.47
N GLY C 467 -15.10 -7.82 42.16
CA GLY C 467 -15.69 -7.84 40.83
C GLY C 467 -15.17 -9.00 40.02
N TYR C 468 -14.03 -9.55 40.45
CA TYR C 468 -13.44 -10.68 39.74
C TYR C 468 -13.21 -11.87 40.65
N PRO C 469 -13.20 -13.08 40.08
CA PRO C 469 -13.44 -13.30 38.65
C PRO C 469 -14.88 -13.02 38.23
N ALA C 470 -15.06 -12.65 36.97
CA ALA C 470 -16.36 -12.69 36.33
C ALA C 470 -16.53 -14.11 35.79
N TRP C 471 -17.75 -14.48 35.40
CA TRP C 471 -18.02 -15.85 34.98
C TRP C 471 -18.65 -15.89 33.60
N MET C 472 -17.97 -16.52 32.65
CA MET C 472 -18.44 -16.58 31.28
C MET C 472 -18.61 -18.02 30.85
N ASN C 473 -19.55 -18.24 29.96
CA ASN C 473 -19.97 -19.58 29.61
C ASN C 473 -19.07 -20.16 28.53
N ASN C 474 -18.17 -21.06 28.92
CA ASN C 474 -17.27 -21.65 27.94
C ASN C 474 -18.02 -22.20 26.74
N GLN C 475 -19.07 -22.96 27.02
CA GLN C 475 -19.79 -23.65 25.95
C GLN C 475 -20.49 -22.70 25.00
N THR C 476 -21.16 -21.69 25.55
CA THR C 476 -21.86 -20.72 24.73
C THR C 476 -20.85 -19.96 23.87
N GLY C 477 -19.72 -19.62 24.48
CA GLY C 477 -18.68 -18.93 23.75
C GLY C 477 -18.15 -19.78 22.60
N MET C 478 -17.92 -21.06 22.87
CA MET C 478 -17.43 -21.93 21.82
C MET C 478 -18.49 -22.06 20.73
N ASN C 479 -19.76 -22.06 21.13
CA ASN C 479 -20.82 -22.21 20.16
C ASN C 479 -20.83 -20.99 19.24
N PHE C 480 -20.69 -19.81 19.83
CA PHE C 480 -20.60 -18.59 19.04
C PHE C 480 -19.40 -18.63 18.09
N MET C 481 -18.25 -19.10 18.57
CA MET C 481 -17.07 -19.28 17.71
C MET C 481 -17.38 -20.14 16.51
N MET C 482 -17.91 -21.35 16.75
CA MET C 482 -18.28 -22.24 15.66
C MET C 482 -19.28 -21.57 14.70
N ARG C 483 -20.26 -20.88 15.25
CA ARG C 483 -21.24 -20.22 14.41
C ARG C 483 -20.63 -19.10 13.59
N ASN C 484 -19.98 -18.17 14.27
CA ASN C 484 -19.55 -16.95 13.61
C ASN C 484 -18.35 -17.16 12.69
N TYR C 485 -17.44 -18.02 13.12
CA TYR C 485 -16.18 -18.22 12.41
C TYR C 485 -16.15 -19.52 11.62
N GLY C 486 -17.27 -20.22 11.61
CA GLY C 486 -17.43 -21.42 10.80
C GLY C 486 -17.07 -21.22 9.33
N PRO C 487 -17.47 -20.09 8.73
CA PRO C 487 -17.10 -19.90 7.33
C PRO C 487 -15.59 -19.78 7.12
N GLU C 488 -14.85 -19.39 8.14
CA GLU C 488 -13.40 -19.37 8.00
C GLU C 488 -12.75 -20.67 8.45
N GLY C 489 -13.56 -21.68 8.73
CA GLY C 489 -13.00 -22.99 9.04
C GLY C 489 -12.76 -23.25 10.52
N MET C 490 -13.35 -22.43 11.39
CA MET C 490 -13.29 -22.67 12.83
C MET C 490 -13.66 -24.13 13.16
N ASP C 491 -12.79 -24.80 13.92
CA ASP C 491 -13.04 -26.19 14.30
C ASP C 491 -13.17 -26.27 15.81
N LEU C 492 -13.44 -27.47 16.32
CA LEU C 492 -13.57 -27.67 17.77
C LEU C 492 -12.32 -27.30 18.51
N HIS C 493 -11.15 -27.64 17.96
CA HIS C 493 -9.90 -27.32 18.63
C HIS C 493 -9.67 -25.80 18.74
N ASP C 494 -9.83 -25.07 17.65
CA ASP C 494 -9.65 -23.62 17.76
C ASP C 494 -10.72 -23.02 18.66
N ALA C 495 -11.95 -23.52 18.52
CA ALA C 495 -13.04 -22.97 19.31
C ALA C 495 -12.70 -23.09 20.80
N ARG C 496 -12.08 -24.21 21.19
CA ARG C 496 -11.74 -24.40 22.61
C ARG C 496 -10.69 -23.38 23.11
N ALA C 497 -9.97 -22.76 22.18
CA ALA C 497 -8.88 -21.84 22.53
C ALA C 497 -9.38 -20.39 22.70
N TRP C 498 -10.67 -20.19 22.46
CA TRP C 498 -11.28 -18.86 22.56
C TRP C 498 -11.13 -18.31 23.99
N CYS C 499 -11.27 -17.00 24.12
CA CYS C 499 -11.58 -16.38 25.42
C CYS C 499 -11.98 -14.94 25.16
N LEU C 500 -12.13 -14.14 26.22
CA LEU C 500 -12.64 -12.78 26.07
C LEU C 500 -11.57 -11.81 25.63
N GLY C 501 -11.78 -11.13 24.50
CA GLY C 501 -11.03 -9.93 24.20
C GLY C 501 -11.68 -8.81 24.98
N GLY C 502 -10.91 -7.86 25.49
CA GLY C 502 -11.47 -6.83 26.34
C GLY C 502 -12.31 -7.45 27.45
N CYS C 503 -13.46 -6.85 27.74
CA CYS C 503 -14.34 -7.33 28.80
C CYS C 503 -15.04 -8.64 28.44
N LEU C 504 -15.90 -8.60 27.41
CA LEU C 504 -16.67 -9.79 27.02
C LEU C 504 -16.64 -10.06 25.53
N GLU C 505 -15.63 -9.53 24.83
CA GLU C 505 -15.60 -9.65 23.37
C GLU C 505 -15.01 -10.97 22.98
N SER C 506 -15.84 -12.00 23.05
CA SER C 506 -15.45 -13.35 22.68
C SER C 506 -14.60 -13.27 21.42
N ALA C 507 -13.37 -13.76 21.53
CA ALA C 507 -12.38 -13.58 20.47
C ALA C 507 -11.75 -14.91 20.11
N PRO C 508 -11.58 -15.18 18.80
CA PRO C 508 -10.94 -16.43 18.37
C PRO C 508 -9.58 -16.62 19.00
N GLY C 509 -9.21 -17.88 19.18
CA GLY C 509 -7.88 -18.26 19.58
C GLY C 509 -7.53 -19.55 18.86
N CYS C 510 -6.33 -20.05 19.08
CA CYS C 510 -5.97 -21.37 18.61
C CYS C 510 -4.89 -21.84 19.56
N PHE C 511 -4.56 -23.11 19.49
CA PHE C 511 -3.45 -23.62 20.26
C PHE C 511 -2.24 -23.78 19.38
N LEU C 512 -1.07 -23.57 19.97
CA LEU C 512 0.17 -23.74 19.24
C LEU C 512 1.11 -24.56 20.11
N PRO C 513 1.93 -25.40 19.47
CA PRO C 513 2.76 -26.35 20.19
C PRO C 513 4.04 -25.71 20.75
N LEU C 514 4.05 -25.44 22.05
CA LEU C 514 5.23 -24.91 22.73
C LEU C 514 6.15 -26.04 23.14
N GLU C 515 7.34 -26.11 22.56
CA GLU C 515 8.33 -27.06 23.04
C GLU C 515 9.00 -26.45 24.26
N TYR C 516 8.90 -27.12 25.40
CA TYR C 516 9.57 -26.65 26.60
C TYR C 516 9.72 -27.79 27.59
N ASN C 517 10.85 -27.84 28.28
CA ASN C 517 11.04 -28.84 29.33
C ASN C 517 10.86 -30.27 28.79
N GLY C 518 11.40 -30.53 27.59
CA GLY C 518 11.41 -31.88 27.05
C GLY C 518 10.08 -32.37 26.55
N LYS C 519 9.11 -31.47 26.46
CA LYS C 519 7.81 -31.88 25.96
C LYS C 519 7.16 -30.76 25.18
N VAL C 520 6.04 -31.07 24.57
CA VAL C 520 5.31 -30.09 23.80
C VAL C 520 3.99 -29.87 24.48
N THR C 521 3.62 -28.61 24.70
CA THR C 521 2.33 -28.27 25.27
C THR C 521 1.55 -27.38 24.30
N MET C 522 0.34 -27.78 23.93
CA MET C 522 -0.51 -26.93 23.10
C MET C 522 -1.03 -25.78 23.96
N ILE C 523 -0.53 -24.57 23.71
CA ILE C 523 -0.96 -23.43 24.49
C ILE C 523 -1.82 -22.48 23.66
N PRO C 524 -2.81 -21.86 24.31
CA PRO C 524 -3.76 -20.94 23.68
C PRO C 524 -3.19 -19.57 23.43
N GLY C 525 -3.86 -18.82 22.55
CA GLY C 525 -3.46 -17.47 22.25
C GLY C 525 -4.47 -16.98 21.23
N GLY C 526 -4.61 -15.68 21.11
CA GLY C 526 -5.61 -15.11 20.24
C GLY C 526 -5.28 -15.35 18.79
N ALA C 527 -6.30 -15.27 17.94
CA ALA C 527 -6.13 -15.57 16.53
C ALA C 527 -6.96 -14.69 15.62
N SER C 528 -7.44 -13.56 16.14
CA SER C 528 -8.12 -12.57 15.31
C SER C 528 -7.59 -11.19 15.64
N PRO C 529 -7.85 -10.23 14.74
CA PRO C 529 -7.69 -8.81 15.07
C PRO C 529 -8.86 -8.40 15.99
N THR C 530 -9.09 -7.10 16.11
CA THR C 530 -10.08 -6.55 17.03
C THR C 530 -11.46 -7.19 16.89
N CYS C 531 -12.07 -7.60 18.01
CA CYS C 531 -13.44 -8.10 17.99
C CYS C 531 -14.35 -7.11 18.72
N GLY C 532 -14.09 -5.83 18.55
CA GLY C 532 -14.86 -4.80 19.24
C GLY C 532 -14.64 -3.50 18.53
N THR C 533 -14.94 -3.53 17.23
CA THR C 533 -14.63 -2.45 16.30
C THR C 533 -15.66 -2.59 15.18
N GLY C 534 -16.04 -1.47 14.61
CA GLY C 534 -16.98 -1.45 13.50
C GLY C 534 -18.00 -0.38 13.74
N VAL C 535 -19.26 -0.77 13.94
CA VAL C 535 -20.28 0.19 14.34
C VAL C 535 -20.32 0.18 15.86
N HIS C 536 -19.81 1.24 16.46
CA HIS C 536 -19.70 1.33 17.91
C HIS C 536 -21.01 1.72 18.57
N PHE C 537 -21.06 1.55 19.88
CA PHE C 537 -22.27 1.75 20.67
C PHE C 537 -23.30 2.67 20.04
N ILE C 538 -24.40 2.06 19.63
CA ILE C 538 -25.55 2.79 19.15
C ILE C 538 -26.53 2.86 20.31
N GLY C 539 -26.88 4.08 20.74
CA GLY C 539 -27.82 4.26 21.82
C GLY C 539 -29.23 3.98 21.34
N MET C 540 -29.67 2.74 21.48
CA MET C 540 -30.95 2.35 20.90
C MET C 540 -32.17 3.10 21.44
N PRO C 541 -32.18 3.43 22.75
CA PRO C 541 -33.29 4.25 23.27
C PRO C 541 -33.34 5.65 22.64
N LYS C 542 -32.17 6.17 22.28
CA LYS C 542 -32.12 7.48 21.66
C LYS C 542 -32.70 7.43 20.26
N VAL C 543 -32.45 6.32 19.56
CA VAL C 543 -33.02 6.11 18.23
C VAL C 543 -34.55 6.02 18.34
N LEU C 544 -35.03 5.31 19.34
CA LEU C 544 -36.47 5.21 19.58
C LEU C 544 -37.01 6.62 19.82
N GLU C 545 -36.27 7.40 20.60
CA GLU C 545 -36.69 8.75 20.94
C GLU C 545 -36.94 9.52 19.64
N LEU C 546 -35.98 9.46 18.73
CA LEU C 546 -36.11 10.17 17.45
C LEU C 546 -37.16 9.57 16.51
N VAL C 547 -37.53 8.32 16.71
CA VAL C 547 -38.72 7.82 16.04
C VAL C 547 -39.89 8.68 16.51
N LEU C 548 -40.02 8.80 17.83
CA LEU C 548 -41.16 9.49 18.42
C LEU C 548 -41.10 10.99 18.14
N THR C 549 -39.90 11.53 17.98
CA THR C 549 -39.77 12.97 17.75
C THR C 549 -39.49 13.31 16.28
N ASN C 550 -39.82 12.37 15.40
CA ASN C 550 -39.76 12.64 13.96
C ASN C 550 -38.36 13.05 13.49
N GLY C 551 -37.34 12.40 14.04
CA GLY C 551 -35.97 12.63 13.59
C GLY C 551 -35.32 13.86 14.19
N LEU C 552 -36.08 14.63 14.95
CA LEU C 552 -35.56 15.81 15.63
C LEU C 552 -35.06 15.45 17.02
N ASP C 553 -33.81 15.80 17.31
CA ASP C 553 -33.23 15.58 18.63
C ASP C 553 -33.70 16.74 19.51
N LYS C 554 -34.73 16.50 20.32
CA LYS C 554 -35.29 17.55 21.16
C LYS C 554 -34.33 18.00 22.26
N ARG C 555 -33.30 17.21 22.51
CA ARG C 555 -32.34 17.61 23.53
C ARG C 555 -31.54 18.79 23.02
N THR C 556 -31.29 18.81 21.71
CA THR C 556 -30.34 19.75 21.15
C THR C 556 -30.95 20.66 20.08
N GLY C 557 -32.15 20.34 19.64
CA GLY C 557 -32.79 21.13 18.60
C GLY C 557 -32.24 20.88 17.20
N LYS C 558 -31.39 19.87 17.07
CA LYS C 558 -30.84 19.51 15.77
C LYS C 558 -31.60 18.36 15.10
N GLN C 559 -31.84 18.48 13.80
CA GLN C 559 -32.49 17.43 13.03
C GLN C 559 -31.47 16.37 12.68
N VAL C 560 -31.61 15.20 13.28
CA VAL C 560 -30.62 14.14 13.12
C VAL C 560 -30.96 13.22 11.95
N TYR C 561 -32.18 12.68 11.94
CA TYR C 561 -32.65 11.88 10.80
C TYR C 561 -33.64 12.68 9.98
N PRO C 562 -33.70 12.43 8.66
CA PRO C 562 -34.80 13.06 7.93
C PRO C 562 -36.09 12.67 8.61
N PRO C 563 -37.05 13.61 8.71
CA PRO C 563 -38.31 13.27 9.38
C PRO C 563 -39.03 12.21 8.58
N HIS C 564 -39.48 11.16 9.26
CA HIS C 564 -40.19 10.09 8.59
C HIS C 564 -41.63 10.50 8.26
N ASN C 565 -42.20 11.38 9.08
CA ASN C 565 -43.57 11.84 8.87
C ASN C 565 -44.54 10.68 8.67
N LYS C 566 -44.33 9.61 9.41
CA LYS C 566 -45.28 8.52 9.50
C LYS C 566 -46.09 8.71 10.77
N LYS C 567 -47.42 8.68 10.65
CA LYS C 567 -48.25 8.64 11.83
C LYS C 567 -47.94 7.36 12.61
N LEU C 568 -47.53 7.49 13.86
CA LEU C 568 -47.24 6.32 14.66
C LEU C 568 -48.56 5.73 15.16
N ASP C 569 -49.22 5.03 14.25
CA ASP C 569 -50.60 4.58 14.43
C ASP C 569 -50.69 3.17 15.00
N SER C 570 -49.56 2.49 15.13
CA SER C 570 -49.58 1.14 15.67
C SER C 570 -48.22 0.81 16.24
N TYR C 571 -48.17 -0.19 17.12
CA TYR C 571 -46.89 -0.65 17.63
C TYR C 571 -45.95 -1.00 16.48
N GLU C 572 -46.46 -1.73 15.50
CA GLU C 572 -45.64 -2.20 14.39
C GLU C 572 -45.10 -1.06 13.55
N THR C 573 -45.92 -0.04 13.30
CA THR C 573 -45.43 1.10 12.57
C THR C 573 -44.27 1.77 13.33
N MET C 574 -44.42 1.90 14.63
CA MET C 574 -43.36 2.52 15.42
C MET C 574 -42.09 1.70 15.38
N VAL C 575 -42.22 0.40 15.66
CA VAL C 575 -41.08 -0.52 15.64
C VAL C 575 -40.39 -0.52 14.27
N ASN C 576 -41.19 -0.53 13.21
CA ASN C 576 -40.62 -0.57 11.88
C ASN C 576 -39.87 0.71 11.57
N GLN C 577 -40.35 1.82 12.13
CA GLN C 577 -39.66 3.08 11.92
C GLN C 577 -38.37 3.09 12.69
N TRP C 578 -38.38 2.46 13.86
CA TRP C 578 -37.16 2.29 14.63
C TRP C 578 -36.12 1.50 13.83
N LYS C 579 -36.55 0.38 13.27
CA LYS C 579 -35.67 -0.44 12.48
C LYS C 579 -35.11 0.35 11.32
N GLU C 580 -35.97 1.13 10.70
CA GLU C 580 -35.52 1.89 9.54
C GLU C 580 -34.40 2.85 9.92
N TYR C 581 -34.60 3.63 10.99
CA TYR C 581 -33.55 4.50 11.50
C TYR C 581 -32.33 3.69 11.98
N MET C 582 -32.58 2.52 12.57
CA MET C 582 -31.47 1.68 13.04
C MET C 582 -30.62 1.20 11.86
N GLU C 583 -31.27 0.81 10.77
CA GLU C 583 -30.56 0.29 9.62
C GLU C 583 -29.79 1.39 8.87
N LEU C 584 -30.42 2.55 8.75
CA LEU C 584 -29.77 3.71 8.19
C LEU C 584 -28.54 4.10 9.01
N THR C 585 -28.71 4.10 10.33
CA THR C 585 -27.63 4.47 11.23
C THR C 585 -26.48 3.50 11.03
N THR C 586 -26.81 2.22 11.02
CA THR C 586 -25.81 1.17 10.89
C THR C 586 -25.07 1.25 9.55
N ASP C 587 -25.83 1.44 8.48
CA ASP C 587 -25.24 1.57 7.15
C ASP C 587 -24.19 2.69 7.09
N VAL C 588 -24.59 3.90 7.48
CA VAL C 588 -23.71 5.04 7.30
C VAL C 588 -22.52 5.01 8.24
N VAL C 589 -22.72 4.51 9.45
CA VAL C 589 -21.59 4.40 10.35
C VAL C 589 -20.64 3.30 9.87
N ASN C 590 -21.20 2.17 9.48
CA ASN C 590 -20.42 1.03 8.98
C ASN C 590 -19.51 1.42 7.84
N ARG C 591 -20.06 2.14 6.86
CA ARG C 591 -19.25 2.56 5.73
C ARG C 591 -18.12 3.49 6.17
N CYS C 592 -18.40 4.42 7.09
CA CYS C 592 -17.33 5.32 7.50
C CYS C 592 -16.31 4.57 8.33
N ASN C 593 -16.78 3.71 9.21
CA ASN C 593 -15.84 2.98 10.06
C ASN C 593 -15.00 1.96 9.31
N ASN C 594 -15.57 1.39 8.25
CA ASN C 594 -14.77 0.57 7.34
C ASN C 594 -13.63 1.39 6.78
N ILE C 595 -13.94 2.61 6.33
CA ILE C 595 -12.91 3.48 5.77
C ILE C 595 -11.85 3.79 6.82
N GLN C 596 -12.31 4.11 8.03
CA GLN C 596 -11.39 4.39 9.13
C GLN C 596 -10.43 3.24 9.34
N MET C 597 -10.97 2.04 9.48
CA MET C 597 -10.16 0.87 9.77
C MET C 597 -9.36 0.43 8.56
N ASP C 598 -9.90 0.67 7.37
CA ASP C 598 -9.20 0.28 6.16
C ASP C 598 -7.96 1.16 5.95
N ILE C 599 -8.13 2.46 6.16
CA ILE C 599 -7.00 3.37 6.10
C ILE C 599 -5.97 2.94 7.10
N TRP C 600 -6.41 2.65 8.31
CA TRP C 600 -5.47 2.23 9.35
C TRP C 600 -4.71 0.94 8.98
N ARG C 601 -5.41 -0.07 8.43
CA ARG C 601 -4.76 -1.35 8.15
C ARG C 601 -3.82 -1.26 6.95
N LYS C 602 -4.04 -0.25 6.11
CA LYS C 602 -3.19 -0.03 4.95
C LYS C 602 -2.01 0.92 5.20
N TYR C 603 -2.17 1.91 6.07
CA TYR C 603 -1.10 2.88 6.30
C TYR C 603 -0.56 2.85 7.73
N ASN C 604 -1.10 1.96 8.53
CA ASN C 604 -0.78 1.92 9.96
C ASN C 604 -0.99 0.51 10.53
N MET C 605 -0.59 -0.50 9.76
CA MET C 605 -0.84 -1.88 10.16
C MET C 605 -0.03 -2.29 11.39
N PRO C 606 -0.52 -3.28 12.12
CA PRO C 606 0.25 -3.66 13.31
C PRO C 606 1.60 -4.24 12.94
N ALA C 607 2.57 -4.02 13.82
CA ALA C 607 3.90 -4.56 13.65
C ALA C 607 4.13 -5.64 14.70
N VAL C 608 4.07 -5.26 15.98
CA VAL C 608 4.25 -6.24 17.04
C VAL C 608 3.15 -7.29 16.93
N ASN C 609 1.91 -6.83 16.85
CA ASN C 609 0.82 -7.78 16.80
C ASN C 609 0.82 -8.66 15.56
N SER C 610 1.30 -8.10 14.43
CA SER C 610 1.44 -8.88 13.20
C SER C 610 2.56 -9.91 13.31
N LEU C 611 3.52 -9.69 14.21
CA LEU C 611 4.48 -10.74 14.48
C LEU C 611 3.82 -11.85 15.27
N LEU C 612 3.03 -11.46 16.27
CA LEU C 612 2.56 -12.38 17.29
C LEU C 612 1.33 -13.16 16.84
N LYS C 613 0.46 -12.52 16.06
CA LYS C 613 -0.86 -13.11 15.84
C LYS C 613 -0.81 -14.19 14.75
N PRO C 614 -1.16 -15.44 15.09
CA PRO C 614 -1.29 -16.46 14.04
C PRO C 614 -2.45 -16.10 13.12
N ASP C 615 -2.35 -16.32 11.80
CA ASP C 615 -1.25 -17.02 11.14
C ASP C 615 -0.38 -16.07 10.34
N CYS C 616 -0.10 -14.89 10.90
CA CYS C 616 0.63 -13.90 10.13
C CYS C 616 1.98 -14.40 9.69
N PHE C 617 2.71 -15.00 10.62
CA PHE C 617 4.07 -15.37 10.32
C PHE C 617 4.12 -16.54 9.36
N LYS C 618 3.19 -17.46 9.53
CA LYS C 618 3.13 -18.62 8.66
C LYS C 618 2.82 -18.18 7.24
N LYS C 619 1.91 -17.22 7.09
CA LYS C 619 1.44 -16.85 5.76
C LYS C 619 2.23 -15.73 5.13
N GLY C 620 3.02 -15.02 5.93
CA GLY C 620 3.76 -13.88 5.45
C GLY C 620 2.81 -12.74 5.16
N LYS C 621 1.78 -12.63 5.98
CA LYS C 621 0.77 -11.57 5.85
C LYS C 621 0.58 -10.94 7.20
N HIS C 622 0.47 -9.61 7.23
CA HIS C 622 0.26 -8.94 8.49
C HIS C 622 -1.23 -8.84 8.78
N ILE C 623 -1.60 -8.31 9.93
CA ILE C 623 -2.99 -8.24 10.32
C ILE C 623 -3.84 -7.45 9.33
N GLY C 624 -3.24 -6.44 8.72
CA GLY C 624 -3.94 -5.63 7.73
C GLY C 624 -4.37 -6.44 6.49
N THR C 625 -3.56 -7.42 6.13
CA THR C 625 -3.85 -8.20 4.94
C THR C 625 -4.35 -9.60 5.29
N MET C 626 -5.05 -9.70 6.42
CA MET C 626 -5.73 -10.93 6.82
C MET C 626 -4.80 -12.08 7.14
N GLY C 627 -3.65 -11.74 7.70
CA GLY C 627 -2.76 -12.76 8.22
C GLY C 627 -3.38 -13.48 9.41
N ALA C 628 -4.20 -12.78 10.20
CA ALA C 628 -4.78 -13.42 11.38
C ALA C 628 -5.61 -14.59 10.85
N ARG C 629 -5.74 -15.63 11.66
CA ARG C 629 -6.50 -16.80 11.23
C ARG C 629 -7.98 -16.51 11.06
N TYR C 630 -8.54 -15.69 11.94
CA TYR C 630 -9.97 -15.42 11.91
C TYR C 630 -10.23 -13.93 11.85
N ASN C 631 -10.89 -13.52 10.76
CA ASN C 631 -11.12 -12.10 10.47
C ASN C 631 -12.60 -11.68 10.43
N SER C 632 -13.51 -12.61 10.74
CA SER C 632 -14.93 -12.24 10.85
C SER C 632 -15.20 -11.59 12.23
N CYS C 633 -14.39 -10.59 12.57
CA CYS C 633 -14.31 -10.11 13.94
C CYS C 633 -15.00 -8.76 14.13
N ILE C 634 -15.16 -8.04 13.04
CA ILE C 634 -15.76 -6.69 13.10
C ILE C 634 -17.26 -6.82 13.40
N ASN C 635 -17.79 -5.87 14.16
CA ASN C 635 -19.11 -6.07 14.69
C ASN C 635 -19.91 -4.80 14.87
N PHE C 636 -21.12 -4.95 15.39
CA PHE C 636 -22.01 -3.85 15.69
C PHE C 636 -22.26 -3.90 17.19
N GLU C 637 -22.14 -2.75 17.84
CA GLU C 637 -22.30 -2.65 19.28
C GLU C 637 -23.60 -1.95 19.63
N SER C 638 -24.43 -2.62 20.42
CA SER C 638 -25.65 -1.99 20.90
C SER C 638 -25.38 -1.34 22.23
N CYS C 639 -26.31 -0.49 22.67
CA CYS C 639 -26.23 0.05 24.01
C CYS C 639 -27.63 0.39 24.50
N GLY C 640 -27.91 0.07 25.76
CA GLY C 640 -29.19 0.38 26.35
C GLY C 640 -30.31 -0.52 25.90
N THR C 641 -29.98 -1.79 25.68
CA THR C 641 -30.95 -2.78 25.22
C THR C 641 -32.18 -2.85 26.11
N ILE C 642 -31.98 -2.86 27.42
CA ILE C 642 -33.10 -3.07 28.33
C ILE C 642 -33.95 -1.81 28.49
N THR C 643 -33.30 -0.67 28.67
CA THR C 643 -34.00 0.60 28.59
C THR C 643 -34.88 0.61 27.35
N PHE C 644 -34.34 0.08 26.24
CA PHE C 644 -35.06 0.08 24.96
C PHE C 644 -36.23 -0.87 24.98
N VAL C 645 -35.97 -2.11 25.36
CA VAL C 645 -37.01 -3.13 25.43
C VAL C 645 -38.11 -2.70 26.41
N ASN C 646 -37.70 -2.16 27.55
CA ASN C 646 -38.68 -1.74 28.56
C ASN C 646 -39.54 -0.58 28.04
N SER C 647 -38.92 0.28 27.24
CA SER C 647 -39.63 1.42 26.65
C SER C 647 -40.63 0.97 25.60
N LEU C 648 -40.24 -0.01 24.78
CA LEU C 648 -41.16 -0.61 23.83
C LEU C 648 -42.32 -1.24 24.57
N SER C 649 -42.02 -1.93 25.67
CA SER C 649 -43.04 -2.63 26.42
C SER C 649 -44.08 -1.64 26.95
N SER C 650 -43.60 -0.51 27.47
CA SER C 650 -44.47 0.52 28.02
C SER C 650 -45.34 1.14 26.95
N ILE C 651 -44.71 1.59 25.87
CA ILE C 651 -45.43 2.18 24.75
C ILE C 651 -46.48 1.22 24.20
N LYS C 652 -46.10 -0.04 24.04
CA LYS C 652 -47.02 -1.05 23.49
C LYS C 652 -48.23 -1.30 24.40
N LYS C 653 -47.98 -1.44 25.70
CA LYS C 653 -49.08 -1.68 26.64
C LYS C 653 -49.90 -0.42 26.89
N ASN C 654 -49.21 0.67 27.21
CA ASN C 654 -49.87 1.92 27.58
C ASN C 654 -50.53 2.66 26.42
N VAL C 655 -49.86 2.70 25.27
CA VAL C 655 -50.36 3.45 24.13
C VAL C 655 -51.19 2.58 23.18
N PHE C 656 -50.69 1.40 22.83
CA PHE C 656 -51.30 0.65 21.73
C PHE C 656 -52.20 -0.51 22.12
N ASP C 657 -51.90 -1.16 23.22
CA ASP C 657 -52.68 -2.32 23.62
C ASP C 657 -53.89 -1.89 24.42
N ASP C 658 -53.64 -1.19 25.51
CA ASP C 658 -54.69 -0.74 26.43
C ASP C 658 -55.36 0.54 25.92
N SER C 659 -54.66 1.25 25.04
CA SER C 659 -55.15 2.53 24.53
C SER C 659 -55.50 3.47 25.68
N LYS C 660 -54.73 3.41 26.76
CA LYS C 660 -54.94 4.28 27.91
C LYS C 660 -54.32 5.64 27.65
N PHE C 661 -53.31 5.69 26.80
CA PHE C 661 -52.69 6.95 26.41
C PHE C 661 -52.44 7.00 24.91
N THR C 662 -52.33 8.22 24.38
CA THR C 662 -52.00 8.42 22.98
C THR C 662 -50.49 8.48 22.81
N ILE C 663 -50.01 8.20 21.61
CA ILE C 663 -48.59 8.28 21.34
C ILE C 663 -48.12 9.71 21.62
N GLU C 664 -48.96 10.68 21.28
CA GLU C 664 -48.62 12.08 21.50
C GLU C 664 -48.46 12.38 23.00
N GLU C 665 -49.33 11.80 23.80
CA GLU C 665 -49.27 12.02 25.24
C GLU C 665 -48.00 11.40 25.78
N MET C 666 -47.74 10.16 25.37
CA MET C 666 -46.51 9.49 25.76
C MET C 666 -45.28 10.34 25.41
N THR C 667 -45.23 10.81 24.17
CA THR C 667 -44.11 11.61 23.70
C THR C 667 -43.96 12.90 24.50
N ASP C 668 -45.06 13.64 24.65
CA ASP C 668 -45.05 14.87 25.42
C ASP C 668 -44.61 14.59 26.85
N ALA C 669 -45.05 13.47 27.40
CA ALA C 669 -44.65 13.11 28.77
C ALA C 669 -43.15 12.86 28.81
N MET C 670 -42.62 12.27 27.76
CA MET C 670 -41.19 11.99 27.69
C MET C 670 -40.41 13.30 27.57
N LEU C 671 -40.84 14.16 26.65
CA LEU C 671 -40.15 15.42 26.42
C LEU C 671 -40.12 16.34 27.64
N ASN C 672 -41.14 16.20 28.50
CA ASN C 672 -41.21 17.01 29.73
C ASN C 672 -40.72 16.26 30.96
N ASN C 673 -40.09 15.11 30.73
CA ASN C 673 -39.44 14.39 31.82
C ASN C 673 -40.44 14.02 32.92
N PHE C 674 -41.68 13.75 32.52
CA PHE C 674 -42.72 13.34 33.44
C PHE C 674 -42.94 14.35 34.56
N GLY C 675 -42.46 15.57 34.32
CA GLY C 675 -42.67 16.65 35.27
C GLY C 675 -41.62 16.71 36.36
N PHE C 676 -40.54 15.95 36.21
CA PHE C 676 -39.46 16.00 37.19
C PHE C 676 -38.30 16.86 36.71
N LYS C 677 -37.44 17.27 37.63
CA LYS C 677 -36.21 17.96 37.29
C LYS C 677 -35.32 16.98 36.52
N THR C 678 -34.56 17.49 35.56
CA THR C 678 -33.68 16.64 34.78
C THR C 678 -32.31 16.52 35.44
N ALA C 679 -31.63 15.40 35.17
CA ALA C 679 -30.28 15.20 35.68
C ALA C 679 -29.34 16.30 35.20
N TYR C 680 -29.76 17.00 34.14
CA TYR C 680 -28.98 18.13 33.63
C TYR C 680 -28.92 19.19 34.72
N GLU C 681 -29.91 19.14 35.62
CA GLU C 681 -30.01 20.08 36.73
C GLU C 681 -29.67 19.41 38.06
N THR C 682 -30.15 18.19 38.27
CA THR C 682 -29.97 17.53 39.56
C THR C 682 -28.61 16.87 39.72
N GLU C 683 -27.99 16.50 38.60
CA GLU C 683 -26.72 15.77 38.64
C GLU C 683 -26.84 14.44 39.41
N VAL C 684 -28.05 13.89 39.49
CA VAL C 684 -28.21 12.50 39.90
C VAL C 684 -28.63 11.71 38.67
N PHE C 685 -27.84 10.70 38.33
CA PHE C 685 -27.99 10.03 37.05
C PHE C 685 -28.58 8.64 37.17
N SER C 686 -29.35 8.44 38.24
CA SER C 686 -30.09 7.21 38.45
C SER C 686 -31.52 7.57 38.86
N PRO C 687 -32.38 6.57 39.03
CA PRO C 687 -33.72 6.83 39.56
C PRO C 687 -33.71 7.16 41.06
N ASP C 688 -32.53 7.13 41.68
CA ASP C 688 -32.41 7.30 43.13
C ASP C 688 -33.03 8.60 43.64
N PHE C 689 -32.89 9.67 42.86
CA PHE C 689 -33.46 10.96 43.23
C PHE C 689 -34.40 11.47 42.15
N ARG C 690 -35.52 12.03 42.59
CA ARG C 690 -36.57 12.45 41.67
C ARG C 690 -37.25 13.70 42.23
N GLU C 691 -36.81 14.87 41.76
CA GLU C 691 -37.31 16.15 42.29
C GLU C 691 -38.50 16.66 41.48
N SER C 692 -39.67 16.69 42.11
CA SER C 692 -40.89 17.15 41.44
C SER C 692 -40.84 18.63 41.07
N THR C 693 -41.67 19.02 40.11
CA THR C 693 -41.88 20.42 39.78
C THR C 693 -43.37 20.68 39.68
N ASP C 694 -43.73 21.83 39.10
CA ASP C 694 -45.12 22.17 38.90
C ASP C 694 -45.84 21.16 38.00
N LYS C 695 -45.15 20.68 36.97
CA LYS C 695 -45.75 19.78 36.01
C LYS C 695 -45.85 18.32 36.50
N SER C 696 -45.37 18.09 37.72
CA SER C 696 -45.32 16.73 38.26
C SER C 696 -46.65 15.98 38.24
N THR C 697 -47.71 16.57 38.80
CA THR C 697 -48.98 15.84 38.90
C THR C 697 -49.68 15.68 37.54
N LYS C 698 -49.47 16.64 36.65
CA LYS C 698 -50.02 16.53 35.30
C LYS C 698 -49.63 15.19 34.67
N TYR C 699 -48.45 14.68 35.03
CA TYR C 699 -47.90 13.49 34.40
C TYR C 699 -47.89 12.26 35.31
N GLU C 700 -48.30 12.45 36.55
CA GLU C 700 -48.18 11.38 37.54
C GLU C 700 -48.83 10.08 37.07
N LYS C 701 -49.93 10.17 36.32
CA LYS C 701 -50.65 8.97 35.93
C LYS C 701 -49.92 8.18 34.82
N ILE C 702 -49.48 8.87 33.79
CA ILE C 702 -48.77 8.22 32.69
C ILE C 702 -47.41 7.71 33.16
N PHE C 703 -46.78 8.46 34.06
CA PHE C 703 -45.53 8.03 34.67
C PHE C 703 -45.73 6.70 35.39
N ALA C 704 -46.74 6.63 36.22
CA ALA C 704 -47.01 5.39 36.94
C ALA C 704 -47.26 4.23 35.96
N ALA C 705 -48.01 4.48 34.90
CA ALA C 705 -48.23 3.45 33.89
C ALA C 705 -46.91 3.07 33.22
N CYS C 706 -46.02 4.04 33.06
CA CYS C 706 -44.72 3.76 32.48
C CYS C 706 -43.86 2.91 33.40
N VAL C 707 -43.81 3.29 34.67
CA VAL C 707 -43.04 2.54 35.64
C VAL C 707 -43.60 1.14 35.80
N ASN C 708 -44.92 1.03 35.78
CA ASN C 708 -45.59 -0.22 36.11
C ASN C 708 -45.76 -1.19 34.94
N ALA C 709 -45.48 -0.73 33.72
CA ALA C 709 -45.57 -1.59 32.55
C ALA C 709 -44.61 -2.78 32.68
N PRO C 710 -44.92 -3.90 32.01
CA PRO C 710 -44.07 -5.08 32.18
C PRO C 710 -42.60 -4.76 31.88
N LYS C 711 -41.73 -5.21 32.77
CA LYS C 711 -40.31 -4.92 32.63
C LYS C 711 -39.56 -6.21 32.36
N TYR C 712 -38.54 -6.11 31.53
CA TYR C 712 -37.67 -7.24 31.26
C TYR C 712 -37.03 -7.65 32.57
N GLY C 713 -36.84 -8.95 32.76
CA GLY C 713 -36.06 -9.43 33.90
C GLY C 713 -36.92 -9.92 35.04
N ASN C 714 -38.18 -10.19 34.74
CA ASN C 714 -39.15 -10.59 35.74
C ASN C 714 -39.85 -11.86 35.31
N ALA C 715 -39.33 -12.47 34.24
CA ALA C 715 -39.96 -13.64 33.65
C ALA C 715 -41.40 -13.28 33.24
N ASP C 716 -41.59 -12.01 32.91
CA ASP C 716 -42.86 -11.51 32.38
C ASP C 716 -42.85 -11.69 30.87
N LYS C 717 -43.69 -12.59 30.36
CA LYS C 717 -43.69 -12.95 28.95
C LYS C 717 -44.01 -11.77 28.04
N TYR C 718 -44.67 -10.76 28.57
CA TYR C 718 -45.04 -9.61 27.76
C TYR C 718 -43.81 -8.80 27.39
N ALA C 719 -42.96 -8.53 28.38
CA ALA C 719 -41.71 -7.83 28.14
C ALA C 719 -40.73 -8.78 27.45
N ASP C 720 -40.67 -10.01 27.94
CA ASP C 720 -39.67 -10.94 27.44
C ASP C 720 -39.86 -11.30 25.96
N GLU C 721 -41.09 -11.26 25.48
CA GLU C 721 -41.36 -11.56 24.08
C GLU C 721 -40.80 -10.47 23.18
N ILE C 722 -40.91 -9.22 23.63
CA ILE C 722 -40.31 -8.10 22.92
C ILE C 722 -38.79 -8.22 22.88
N PHE C 723 -38.20 -8.51 24.03
CA PHE C 723 -36.77 -8.80 24.18
C PHE C 723 -36.36 -9.92 23.21
N LYS C 724 -37.11 -11.01 23.17
CA LYS C 724 -36.81 -12.09 22.25
C LYS C 724 -36.88 -11.62 20.79
N ALA C 725 -37.98 -10.97 20.43
CA ALA C 725 -38.14 -10.46 19.06
C ALA C 725 -36.96 -9.59 18.67
N TYR C 726 -36.56 -8.69 19.57
CA TYR C 726 -35.41 -7.83 19.33
C TYR C 726 -34.15 -8.62 18.98
N HIS C 727 -33.85 -9.64 19.76
CA HIS C 727 -32.68 -10.46 19.48
C HIS C 727 -32.68 -11.12 18.10
N TYR C 728 -33.83 -11.60 17.64
CA TYR C 728 -33.88 -12.16 16.30
C TYR C 728 -33.75 -11.08 15.24
N TYR C 729 -34.38 -9.94 15.49
CA TYR C 729 -34.21 -8.82 14.57
C TYR C 729 -32.74 -8.39 14.43
N ILE C 730 -32.08 -8.18 15.56
CA ILE C 730 -30.77 -7.56 15.54
C ILE C 730 -29.74 -8.51 14.94
N TYR C 731 -29.94 -9.82 15.15
CA TYR C 731 -29.08 -10.82 14.52
C TYR C 731 -29.19 -10.66 13.02
N ASP C 732 -30.42 -10.68 12.56
CA ASP C 732 -30.68 -10.58 11.12
C ASP C 732 -30.17 -9.26 10.54
N MET C 733 -30.40 -8.17 11.27
CA MET C 733 -29.98 -6.84 10.82
C MET C 733 -28.46 -6.76 10.64
N THR C 734 -27.72 -7.11 11.69
CA THR C 734 -26.28 -6.90 11.67
C THR C 734 -25.60 -7.70 10.55
N HIS C 735 -26.10 -8.91 10.31
CA HIS C 735 -25.45 -9.80 9.36
C HIS C 735 -25.65 -9.40 7.91
N LYS C 736 -26.45 -8.36 7.68
CA LYS C 736 -26.64 -7.86 6.33
C LYS C 736 -25.47 -6.99 5.94
N PHE C 737 -24.69 -6.56 6.93
CA PHE C 737 -23.63 -5.62 6.66
C PHE C 737 -22.28 -6.29 6.51
N ARG C 738 -21.38 -5.67 5.75
CA ARG C 738 -20.05 -6.20 5.57
C ARG C 738 -18.99 -5.27 6.13
N SER C 739 -18.04 -5.84 6.86
CA SER C 739 -16.87 -5.13 7.37
C SER C 739 -15.84 -4.94 6.26
N TYR C 740 -14.76 -4.22 6.57
CA TYR C 740 -13.68 -4.02 5.62
C TYR C 740 -12.96 -5.33 5.29
N TYR C 741 -13.09 -6.31 6.18
CA TYR C 741 -12.56 -7.65 5.93
C TYR C 741 -13.49 -8.49 5.07
N GLY C 742 -14.62 -7.91 4.67
CA GLY C 742 -15.52 -8.56 3.75
C GLY C 742 -16.35 -9.62 4.43
N LYS C 743 -16.55 -9.47 5.75
CA LYS C 743 -17.27 -10.44 6.55
C LYS C 743 -18.51 -9.82 7.14
N PRO C 744 -19.53 -10.65 7.40
CA PRO C 744 -20.75 -10.10 8.01
C PRO C 744 -20.49 -9.56 9.42
N LEU C 745 -21.16 -8.47 9.75
CA LEU C 745 -21.18 -8.01 11.14
C LEU C 745 -22.02 -8.96 11.99
N TYR C 746 -21.82 -8.89 13.30
CA TYR C 746 -22.62 -9.64 14.27
C TYR C 746 -22.82 -8.71 15.45
N LEU C 747 -23.61 -9.13 16.43
CA LEU C 747 -23.91 -8.26 17.56
C LEU C 747 -22.93 -8.45 18.71
N CYS C 748 -22.32 -7.35 19.13
CA CYS C 748 -21.66 -7.27 20.42
C CYS C 748 -22.60 -6.49 21.36
N GLN C 749 -22.91 -7.03 22.53
CA GLN C 749 -23.82 -6.33 23.42
C GLN C 749 -23.30 -6.23 24.85
N ILE C 750 -22.54 -5.18 25.10
CA ILE C 750 -22.09 -4.83 26.43
C ILE C 750 -22.42 -3.36 26.57
N SER C 751 -22.19 -2.83 27.77
CA SER C 751 -22.37 -1.41 27.99
C SER C 751 -21.03 -0.73 28.26
N VAL C 752 -20.08 -1.45 28.84
CA VAL C 752 -18.94 -0.79 29.47
C VAL C 752 -19.52 0.34 30.32
N SER C 753 -18.97 1.55 30.18
CA SER C 753 -19.47 2.72 30.90
C SER C 753 -20.41 3.52 30.01
N THR C 754 -20.69 2.99 28.83
CA THR C 754 -21.28 3.82 27.77
C THR C 754 -22.73 4.18 28.07
N HIS C 755 -23.33 3.47 29.01
CA HIS C 755 -24.70 3.79 29.38
C HIS C 755 -24.78 5.14 30.07
N GLY C 756 -23.62 5.61 30.55
CA GLY C 756 -23.49 6.94 31.11
C GLY C 756 -23.73 8.03 30.08
N PRO C 757 -22.74 8.26 29.19
CA PRO C 757 -22.77 9.27 28.12
C PRO C 757 -24.05 9.16 27.30
N GLN C 758 -24.42 7.94 26.92
CA GLN C 758 -25.57 7.80 26.05
C GLN C 758 -26.87 7.99 26.81
N GLY C 759 -26.92 7.50 28.04
CA GLY C 759 -28.03 7.85 28.91
C GLY C 759 -28.14 9.36 29.05
N PHE C 760 -26.99 10.03 29.18
CA PHE C 760 -27.03 11.48 29.32
C PHE C 760 -27.70 12.20 28.16
N VAL C 761 -27.48 11.74 26.93
CA VAL C 761 -27.99 12.46 25.77
C VAL C 761 -29.44 12.09 25.47
N THR C 762 -29.98 11.16 26.24
CA THR C 762 -31.34 10.71 26.01
C THR C 762 -32.30 11.29 27.02
N LEU C 763 -33.37 11.88 26.52
CA LEU C 763 -34.43 12.41 27.35
C LEU C 763 -35.11 11.25 28.08
N ALA C 764 -36.12 11.56 28.89
CA ALA C 764 -36.82 10.51 29.61
C ALA C 764 -37.37 9.49 28.62
N THR C 765 -37.36 8.23 29.02
CA THR C 765 -37.82 7.17 28.14
C THR C 765 -39.14 6.58 28.64
N ALA C 766 -39.87 5.93 27.75
CA ALA C 766 -41.21 5.44 28.05
C ALA C 766 -41.28 4.43 29.19
N ASP C 767 -40.12 3.93 29.62
CA ASP C 767 -40.10 2.97 30.73
C ASP C 767 -40.04 3.68 32.07
N GLY C 768 -40.06 5.00 32.06
CA GLY C 768 -40.07 5.77 33.29
C GLY C 768 -38.71 6.30 33.67
N ARG C 769 -37.68 5.81 33.00
CA ARG C 769 -36.33 6.32 33.21
C ARG C 769 -36.33 7.80 32.86
N LEU C 770 -35.73 8.62 33.72
CA LEU C 770 -35.78 10.07 33.50
C LEU C 770 -34.64 10.58 32.64
N ALA C 771 -34.78 11.83 32.19
CA ALA C 771 -33.86 12.43 31.23
C ALA C 771 -32.44 12.54 31.77
N GLY C 772 -31.48 12.24 30.90
CA GLY C 772 -30.08 12.45 31.23
C GLY C 772 -29.48 11.37 32.12
N THR C 773 -30.32 10.48 32.63
CA THR C 773 -29.86 9.42 33.52
C THR C 773 -29.37 8.22 32.73
N THR C 774 -28.67 7.31 33.39
CA THR C 774 -28.04 6.21 32.69
C THR C 774 -29.06 5.25 32.09
N TYR C 775 -28.68 4.70 30.94
CA TYR C 775 -29.33 3.52 30.41
C TYR C 775 -29.13 2.41 31.42
N SER C 776 -29.91 1.34 31.30
CA SER C 776 -29.64 0.12 32.02
C SER C 776 -28.19 -0.27 31.75
N ASP C 777 -27.57 -1.01 32.69
CA ASP C 777 -26.19 -1.48 32.53
C ASP C 777 -26.19 -2.81 31.78
N GLY C 778 -25.06 -3.15 31.16
CA GLY C 778 -24.93 -4.42 30.46
C GLY C 778 -25.93 -4.58 29.34
N SER C 779 -26.35 -5.81 29.09
CA SER C 779 -27.33 -6.05 28.02
C SER C 779 -28.43 -6.99 28.45
N VAL C 780 -28.20 -7.79 29.49
CA VAL C 780 -29.28 -8.62 30.03
C VAL C 780 -29.46 -8.43 31.54
N SER C 781 -28.84 -7.39 32.07
CA SER C 781 -29.11 -6.94 33.43
C SER C 781 -30.49 -6.33 33.46
N ALA C 782 -31.19 -6.48 34.57
CA ALA C 782 -32.45 -5.79 34.74
C ALA C 782 -32.17 -4.29 34.81
N ALA C 783 -33.08 -3.48 34.28
CA ALA C 783 -32.99 -2.05 34.47
C ALA C 783 -33.13 -1.75 35.96
N ALA C 784 -32.44 -0.71 36.43
CA ALA C 784 -32.39 -0.39 37.85
C ALA C 784 -33.76 -0.39 38.51
N GLY C 785 -33.88 -1.09 39.63
CA GLY C 785 -35.11 -1.09 40.40
C GLY C 785 -36.33 -1.69 39.73
N THR C 786 -36.14 -2.37 38.60
CA THR C 786 -37.27 -3.00 37.90
C THR C 786 -37.33 -4.51 38.12
N ASP C 787 -36.30 -5.07 38.74
CA ASP C 787 -36.31 -6.50 39.01
C ASP C 787 -36.93 -6.79 40.38
N LYS C 788 -38.19 -7.24 40.36
CA LYS C 788 -38.95 -7.37 41.59
C LYS C 788 -39.40 -8.80 41.78
N ASN C 789 -38.84 -9.69 40.97
CA ASN C 789 -39.20 -11.09 41.08
C ASN C 789 -38.02 -11.99 41.34
N GLY C 790 -36.92 -11.39 41.80
CA GLY C 790 -35.78 -12.18 42.23
C GLY C 790 -34.78 -12.42 41.12
N ILE C 791 -33.59 -12.86 41.49
CA ILE C 791 -32.51 -13.14 40.54
C ILE C 791 -32.88 -14.20 39.50
N TYR C 792 -33.48 -15.29 39.94
CA TYR C 792 -33.78 -16.35 38.99
C TYR C 792 -34.69 -15.88 37.86
N ALA C 793 -35.56 -14.92 38.15
CA ALA C 793 -36.42 -14.38 37.11
C ALA C 793 -35.60 -13.61 36.09
N ILE C 794 -34.56 -12.90 36.54
CA ILE C 794 -33.66 -12.26 35.61
C ILE C 794 -33.04 -13.34 34.71
N PHE C 795 -32.50 -14.40 35.33
CA PHE C 795 -31.95 -15.54 34.60
C PHE C 795 -32.92 -16.06 33.55
N GLU C 796 -34.19 -16.16 33.92
CA GLU C 796 -35.21 -16.69 33.01
C GLU C 796 -35.46 -15.76 31.83
N SER C 797 -35.59 -14.47 32.11
CA SER C 797 -35.81 -13.48 31.04
C SER C 797 -34.62 -13.45 30.09
N ALA C 798 -33.43 -13.41 30.66
CA ALA C 798 -32.19 -13.29 29.89
C ALA C 798 -32.04 -14.43 28.88
N THR C 799 -32.50 -15.61 29.24
CA THR C 799 -32.27 -16.78 28.41
C THR C 799 -33.48 -17.32 27.64
N VAL C 800 -34.38 -16.42 27.23
CA VAL C 800 -35.45 -16.79 26.29
C VAL C 800 -34.92 -16.89 24.86
N TYR C 801 -33.64 -16.57 24.66
CA TYR C 801 -33.00 -16.81 23.37
C TYR C 801 -31.61 -17.41 23.62
N ASP C 802 -31.07 -18.03 22.59
CA ASP C 802 -29.77 -18.71 22.66
C ASP C 802 -28.65 -17.69 22.60
N HIS C 803 -27.95 -17.52 23.71
CA HIS C 803 -26.94 -16.46 23.78
C HIS C 803 -25.85 -16.65 22.72
N SER C 804 -25.67 -17.88 22.23
CA SER C 804 -24.65 -18.13 21.19
C SER C 804 -24.96 -17.45 19.85
N MET C 805 -26.19 -16.95 19.68
CA MET C 805 -26.53 -16.16 18.49
C MET C 805 -25.67 -14.92 18.37
N HIS C 806 -25.21 -14.40 19.50
CA HIS C 806 -24.36 -13.21 19.49
C HIS C 806 -23.01 -13.45 20.15
N GLN C 807 -22.14 -12.45 20.08
CA GLN C 807 -20.82 -12.55 20.68
C GLN C 807 -20.91 -12.77 22.20
N ASN C 808 -21.94 -12.22 22.82
CA ASN C 808 -21.98 -12.17 24.28
C ASN C 808 -23.33 -11.70 24.78
N ALA C 809 -23.42 -11.59 26.10
CA ALA C 809 -24.58 -11.00 26.75
C ALA C 809 -24.12 -10.74 28.18
N GLN C 810 -24.33 -9.52 28.67
CA GLN C 810 -23.63 -9.06 29.86
C GLN C 810 -24.58 -8.85 31.04
N MET C 811 -24.41 -9.62 32.11
CA MET C 811 -25.25 -9.46 33.30
C MET C 811 -24.46 -8.98 34.51
N ASN C 812 -24.99 -7.97 35.20
CA ASN C 812 -24.44 -7.54 36.47
C ASN C 812 -25.40 -7.85 37.59
N LEU C 813 -24.88 -8.38 38.70
CA LEU C 813 -25.69 -8.61 39.91
C LEU C 813 -24.97 -8.04 41.11
N LYS C 814 -25.72 -7.46 42.04
CA LYS C 814 -25.12 -6.89 43.24
C LYS C 814 -25.65 -7.62 44.47
N LEU C 815 -24.73 -8.15 45.27
CA LEU C 815 -25.11 -8.87 46.48
C LEU C 815 -24.65 -8.12 47.71
N HIS C 816 -25.39 -8.26 48.80
CA HIS C 816 -24.93 -7.74 50.07
C HIS C 816 -23.94 -8.75 50.61
N PRO C 817 -22.84 -8.27 51.22
CA PRO C 817 -21.81 -9.18 51.74
C PRO C 817 -22.34 -10.26 52.68
N THR C 818 -23.50 -10.06 53.29
CA THR C 818 -24.02 -11.05 54.22
C THR C 818 -24.60 -12.25 53.49
N ALA C 819 -25.03 -12.04 52.25
CA ALA C 819 -25.66 -13.09 51.48
C ALA C 819 -24.68 -14.20 51.13
N VAL C 820 -23.38 -13.90 51.23
CA VAL C 820 -22.35 -14.88 50.86
C VAL C 820 -21.32 -15.11 51.95
N LYS C 821 -21.75 -15.01 53.21
CA LYS C 821 -20.85 -15.22 54.34
C LYS C 821 -20.39 -16.67 54.43
N GLY C 822 -19.08 -16.84 54.56
CA GLY C 822 -18.52 -18.16 54.85
C GLY C 822 -18.38 -19.08 53.66
N ILE C 823 -17.77 -20.24 53.89
CA ILE C 823 -17.63 -21.21 52.82
C ILE C 823 -18.98 -21.52 52.19
N ASN C 824 -20.02 -21.63 53.00
CA ASN C 824 -21.34 -21.90 52.44
C ASN C 824 -21.77 -20.72 51.59
N GLY C 825 -21.33 -19.53 51.98
CA GLY C 825 -21.55 -18.36 51.16
C GLY C 825 -20.90 -18.58 49.82
N THR C 826 -19.61 -18.91 49.85
CA THR C 826 -18.88 -19.21 48.63
C THR C 826 -19.67 -20.18 47.76
N ARG C 827 -20.07 -21.30 48.35
CA ARG C 827 -20.80 -22.30 47.57
C ARG C 827 -22.13 -21.79 47.04
N LYS C 828 -22.81 -20.97 47.82
CA LYS C 828 -24.10 -20.42 47.39
C LYS C 828 -23.90 -19.55 46.14
N LEU C 829 -22.84 -18.77 46.16
CA LEU C 829 -22.49 -17.91 45.05
C LEU C 829 -22.17 -18.75 43.83
N LEU C 830 -21.35 -19.77 44.00
CA LEU C 830 -20.99 -20.65 42.91
C LEU C 830 -22.25 -21.30 42.31
N ASP C 831 -23.16 -21.72 43.18
CA ASP C 831 -24.37 -22.39 42.73
C ASP C 831 -25.28 -21.42 41.96
N LEU C 832 -25.27 -20.16 42.36
CA LEU C 832 -25.97 -19.12 41.63
C LEU C 832 -25.43 -19.03 40.20
N VAL C 833 -24.10 -18.93 40.10
CA VAL C 833 -23.44 -18.88 38.79
C VAL C 833 -23.77 -20.09 37.93
N ARG C 834 -23.65 -21.29 38.50
CA ARG C 834 -23.94 -22.50 37.77
C ARG C 834 -25.39 -22.56 37.29
N ALA C 835 -26.32 -22.05 38.10
CA ALA C 835 -27.72 -22.08 37.69
C ALA C 835 -27.87 -21.34 36.36
N TYR C 836 -27.30 -20.14 36.32
CA TYR C 836 -27.38 -19.29 35.14
C TYR C 836 -26.58 -19.91 33.97
N MET C 837 -25.29 -20.18 34.22
CA MET C 837 -24.45 -20.81 33.22
C MET C 837 -25.17 -21.97 32.55
N ARG C 838 -25.80 -22.82 33.36
CA ARG C 838 -26.47 -24.02 32.87
C ARG C 838 -27.72 -23.73 32.03
N LYS C 839 -28.30 -22.56 32.18
CA LYS C 839 -29.40 -22.18 31.31
C LYS C 839 -28.88 -21.69 29.96
N GLY C 840 -27.58 -21.45 29.88
CA GLY C 840 -26.95 -20.92 28.69
C GLY C 840 -26.50 -19.47 28.86
N GLY C 841 -26.75 -18.90 30.03
CA GLY C 841 -26.39 -17.52 30.28
C GLY C 841 -24.93 -17.34 29.93
N PHE C 842 -24.61 -16.29 29.18
CA PHE C 842 -23.25 -16.12 28.70
C PHE C 842 -22.32 -15.65 29.80
N HIS C 843 -22.85 -14.82 30.69
CA HIS C 843 -22.00 -14.10 31.61
C HIS C 843 -22.73 -13.53 32.83
N VAL C 844 -22.08 -13.63 33.97
CA VAL C 844 -22.57 -12.93 35.13
C VAL C 844 -21.37 -12.49 35.96
N GLN C 845 -21.40 -11.26 36.43
CA GLN C 845 -20.40 -10.80 37.38
C GLN C 845 -21.08 -10.11 38.54
N PHE C 846 -20.42 -10.15 39.69
CA PHE C 846 -21.04 -9.70 40.92
C PHE C 846 -20.32 -8.53 41.55
N ASN C 847 -21.12 -7.57 42.04
CA ASN C 847 -20.66 -6.71 43.10
C ASN C 847 -21.08 -7.39 44.40
N VAL C 848 -20.16 -7.43 45.36
CA VAL C 848 -20.51 -7.89 46.69
C VAL C 848 -20.15 -6.74 47.60
N VAL C 849 -21.15 -5.92 47.89
CA VAL C 849 -20.88 -4.67 48.54
C VAL C 849 -22.14 -4.17 49.22
N ASP C 850 -21.95 -3.51 50.34
CA ASP C 850 -23.04 -2.79 50.95
C ASP C 850 -23.12 -1.44 50.24
N SER C 851 -24.21 -1.19 49.52
CA SER C 851 -24.32 0.01 48.69
C SER C 851 -24.22 1.29 49.50
N LYS C 852 -24.35 1.16 50.81
CA LYS C 852 -24.20 2.30 51.69
C LYS C 852 -22.73 2.69 51.81
N THR C 853 -21.85 1.70 51.66
CA THR C 853 -20.42 1.98 51.60
C THR C 853 -20.12 2.83 50.36
N LEU C 854 -20.83 2.54 49.28
CA LEU C 854 -20.66 3.27 48.01
C LEU C 854 -21.16 4.70 48.15
N ARG C 855 -22.37 4.86 48.66
CA ARG C 855 -22.92 6.18 48.91
C ARG C 855 -21.94 6.97 49.78
N ASP C 856 -21.44 6.34 50.85
CA ASP C 856 -20.43 6.96 51.70
C ASP C 856 -19.21 7.40 50.92
N ALA C 857 -18.62 6.47 50.18
CA ALA C 857 -17.39 6.74 49.44
C ALA C 857 -17.58 7.87 48.44
N GLN C 858 -18.78 7.97 47.87
CA GLN C 858 -19.11 9.06 46.97
C GLN C 858 -19.04 10.39 47.71
N LEU C 859 -19.51 10.40 48.95
CA LEU C 859 -19.43 11.59 49.81
C LEU C 859 -17.98 11.94 50.18
N THR C 860 -17.21 10.95 50.61
CA THR C 860 -15.83 11.20 51.02
C THR C 860 -14.86 10.20 50.38
N PRO C 861 -14.49 10.45 49.12
CA PRO C 861 -13.57 9.59 48.36
C PRO C 861 -12.19 9.44 49.02
N GLU C 862 -11.69 10.51 49.62
CA GLU C 862 -10.37 10.49 50.26
C GLU C 862 -10.25 9.37 51.29
N LYS C 863 -11.40 8.92 51.79
CA LYS C 863 -11.45 7.86 52.80
C LYS C 863 -11.41 6.45 52.20
N TYR C 864 -11.72 6.33 50.92
CA TYR C 864 -11.84 5.02 50.29
C TYR C 864 -10.98 4.89 49.03
N ARG C 865 -9.72 5.34 49.13
CA ARG C 865 -8.83 5.35 47.97
C ARG C 865 -8.72 3.98 47.31
N GLU C 866 -8.78 2.91 48.10
CA GLU C 866 -8.55 1.56 47.60
C GLU C 866 -9.83 0.84 47.20
N LEU C 867 -10.98 1.44 47.53
CA LEU C 867 -12.27 0.84 47.24
C LEU C 867 -12.42 0.58 45.75
N MET C 868 -12.77 -0.65 45.39
CA MET C 868 -13.03 -1.00 43.99
C MET C 868 -14.46 -1.46 43.82
N VAL C 869 -15.07 -1.16 42.69
CA VAL C 869 -16.34 -1.80 42.38
C VAL C 869 -16.31 -2.37 40.97
N ARG C 870 -17.24 -3.28 40.70
CA ARG C 870 -17.45 -3.80 39.37
C ARG C 870 -18.43 -2.90 38.64
N VAL C 871 -18.10 -2.52 37.41
CA VAL C 871 -19.04 -1.74 36.63
C VAL C 871 -19.67 -2.63 35.57
N ALA C 872 -18.97 -2.80 34.46
CA ALA C 872 -19.45 -3.66 33.39
C ALA C 872 -18.24 -4.22 32.67
N GLY C 873 -17.87 -5.46 33.01
CA GLY C 873 -16.72 -6.12 32.42
C GLY C 873 -15.39 -5.62 32.97
N PHE C 874 -15.45 -4.73 33.96
CA PHE C 874 -14.24 -4.24 34.59
C PHE C 874 -14.46 -3.82 36.03
N THR C 875 -13.35 -3.82 36.77
CA THR C 875 -13.31 -3.30 38.11
C THR C 875 -12.54 -1.99 38.05
N GLN C 876 -13.01 -0.98 38.78
CA GLN C 876 -12.30 0.28 38.83
C GLN C 876 -12.33 0.84 40.26
N TYR C 877 -11.34 1.65 40.60
CA TYR C 877 -11.34 2.33 41.87
C TYR C 877 -12.49 3.35 41.89
N TRP C 878 -13.37 3.21 42.88
CA TRP C 878 -14.51 4.12 43.02
C TRP C 878 -14.13 5.56 42.77
N CYS C 879 -13.01 6.02 43.33
CA CYS C 879 -12.60 7.42 43.20
C CYS C 879 -12.26 7.83 41.78
N GLU C 880 -12.06 6.86 40.89
CA GLU C 880 -11.73 7.19 39.50
C GLU C 880 -12.95 7.02 38.60
N ILE C 881 -14.08 6.67 39.20
CA ILE C 881 -15.30 6.51 38.44
C ILE C 881 -16.15 7.77 38.50
N GLY C 882 -16.49 8.33 37.34
CA GLY C 882 -17.32 9.52 37.29
C GLY C 882 -18.68 9.35 37.99
N LYS C 883 -19.28 10.46 38.40
CA LYS C 883 -20.52 10.37 39.19
C LYS C 883 -21.66 9.61 38.51
N PRO C 884 -21.85 9.80 37.20
CA PRO C 884 -22.99 9.12 36.56
C PRO C 884 -22.91 7.61 36.74
N ILE C 885 -21.73 7.04 36.52
CA ILE C 885 -21.59 5.60 36.70
C ILE C 885 -21.66 5.22 38.17
N GLN C 886 -21.06 6.01 39.05
CA GLN C 886 -21.23 5.77 40.48
C GLN C 886 -22.72 5.69 40.84
N ASP C 887 -23.49 6.69 40.44
CA ASP C 887 -24.91 6.74 40.79
C ASP C 887 -25.58 5.47 40.31
N GLU C 888 -25.26 5.12 39.08
CA GLU C 888 -25.76 3.92 38.44
C GLU C 888 -25.43 2.70 39.27
N VAL C 889 -24.16 2.54 39.62
CA VAL C 889 -23.74 1.38 40.38
C VAL C 889 -24.42 1.35 41.75
N ILE C 890 -24.49 2.51 42.40
CA ILE C 890 -25.10 2.60 43.71
C ILE C 890 -26.54 2.08 43.65
N TYR C 891 -27.24 2.42 42.58
CA TYR C 891 -28.67 2.10 42.51
C TYR C 891 -29.01 0.67 42.10
N ARG C 892 -28.04 -0.09 41.58
CA ARG C 892 -28.34 -1.46 41.15
C ARG C 892 -28.98 -2.25 42.28
N THR C 893 -30.02 -3.01 41.94
CA THR C 893 -30.75 -3.78 42.95
C THR C 893 -29.78 -4.59 43.78
N GLU C 894 -29.91 -4.50 45.10
CA GLU C 894 -29.02 -5.24 45.99
C GLU C 894 -29.74 -6.45 46.54
N TYR C 895 -29.12 -7.61 46.40
CA TYR C 895 -29.76 -8.85 46.84
C TYR C 895 -29.15 -9.34 48.14
N ASP C 896 -29.98 -9.45 49.18
CA ASP C 896 -29.53 -9.82 50.52
C ASP C 896 -29.59 -11.33 50.74
N LYS C 897 -30.22 -12.02 49.79
CA LYS C 897 -30.20 -13.48 49.71
C LYS C 897 -31.11 -13.96 48.56
N MET D 1 20.85 19.88 38.52
CA MET D 1 20.31 20.89 39.44
C MET D 1 19.02 20.48 40.16
N ARG D 2 18.18 19.70 39.48
CA ARG D 2 16.99 19.12 40.10
C ARG D 2 17.13 17.61 40.16
N HIS D 3 16.34 16.98 41.03
CA HIS D 3 16.26 15.51 41.04
C HIS D 3 15.92 15.04 39.64
N TYR D 4 14.92 15.70 39.05
CA TYR D 4 14.36 15.35 37.75
C TYR D 4 15.43 15.25 36.67
N ASP D 5 16.55 15.94 36.88
CA ASP D 5 17.64 15.96 35.90
C ASP D 5 18.72 14.96 36.27
N CYS D 6 18.47 14.18 37.31
CA CYS D 6 19.48 13.26 37.82
C CYS D 6 19.32 11.84 37.27
N LYS D 7 20.45 11.18 37.05
CA LYS D 7 20.45 9.81 36.57
C LYS D 7 19.82 8.87 37.59
N ASN D 8 19.96 9.23 38.88
CA ASN D 8 19.41 8.41 39.95
C ASN D 8 17.92 8.65 40.18
N TYR D 9 17.33 9.51 39.35
CA TYR D 9 15.91 9.78 39.42
C TYR D 9 15.10 8.65 38.80
N ILE D 10 14.11 8.18 39.55
CA ILE D 10 13.20 7.16 39.07
C ILE D 10 11.91 7.87 38.70
N ASN D 11 11.58 7.90 37.42
CA ASN D 11 10.35 8.54 36.99
C ASN D 11 9.14 7.87 37.62
N LEU D 12 8.13 8.69 37.95
CA LEU D 12 6.89 8.13 38.44
C LEU D 12 5.71 8.71 37.66
N ASP D 13 5.61 10.03 37.65
CA ASP D 13 4.50 10.67 36.97
C ASP D 13 4.80 12.12 36.65
N CYS D 14 3.76 12.87 36.28
CA CYS D 14 3.92 14.22 35.77
C CYS D 14 4.38 15.23 36.83
N GLU D 15 4.37 14.83 38.10
CA GLU D 15 4.69 15.77 39.16
C GLU D 15 5.84 15.32 40.06
N LYS D 16 6.03 14.01 40.19
CA LYS D 16 7.02 13.51 41.14
C LYS D 16 7.74 12.25 40.68
N GLY D 17 8.78 11.88 41.42
CA GLY D 17 9.56 10.69 41.13
C GLY D 17 10.11 10.10 42.41
N LEU D 18 11.05 9.17 42.28
CA LEU D 18 11.73 8.59 43.43
C LEU D 18 13.20 8.85 43.29
N CYS D 19 13.90 8.98 44.42
CA CYS D 19 15.34 8.99 44.36
C CYS D 19 15.77 7.55 44.49
N ALA D 20 16.62 7.08 43.58
CA ALA D 20 17.05 5.69 43.61
C ALA D 20 17.82 5.36 44.90
N LEU D 21 18.62 6.32 45.35
CA LEU D 21 19.49 6.11 46.50
C LEU D 21 18.72 6.05 47.81
N THR D 22 17.66 6.85 47.92
CA THR D 22 16.90 6.91 49.16
C THR D 22 15.58 6.15 49.07
N LYS D 23 15.11 5.93 47.85
CA LYS D 23 13.81 5.31 47.61
C LYS D 23 12.70 6.24 48.10
N GLY D 24 13.06 7.49 48.38
CA GLY D 24 12.10 8.47 48.84
C GLY D 24 11.47 9.22 47.69
N MET D 25 10.26 9.72 47.89
CA MET D 25 9.55 10.44 46.86
C MET D 25 10.06 11.87 46.78
N VAL D 26 10.29 12.35 45.57
CA VAL D 26 10.82 13.69 45.37
C VAL D 26 10.04 14.45 44.30
N PRO D 27 9.91 15.76 44.47
CA PRO D 27 9.12 16.58 43.54
C PRO D 27 9.93 16.96 42.33
N ILE D 28 9.25 17.22 41.21
CA ILE D 28 9.90 17.72 40.01
C ILE D 28 10.06 19.23 40.09
N ASP D 29 9.03 19.88 40.62
CA ASP D 29 9.04 21.34 40.78
C ASP D 29 8.95 21.72 42.25
N GLY D 30 9.19 23.00 42.54
CA GLY D 30 8.93 23.56 43.85
C GLY D 30 9.89 23.13 44.95
N GLU D 31 9.45 23.30 46.18
CA GLU D 31 10.28 23.00 47.34
C GLU D 31 10.69 21.53 47.39
N GLY D 32 12.00 21.29 47.45
CA GLY D 32 12.52 19.95 47.55
C GLY D 32 12.85 19.31 46.22
N SER D 33 12.87 20.13 45.17
CA SER D 33 13.15 19.62 43.84
C SER D 33 14.62 19.80 43.47
N GLU D 34 15.34 20.53 44.33
CA GLU D 34 16.75 20.83 44.08
C GLU D 34 17.59 19.56 44.25
N ALA D 35 18.58 19.41 43.38
CA ALA D 35 19.45 18.24 43.41
C ALA D 35 20.32 18.26 44.65
N CYS D 36 20.82 17.09 45.02
CA CYS D 36 21.72 16.99 46.16
C CYS D 36 23.15 16.88 45.66
N PRO D 37 24.12 16.80 46.59
CA PRO D 37 25.54 16.61 46.21
C PRO D 37 25.79 15.34 45.40
N ASN D 38 24.97 14.31 45.60
CA ASN D 38 25.13 13.04 44.90
C ASN D 38 24.67 13.08 43.45
N PHE D 39 24.10 14.21 43.06
CA PHE D 39 23.54 14.38 41.72
C PHE D 39 24.49 13.98 40.60
N LYS D 40 23.99 13.13 39.72
CA LYS D 40 24.66 12.79 38.47
C LYS D 40 23.68 13.03 37.34
N PRO D 41 24.12 13.72 36.29
CA PRO D 41 23.21 14.15 35.20
C PRO D 41 22.64 12.98 34.43
N ALA D 42 21.33 13.01 34.19
CA ALA D 42 20.69 12.04 33.33
C ALA D 42 20.94 12.42 31.88
N GLU D 43 21.09 11.41 31.01
CA GLU D 43 21.32 11.66 29.61
C GLU D 43 20.03 12.15 28.95
N LYS D 44 20.07 13.34 28.38
CA LYS D 44 18.94 13.89 27.66
C LYS D 44 19.48 14.60 26.43
N CYS D 45 18.62 14.88 25.45
CA CYS D 45 19.09 15.56 24.25
C CYS D 45 19.75 16.88 24.62
N GLY D 46 19.15 17.58 25.57
CA GLY D 46 19.67 18.85 26.05
C GLY D 46 21.14 18.84 26.44
N ASN D 47 21.64 17.68 26.86
CA ASN D 47 23.07 17.58 27.18
C ASN D 47 23.85 16.63 26.27
N CYS D 48 23.37 16.51 25.03
CA CYS D 48 24.05 15.69 24.04
C CYS D 48 24.84 16.58 23.07
N LYS D 49 26.04 16.13 22.71
CA LYS D 49 26.87 16.88 21.76
C LYS D 49 26.15 17.05 20.43
N ASN D 50 25.25 16.11 20.13
CA ASN D 50 24.55 16.14 18.86
C ASN D 50 23.40 17.13 18.86
N PHE D 51 23.02 17.60 20.04
CA PHE D 51 21.93 18.56 20.18
C PHE D 51 22.42 20.01 20.09
N CYS D 52 21.66 20.87 19.42
CA CYS D 52 22.07 22.27 19.30
C CYS D 52 20.94 23.24 18.96
N ASN D 53 21.16 24.51 19.26
CA ASN D 53 20.26 25.59 18.90
C ASN D 53 18.81 25.41 19.35
N PRO D 54 18.62 25.06 20.63
CA PRO D 54 17.24 24.97 21.14
C PRO D 54 16.58 26.36 21.17
N ASP D 55 15.33 26.44 20.74
CA ASP D 55 14.55 27.65 20.92
C ASP D 55 14.14 27.80 22.38
N LYS D 56 13.28 28.77 22.65
CA LYS D 56 12.84 29.07 24.01
C LYS D 56 12.11 27.89 24.64
N TYR D 57 11.60 26.99 23.81
CA TYR D 57 10.82 25.86 24.31
C TYR D 57 11.63 24.57 24.41
N GLY D 58 12.93 24.64 24.17
CA GLY D 58 13.77 23.46 24.24
C GLY D 58 13.79 22.62 22.97
N LEU D 59 13.11 23.11 21.93
CA LEU D 59 13.10 22.46 20.65
C LEU D 59 14.37 22.83 19.89
N GLY D 60 15.27 21.86 19.74
CA GLY D 60 16.52 22.10 19.04
C GLY D 60 16.72 21.21 17.83
N THR D 61 17.96 21.13 17.38
CA THR D 61 18.31 20.32 16.23
C THR D 61 19.18 19.13 16.64
N CYS D 62 18.83 17.96 16.15
CA CYS D 62 19.67 16.79 16.35
C CYS D 62 20.52 16.56 15.11
N THR D 63 21.83 16.51 15.29
CA THR D 63 22.75 16.28 14.20
C THR D 63 23.36 14.89 14.35
N GLY D 64 22.75 14.09 15.23
CA GLY D 64 23.17 12.72 15.42
C GLY D 64 23.17 11.92 14.13
N LEU D 65 22.43 12.40 13.13
CA LEU D 65 22.34 11.73 11.83
C LEU D 65 22.74 12.67 10.68
N GLU D 66 23.04 12.08 9.52
CA GLU D 66 23.50 12.86 8.37
C GLU D 66 22.48 13.94 8.03
N LYS D 67 21.22 13.55 7.89
CA LYS D 67 20.16 14.53 7.80
C LYS D 67 19.80 14.98 9.20
N GLU D 68 19.75 16.29 9.40
CA GLU D 68 19.43 16.84 10.69
C GLU D 68 17.94 16.70 10.95
N ASN D 69 17.56 16.63 12.21
CA ASN D 69 16.16 16.55 12.57
C ASN D 69 15.91 17.35 13.82
N TRP D 70 14.66 17.53 14.19
CA TRP D 70 14.39 18.25 15.43
C TRP D 70 14.37 17.29 16.62
N ALA D 71 14.68 17.86 17.78
CA ALA D 71 14.70 17.12 19.03
C ALA D 71 14.24 18.07 20.13
N TYR D 72 13.98 17.52 21.31
CA TYR D 72 13.60 18.35 22.46
C TYR D 72 14.49 18.04 23.65
N ALA D 73 14.99 19.11 24.27
CA ALA D 73 16.04 19.03 25.28
C ALA D 73 15.75 18.09 26.46
N THR D 74 14.49 18.02 26.87
CA THR D 74 14.13 17.21 28.01
C THR D 74 13.87 15.75 27.63
N CYS D 75 14.10 15.42 26.37
CA CYS D 75 13.89 14.07 25.89
C CYS D 75 14.95 13.14 26.46
N GLY D 76 14.51 12.04 27.07
CA GLY D 76 15.43 11.06 27.62
C GLY D 76 16.34 10.53 26.52
N ALA D 77 17.62 10.38 26.85
CA ALA D 77 18.58 10.00 25.84
C ALA D 77 19.41 8.80 26.27
N SER D 78 19.04 8.19 27.38
CA SER D 78 19.78 7.04 27.88
C SER D 78 19.67 5.86 26.91
N ALA D 79 18.72 5.95 26.00
CA ALA D 79 18.47 4.85 25.08
C ALA D 79 18.68 5.27 23.63
N CYS D 80 19.20 6.47 23.42
CA CYS D 80 19.46 6.88 22.05
C CYS D 80 20.84 6.40 21.62
N PRO D 81 20.89 5.61 20.54
CA PRO D 81 22.15 4.99 20.08
C PRO D 81 23.23 6.03 19.79
N SER D 82 22.82 7.25 19.46
CA SER D 82 23.75 8.28 19.01
C SER D 82 24.15 9.30 20.08
N TYR D 83 23.56 9.20 21.26
CA TYR D 83 23.85 10.16 22.33
C TYR D 83 25.31 10.16 22.76
N LYS D 84 25.83 11.35 23.04
CA LYS D 84 27.19 11.53 23.53
C LYS D 84 27.20 12.78 24.42
N ALA D 85 27.55 12.62 25.70
CA ALA D 85 27.49 13.73 26.64
C ALA D 85 28.42 14.88 26.26
N GLU D 86 27.89 16.10 26.34
CA GLU D 86 28.62 17.31 25.95
C GLU D 86 29.85 17.54 26.82
#